data_2WOR
# 
_entry.id   2WOR 
# 
_audit_conform.dict_name       mmcif_pdbx.dic 
_audit_conform.dict_version    5.397 
_audit_conform.dict_location   http://mmcif.pdb.org/dictionaries/ascii/mmcif_pdbx.dic 
# 
loop_
_database_2.database_id 
_database_2.database_code 
_database_2.pdbx_database_accession 
_database_2.pdbx_DOI 
PDB   2WOR         pdb_00002wor 10.2210/pdb2wor/pdb 
PDBE  EBI-40540    ?            ?                   
WWPDB D_1290040540 ?            ?                   
# 
loop_
_pdbx_audit_revision_history.ordinal 
_pdbx_audit_revision_history.data_content_type 
_pdbx_audit_revision_history.major_revision 
_pdbx_audit_revision_history.minor_revision 
_pdbx_audit_revision_history.revision_date 
1 'Structure model' 1 0 2009-10-20 
2 'Structure model' 1 1 2011-05-08 
3 'Structure model' 1 2 2011-07-13 
4 'Structure model' 1 3 2023-12-20 
5 'Structure model' 1 4 2024-10-23 
# 
_pdbx_audit_revision_details.ordinal             1 
_pdbx_audit_revision_details.revision_ordinal    1 
_pdbx_audit_revision_details.data_content_type   'Structure model' 
_pdbx_audit_revision_details.provider            repository 
_pdbx_audit_revision_details.type                'Initial release' 
_pdbx_audit_revision_details.description         ? 
_pdbx_audit_revision_details.details             ? 
# 
loop_
_pdbx_audit_revision_group.ordinal 
_pdbx_audit_revision_group.revision_ordinal 
_pdbx_audit_revision_group.data_content_type 
_pdbx_audit_revision_group.group 
1 2 'Structure model' 'Version format compliance' 
2 3 'Structure model' 'Version format compliance' 
3 4 'Structure model' 'Data collection'           
4 4 'Structure model' 'Database references'       
5 4 'Structure model' 'Derived calculations'      
6 4 'Structure model' Other                       
7 4 'Structure model' 'Refinement description'    
8 5 'Structure model' 'Structure summary'         
# 
loop_
_pdbx_audit_revision_category.ordinal 
_pdbx_audit_revision_category.revision_ordinal 
_pdbx_audit_revision_category.data_content_type 
_pdbx_audit_revision_category.category 
1  4 'Structure model' chem_comp_atom                
2  4 'Structure model' chem_comp_bond                
3  4 'Structure model' database_2                    
4  4 'Structure model' pdbx_database_status          
5  4 'Structure model' pdbx_initial_refinement_model 
6  4 'Structure model' pdbx_struct_conn_angle        
7  4 'Structure model' struct_conn                   
8  4 'Structure model' struct_site                   
9  5 'Structure model' pdbx_entry_details            
10 5 'Structure model' pdbx_modification_feature     
# 
loop_
_pdbx_audit_revision_item.ordinal 
_pdbx_audit_revision_item.revision_ordinal 
_pdbx_audit_revision_item.data_content_type 
_pdbx_audit_revision_item.item 
1  4 'Structure model' '_database_2.pdbx_DOI'                        
2  4 'Structure model' '_database_2.pdbx_database_accession'         
3  4 'Structure model' '_pdbx_database_status.status_code_sf'        
4  4 'Structure model' '_pdbx_struct_conn_angle.ptnr1_auth_comp_id'  
5  4 'Structure model' '_pdbx_struct_conn_angle.ptnr1_auth_seq_id'   
6  4 'Structure model' '_pdbx_struct_conn_angle.ptnr1_label_asym_id' 
7  4 'Structure model' '_pdbx_struct_conn_angle.ptnr1_label_atom_id' 
8  4 'Structure model' '_pdbx_struct_conn_angle.ptnr1_label_comp_id' 
9  4 'Structure model' '_pdbx_struct_conn_angle.ptnr1_label_seq_id'  
10 4 'Structure model' '_pdbx_struct_conn_angle.ptnr1_symmetry'      
11 4 'Structure model' '_pdbx_struct_conn_angle.ptnr2_auth_comp_id'  
12 4 'Structure model' '_pdbx_struct_conn_angle.ptnr2_auth_seq_id'   
13 4 'Structure model' '_pdbx_struct_conn_angle.ptnr2_label_asym_id' 
14 4 'Structure model' '_pdbx_struct_conn_angle.ptnr2_label_atom_id' 
15 4 'Structure model' '_pdbx_struct_conn_angle.ptnr2_label_comp_id' 
16 4 'Structure model' '_pdbx_struct_conn_angle.ptnr3_auth_comp_id'  
17 4 'Structure model' '_pdbx_struct_conn_angle.ptnr3_auth_seq_id'   
18 4 'Structure model' '_pdbx_struct_conn_angle.ptnr3_label_asym_id' 
19 4 'Structure model' '_pdbx_struct_conn_angle.ptnr3_label_atom_id' 
20 4 'Structure model' '_pdbx_struct_conn_angle.ptnr3_label_comp_id' 
21 4 'Structure model' '_pdbx_struct_conn_angle.ptnr3_label_seq_id'  
22 4 'Structure model' '_pdbx_struct_conn_angle.ptnr3_symmetry'      
23 4 'Structure model' '_pdbx_struct_conn_angle.value'               
24 4 'Structure model' '_struct_conn.pdbx_dist_value'                
25 4 'Structure model' '_struct_conn.ptnr1_auth_comp_id'             
26 4 'Structure model' '_struct_conn.ptnr1_auth_seq_id'              
27 4 'Structure model' '_struct_conn.ptnr1_label_asym_id'            
28 4 'Structure model' '_struct_conn.ptnr1_label_atom_id'            
29 4 'Structure model' '_struct_conn.ptnr1_label_comp_id'            
30 4 'Structure model' '_struct_conn.ptnr1_label_seq_id'             
31 4 'Structure model' '_struct_conn.ptnr1_symmetry'                 
32 4 'Structure model' '_struct_conn.ptnr2_auth_comp_id'             
33 4 'Structure model' '_struct_conn.ptnr2_auth_seq_id'              
34 4 'Structure model' '_struct_conn.ptnr2_label_asym_id'            
35 4 'Structure model' '_struct_conn.ptnr2_label_atom_id'            
36 4 'Structure model' '_struct_conn.ptnr2_label_comp_id'            
37 4 'Structure model' '_struct_conn.ptnr2_label_seq_id'             
38 4 'Structure model' '_struct_conn.ptnr2_symmetry'                 
39 4 'Structure model' '_struct_site.pdbx_auth_asym_id'              
40 4 'Structure model' '_struct_site.pdbx_auth_comp_id'              
41 4 'Structure model' '_struct_site.pdbx_auth_seq_id'               
# 
_pdbx_database_status.status_code                     REL 
_pdbx_database_status.entry_id                        2WOR 
_pdbx_database_status.deposit_site                    PDBE 
_pdbx_database_status.process_site                    PDBE 
_pdbx_database_status.SG_entry                        . 
_pdbx_database_status.recvd_initial_deposition_date   2009-07-27 
_pdbx_database_status.pdb_format_compatible           Y 
_pdbx_database_status.status_code_sf                  REL 
_pdbx_database_status.status_code_mr                  ? 
_pdbx_database_status.status_code_cs                  ? 
_pdbx_database_status.methods_development_category    ? 
_pdbx_database_status.status_code_nmr_data            ? 
# 
loop_
_pdbx_database_related.db_name 
_pdbx_database_related.db_id 
_pdbx_database_related.content_type 
_pdbx_database_related.details 
PDB 2WND unspecified 'STRUCTURE OF AN S100A7 TRIPLE MUTANT'                                
PDB 1PSR unspecified 'HUMAN PSORIASIN (S100A7)'                                            
PDB 3PSR unspecified 'HUMAN PSORIASIN (S100A7) CA2+ BOUND FORM (CRYSTAL FORM I)'           
PDB 2PSR unspecified 'HUMAN PSORIASIN (S100A7) CA2+ AND ZN2+ BOUND FORM (CRYSTAL FORM II)' 
PDB 2WOS unspecified 'STRUCTURE OF HUMAN S100A7 IN COMPLEX WITH 2,6 ANS'                   
# 
loop_
_audit_author.name 
_audit_author.pdbx_ordinal 
'Leon, R.'        1 
'Hof, F.'         2 
'Boulanger, M.J.' 3 
# 
_citation.id                        primary 
_citation.title                     
'Identification and Characterization of Binding Sites on S100A7, a Participant in Cancer and Inflammation Pathways.' 
_citation.journal_abbrev            Biochemistry 
_citation.journal_volume            48 
_citation.page_first                10591 
_citation.page_last                 ? 
_citation.year                      2009 
_citation.journal_id_ASTM           BICHAW 
_citation.country                   US 
_citation.journal_id_ISSN           0006-2960 
_citation.journal_id_CSD            0033 
_citation.book_publisher            ? 
_citation.pdbx_database_id_PubMed   19810752 
_citation.pdbx_database_id_DOI      10.1021/BI901330G 
# 
loop_
_citation_author.citation_id 
_citation_author.name 
_citation_author.ordinal 
_citation_author.identifier_ORCID 
primary 'Leon, R.'        1  ? 
primary 'Murray, J.I.'    2  ? 
primary 'Cragg, G.'       3  ? 
primary 'Farnell, B.'     4  ? 
primary 'West, N.R.'      5  ? 
primary 'Pace, T.C.'      6  ? 
primary 'Watson, P.H.'    7  ? 
primary 'Bohne, C.'       8  ? 
primary 'Boulanger, M.J.' 9  ? 
primary 'Hof, F.'         10 ? 
# 
loop_
_entity.id 
_entity.type 
_entity.src_method 
_entity.pdbx_description 
_entity.formula_weight 
_entity.pdbx_number_of_molecules 
_entity.pdbx_ec 
_entity.pdbx_mutation 
_entity.pdbx_fragment 
_entity.details 
1 polymer     man 'PROTEIN S100-A7'                   11343.784 1  ? ? 'RESIDUES 2-101' '1,8 ANS' 
2 non-polymer syn 'CALCIUM ION'                       40.078    1  ? ? ?                ?         
3 non-polymer syn '8-ANILINO-1-NAPHTHALENE SULFONATE' 299.344   1  ? ? ?                ?         
4 non-polymer syn 'ZINC ION'                          65.409    1  ? ? ?                ?         
5 water       nat water                               18.015    96 ? ? ?                ?         
# 
_entity_name_com.entity_id   1 
_entity_name_com.name        'CALCIUM-BINDING PROTEIN A7, PSORIASIN' 
# 
_entity_poly.entity_id                      1 
_entity_poly.type                           'polypeptide(L)' 
_entity_poly.nstd_linkage                   no 
_entity_poly.nstd_monomer                   no 
_entity_poly.pdbx_seq_one_letter_code       
;SNTQAERSIIGMIDMFHKYTRRDDKIDKPSLLTMMKENFPNFLSACDKKGTNYLADVFEKKDKNEDKKIDFSEFLSLLGD
IATDYHKQSHGAAPCSGGSQ
;
_entity_poly.pdbx_seq_one_letter_code_can   
;SNTQAERSIIGMIDMFHKYTRRDDKIDKPSLLTMMKENFPNFLSACDKKGTNYLADVFEKKDKNEDKKIDFSEFLSLLGD
IATDYHKQSHGAAPCSGGSQ
;
_entity_poly.pdbx_strand_id                 A 
_entity_poly.pdbx_target_identifier         ? 
# 
loop_
_pdbx_entity_nonpoly.entity_id 
_pdbx_entity_nonpoly.name 
_pdbx_entity_nonpoly.comp_id 
2 'CALCIUM ION'                       CA  
3 '8-ANILINO-1-NAPHTHALENE SULFONATE' 2AN 
4 'ZINC ION'                          ZN  
5 water                               HOH 
# 
loop_
_entity_poly_seq.entity_id 
_entity_poly_seq.num 
_entity_poly_seq.mon_id 
_entity_poly_seq.hetero 
1 1   SER n 
1 2   ASN n 
1 3   THR n 
1 4   GLN n 
1 5   ALA n 
1 6   GLU n 
1 7   ARG n 
1 8   SER n 
1 9   ILE n 
1 10  ILE n 
1 11  GLY n 
1 12  MET n 
1 13  ILE n 
1 14  ASP n 
1 15  MET n 
1 16  PHE n 
1 17  HIS n 
1 18  LYS n 
1 19  TYR n 
1 20  THR n 
1 21  ARG n 
1 22  ARG n 
1 23  ASP n 
1 24  ASP n 
1 25  LYS n 
1 26  ILE n 
1 27  ASP n 
1 28  LYS n 
1 29  PRO n 
1 30  SER n 
1 31  LEU n 
1 32  LEU n 
1 33  THR n 
1 34  MET n 
1 35  MET n 
1 36  LYS n 
1 37  GLU n 
1 38  ASN n 
1 39  PHE n 
1 40  PRO n 
1 41  ASN n 
1 42  PHE n 
1 43  LEU n 
1 44  SER n 
1 45  ALA n 
1 46  CYS n 
1 47  ASP n 
1 48  LYS n 
1 49  LYS n 
1 50  GLY n 
1 51  THR n 
1 52  ASN n 
1 53  TYR n 
1 54  LEU n 
1 55  ALA n 
1 56  ASP n 
1 57  VAL n 
1 58  PHE n 
1 59  GLU n 
1 60  LYS n 
1 61  LYS n 
1 62  ASP n 
1 63  LYS n 
1 64  ASN n 
1 65  GLU n 
1 66  ASP n 
1 67  LYS n 
1 68  LYS n 
1 69  ILE n 
1 70  ASP n 
1 71  PHE n 
1 72  SER n 
1 73  GLU n 
1 74  PHE n 
1 75  LEU n 
1 76  SER n 
1 77  LEU n 
1 78  LEU n 
1 79  GLY n 
1 80  ASP n 
1 81  ILE n 
1 82  ALA n 
1 83  THR n 
1 84  ASP n 
1 85  TYR n 
1 86  HIS n 
1 87  LYS n 
1 88  GLN n 
1 89  SER n 
1 90  HIS n 
1 91  GLY n 
1 92  ALA n 
1 93  ALA n 
1 94  PRO n 
1 95  CYS n 
1 96  SER n 
1 97  GLY n 
1 98  GLY n 
1 99  SER n 
1 100 GLN n 
# 
_entity_src_gen.entity_id                          1 
_entity_src_gen.pdbx_src_id                        1 
_entity_src_gen.pdbx_alt_source_flag               sample 
_entity_src_gen.pdbx_seq_type                      ? 
_entity_src_gen.pdbx_beg_seq_num                   ? 
_entity_src_gen.pdbx_end_seq_num                   ? 
_entity_src_gen.gene_src_common_name               ? 
_entity_src_gen.gene_src_genus                     ? 
_entity_src_gen.pdbx_gene_src_gene                 ? 
_entity_src_gen.gene_src_species                   ? 
_entity_src_gen.gene_src_strain                    ? 
_entity_src_gen.gene_src_tissue                    ? 
_entity_src_gen.gene_src_tissue_fraction           ? 
_entity_src_gen.gene_src_details                   ? 
_entity_src_gen.pdbx_gene_src_fragment             ? 
_entity_src_gen.pdbx_gene_src_scientific_name      'HOMO SAPIENS' 
_entity_src_gen.pdbx_gene_src_ncbi_taxonomy_id     9606 
_entity_src_gen.pdbx_gene_src_variant              ? 
_entity_src_gen.pdbx_gene_src_cell_line            ? 
_entity_src_gen.pdbx_gene_src_atcc                 ? 
_entity_src_gen.pdbx_gene_src_organ                ? 
_entity_src_gen.pdbx_gene_src_organelle            ? 
_entity_src_gen.pdbx_gene_src_cell                 ? 
_entity_src_gen.pdbx_gene_src_cellular_location    ? 
_entity_src_gen.host_org_common_name               ? 
_entity_src_gen.pdbx_host_org_scientific_name      'ESCHERICHIA COLI' 
_entity_src_gen.pdbx_host_org_ncbi_taxonomy_id     511693 
_entity_src_gen.host_org_genus                     ? 
_entity_src_gen.pdbx_host_org_gene                 ? 
_entity_src_gen.pdbx_host_org_organ                ? 
_entity_src_gen.host_org_species                   ? 
_entity_src_gen.pdbx_host_org_tissue               ? 
_entity_src_gen.pdbx_host_org_tissue_fraction      ? 
_entity_src_gen.pdbx_host_org_strain               BL21 
_entity_src_gen.pdbx_host_org_variant              ? 
_entity_src_gen.pdbx_host_org_cell_line            ? 
_entity_src_gen.pdbx_host_org_atcc                 ? 
_entity_src_gen.pdbx_host_org_culture_collection   ? 
_entity_src_gen.pdbx_host_org_cell                 ? 
_entity_src_gen.pdbx_host_org_organelle            ? 
_entity_src_gen.pdbx_host_org_cellular_location    ? 
_entity_src_gen.pdbx_host_org_vector_type          PLASMID 
_entity_src_gen.pdbx_host_org_vector               PET28A 
_entity_src_gen.host_org_details                   ? 
_entity_src_gen.expression_system_id               ? 
_entity_src_gen.plasmid_name                       ? 
_entity_src_gen.plasmid_details                    ? 
_entity_src_gen.pdbx_description                   ? 
# 
loop_
_chem_comp.id 
_chem_comp.type 
_chem_comp.mon_nstd_flag 
_chem_comp.name 
_chem_comp.pdbx_synonyms 
_chem_comp.formula 
_chem_comp.formula_weight 
2AN non-polymer         . '8-ANILINO-1-NAPHTHALENE SULFONATE' ? 'C16 H13 N O3 S' 299.344 
ALA 'L-peptide linking' y ALANINE                             ? 'C3 H7 N O2'     89.093  
ARG 'L-peptide linking' y ARGININE                            ? 'C6 H15 N4 O2 1' 175.209 
ASN 'L-peptide linking' y ASPARAGINE                          ? 'C4 H8 N2 O3'    132.118 
ASP 'L-peptide linking' y 'ASPARTIC ACID'                     ? 'C4 H7 N O4'     133.103 
CA  non-polymer         . 'CALCIUM ION'                       ? 'Ca 2'           40.078  
CYS 'L-peptide linking' y CYSTEINE                            ? 'C3 H7 N O2 S'   121.158 
GLN 'L-peptide linking' y GLUTAMINE                           ? 'C5 H10 N2 O3'   146.144 
GLU 'L-peptide linking' y 'GLUTAMIC ACID'                     ? 'C5 H9 N O4'     147.129 
GLY 'peptide linking'   y GLYCINE                             ? 'C2 H5 N O2'     75.067  
HIS 'L-peptide linking' y HISTIDINE                           ? 'C6 H10 N3 O2 1' 156.162 
HOH non-polymer         . WATER                               ? 'H2 O'           18.015  
ILE 'L-peptide linking' y ISOLEUCINE                          ? 'C6 H13 N O2'    131.173 
LEU 'L-peptide linking' y LEUCINE                             ? 'C6 H13 N O2'    131.173 
LYS 'L-peptide linking' y LYSINE                              ? 'C6 H15 N2 O2 1' 147.195 
MET 'L-peptide linking' y METHIONINE                          ? 'C5 H11 N O2 S'  149.211 
PHE 'L-peptide linking' y PHENYLALANINE                       ? 'C9 H11 N O2'    165.189 
PRO 'L-peptide linking' y PROLINE                             ? 'C5 H9 N O2'     115.130 
SER 'L-peptide linking' y SERINE                              ? 'C3 H7 N O3'     105.093 
THR 'L-peptide linking' y THREONINE                           ? 'C4 H9 N O3'     119.119 
TYR 'L-peptide linking' y TYROSINE                            ? 'C9 H11 N O3'    181.189 
VAL 'L-peptide linking' y VALINE                              ? 'C5 H11 N O2'    117.146 
ZN  non-polymer         . 'ZINC ION'                          ? 'Zn 2'           65.409  
# 
loop_
_pdbx_poly_seq_scheme.asym_id 
_pdbx_poly_seq_scheme.entity_id 
_pdbx_poly_seq_scheme.seq_id 
_pdbx_poly_seq_scheme.mon_id 
_pdbx_poly_seq_scheme.ndb_seq_num 
_pdbx_poly_seq_scheme.pdb_seq_num 
_pdbx_poly_seq_scheme.auth_seq_num 
_pdbx_poly_seq_scheme.pdb_mon_id 
_pdbx_poly_seq_scheme.auth_mon_id 
_pdbx_poly_seq_scheme.pdb_strand_id 
_pdbx_poly_seq_scheme.pdb_ins_code 
_pdbx_poly_seq_scheme.hetero 
A 1 1   SER 1   1   1  SER SER A . n 
A 1 2   ASN 2   2   2  ASN ASN A . n 
A 1 3   THR 3   3   3  THR THR A . n 
A 1 4   GLN 4   4   4  GLN GLN A . n 
A 1 5   ALA 5   5   5  ALA ALA A . n 
A 1 6   GLU 6   6   6  GLU GLU A . n 
A 1 7   ARG 7   7   7  ARG ARG A . n 
A 1 8   SER 8   8   8  SER SER A . n 
A 1 9   ILE 9   9   9  ILE ILE A . n 
A 1 10  ILE 10  10  10 ILE ILE A . n 
A 1 11  GLY 11  11  11 GLY GLY A . n 
A 1 12  MET 12  12  12 MET MET A . n 
A 1 13  ILE 13  13  13 ILE ILE A . n 
A 1 14  ASP 14  14  14 ASP ASP A . n 
A 1 15  MET 15  15  15 MET MET A . n 
A 1 16  PHE 16  16  16 PHE PHE A . n 
A 1 17  HIS 17  17  17 HIS HIS A . n 
A 1 18  LYS 18  18  18 LYS LYS A . n 
A 1 19  TYR 19  19  19 TYR TYR A . n 
A 1 20  THR 20  20  20 THR THR A . n 
A 1 21  ARG 21  21  21 ARG ARG A . n 
A 1 22  ARG 22  22  22 ARG ARG A . n 
A 1 23  ASP 23  23  23 ASP ASP A . n 
A 1 24  ASP 24  24  24 ASP ASP A . n 
A 1 25  LYS 25  25  25 LYS LYS A . n 
A 1 26  ILE 26  26  26 ILE ILE A . n 
A 1 27  ASP 27  27  27 ASP ASP A . n 
A 1 28  LYS 28  28  28 LYS LYS A . n 
A 1 29  PRO 29  29  29 PRO PRO A . n 
A 1 30  SER 30  30  30 SER SER A . n 
A 1 31  LEU 31  31  31 LEU LEU A . n 
A 1 32  LEU 32  32  32 LEU LEU A . n 
A 1 33  THR 33  33  33 THR THR A . n 
A 1 34  MET 34  34  34 MET MET A . n 
A 1 35  MET 35  35  35 MET MET A . n 
A 1 36  LYS 36  36  36 LYS LYS A . n 
A 1 37  GLU 37  37  37 GLU GLU A . n 
A 1 38  ASN 38  38  38 ASN ASN A . n 
A 1 39  PHE 39  39  39 PHE PHE A . n 
A 1 40  PRO 40  40  40 PRO PRO A . n 
A 1 41  ASN 41  41  41 ASN ASN A . n 
A 1 42  PHE 42  42  42 PHE PHE A . n 
A 1 43  LEU 43  43  43 LEU LEU A . n 
A 1 44  SER 44  44  44 SER SER A . n 
A 1 45  ALA 45  45  45 ALA ALA A . n 
A 1 46  CYS 46  46  46 CYS CYS A . n 
A 1 47  ASP 47  47  47 ASP ASP A . n 
A 1 48  LYS 48  48  48 LYS LYS A . n 
A 1 49  LYS 49  49  49 LYS LYS A . n 
A 1 50  GLY 50  50  50 GLY GLY A . n 
A 1 51  THR 51  51  51 THR THR A . n 
A 1 52  ASN 52  52  52 ASN ASN A . n 
A 1 53  TYR 53  53  53 TYR TYR A . n 
A 1 54  LEU 54  54  54 LEU LEU A . n 
A 1 55  ALA 55  55  55 ALA ALA A . n 
A 1 56  ASP 56  56  56 ASP ASP A . n 
A 1 57  VAL 57  57  57 VAL VAL A . n 
A 1 58  PHE 58  58  58 PHE PHE A . n 
A 1 59  GLU 59  59  59 GLU GLU A . n 
A 1 60  LYS 60  60  60 LYS LYS A . n 
A 1 61  LYS 61  61  61 LYS LYS A . n 
A 1 62  ASP 62  62  62 ASP ASP A . n 
A 1 63  LYS 63  63  63 LYS LYS A . n 
A 1 64  ASN 64  64  64 ASN ASN A . n 
A 1 65  GLU 65  65  65 GLU GLU A . n 
A 1 66  ASP 66  66  66 ASP ASP A . n 
A 1 67  LYS 67  67  67 LYS LYS A . n 
A 1 68  LYS 68  68  68 LYS LYS A . n 
A 1 69  ILE 69  69  69 ILE ILE A . n 
A 1 70  ASP 70  70  70 ASP ASP A . n 
A 1 71  PHE 71  71  71 PHE PHE A . n 
A 1 72  SER 72  72  72 SER SER A . n 
A 1 73  GLU 73  73  73 GLU GLU A . n 
A 1 74  PHE 74  74  74 PHE PHE A . n 
A 1 75  LEU 75  75  75 LEU LEU A . n 
A 1 76  SER 76  76  76 SER SER A . n 
A 1 77  LEU 77  77  77 LEU LEU A . n 
A 1 78  LEU 78  78  78 LEU LEU A . n 
A 1 79  GLY 79  79  79 GLY GLY A . n 
A 1 80  ASP 80  80  80 ASP ASP A . n 
A 1 81  ILE 81  81  81 ILE ILE A . n 
A 1 82  ALA 82  82  82 ALA ALA A . n 
A 1 83  THR 83  83  83 THR THR A . n 
A 1 84  ASP 84  84  84 ASP ASP A . n 
A 1 85  TYR 85  85  85 TYR TYR A . n 
A 1 86  HIS 86  86  86 HIS HIS A . n 
A 1 87  LYS 87  87  87 LYS LYS A . n 
A 1 88  GLN 88  88  88 GLN GLN A . n 
A 1 89  SER 89  89  89 SER SER A . n 
A 1 90  HIS 90  90  90 HIS HIS A . n 
A 1 91  GLY 91  91  91 GLY GLY A . n 
A 1 92  ALA 92  92  92 ALA ALA A . n 
A 1 93  ALA 93  93  93 ALA ALA A . n 
A 1 94  PRO 94  94  94 PRO PRO A . n 
A 1 95  CYS 95  95  95 CYS CYS A . n 
A 1 96  SER 96  96  96 SER SER A . n 
A 1 97  GLY 97  97  ?  ?   ?   A . n 
A 1 98  GLY 98  98  ?  ?   ?   A . n 
A 1 99  SER 99  99  ?  ?   ?   A . n 
A 1 100 GLN 100 100 ?  ?   ?   A . n 
# 
loop_
_pdbx_nonpoly_scheme.asym_id 
_pdbx_nonpoly_scheme.entity_id 
_pdbx_nonpoly_scheme.mon_id 
_pdbx_nonpoly_scheme.ndb_seq_num 
_pdbx_nonpoly_scheme.pdb_seq_num 
_pdbx_nonpoly_scheme.auth_seq_num 
_pdbx_nonpoly_scheme.pdb_mon_id 
_pdbx_nonpoly_scheme.auth_mon_id 
_pdbx_nonpoly_scheme.pdb_strand_id 
_pdbx_nonpoly_scheme.pdb_ins_code 
B 2 CA  1  1097 1097 CA  CA  A . 
C 3 2AN 1  1098 1098 2AN 2AN A . 
D 4 ZN  1  1099 1099 ZN  ZN  A . 
E 5 HOH 1  2001 2001 HOH HOH A . 
E 5 HOH 2  2002 2002 HOH HOH A . 
E 5 HOH 3  2003 2003 HOH HOH A . 
E 5 HOH 4  2004 2004 HOH HOH A . 
E 5 HOH 5  2005 2005 HOH HOH A . 
E 5 HOH 6  2006 2006 HOH HOH A . 
E 5 HOH 7  2007 2007 HOH HOH A . 
E 5 HOH 8  2008 2008 HOH HOH A . 
E 5 HOH 9  2009 2009 HOH HOH A . 
E 5 HOH 10 2010 2010 HOH HOH A . 
E 5 HOH 11 2011 2011 HOH HOH A . 
E 5 HOH 12 2012 2012 HOH HOH A . 
E 5 HOH 13 2013 2013 HOH HOH A . 
E 5 HOH 14 2014 2014 HOH HOH A . 
E 5 HOH 15 2015 2015 HOH HOH A . 
E 5 HOH 16 2016 2016 HOH HOH A . 
E 5 HOH 17 2017 2017 HOH HOH A . 
E 5 HOH 18 2018 2018 HOH HOH A . 
E 5 HOH 19 2019 2019 HOH HOH A . 
E 5 HOH 20 2020 2020 HOH HOH A . 
E 5 HOH 21 2021 2021 HOH HOH A . 
E 5 HOH 22 2022 2022 HOH HOH A . 
E 5 HOH 23 2023 2023 HOH HOH A . 
E 5 HOH 24 2024 2024 HOH HOH A . 
E 5 HOH 25 2025 2025 HOH HOH A . 
E 5 HOH 26 2026 2026 HOH HOH A . 
E 5 HOH 27 2027 2027 HOH HOH A . 
E 5 HOH 28 2028 2028 HOH HOH A . 
E 5 HOH 29 2029 2029 HOH HOH A . 
E 5 HOH 30 2030 2030 HOH HOH A . 
E 5 HOH 31 2031 2031 HOH HOH A . 
E 5 HOH 32 2032 2032 HOH HOH A . 
E 5 HOH 33 2033 2033 HOH HOH A . 
E 5 HOH 34 2034 2034 HOH HOH A . 
E 5 HOH 35 2035 2035 HOH HOH A . 
E 5 HOH 36 2036 2036 HOH HOH A . 
E 5 HOH 37 2037 2037 HOH HOH A . 
E 5 HOH 38 2038 2038 HOH HOH A . 
E 5 HOH 39 2039 2039 HOH HOH A . 
E 5 HOH 40 2040 2040 HOH HOH A . 
E 5 HOH 41 2041 2041 HOH HOH A . 
E 5 HOH 42 2042 2042 HOH HOH A . 
E 5 HOH 43 2043 2043 HOH HOH A . 
E 5 HOH 44 2044 2044 HOH HOH A . 
E 5 HOH 45 2045 2045 HOH HOH A . 
E 5 HOH 46 2046 2046 HOH HOH A . 
E 5 HOH 47 2047 2047 HOH HOH A . 
E 5 HOH 48 2048 2048 HOH HOH A . 
E 5 HOH 49 2049 2049 HOH HOH A . 
E 5 HOH 50 2050 2050 HOH HOH A . 
E 5 HOH 51 2051 2051 HOH HOH A . 
E 5 HOH 52 2052 2052 HOH HOH A . 
E 5 HOH 53 2053 2053 HOH HOH A . 
E 5 HOH 54 2054 2054 HOH HOH A . 
E 5 HOH 55 2055 2055 HOH HOH A . 
E 5 HOH 56 2056 2056 HOH HOH A . 
E 5 HOH 57 2057 2057 HOH HOH A . 
E 5 HOH 58 2058 2058 HOH HOH A . 
E 5 HOH 59 2059 2059 HOH HOH A . 
E 5 HOH 60 2060 2060 HOH HOH A . 
E 5 HOH 61 2061 2061 HOH HOH A . 
E 5 HOH 62 2062 2062 HOH HOH A . 
E 5 HOH 63 2063 2063 HOH HOH A . 
E 5 HOH 64 2064 2064 HOH HOH A . 
E 5 HOH 65 2065 2065 HOH HOH A . 
E 5 HOH 66 2066 2066 HOH HOH A . 
E 5 HOH 67 2067 2067 HOH HOH A . 
E 5 HOH 68 2068 2068 HOH HOH A . 
E 5 HOH 69 2069 2069 HOH HOH A . 
E 5 HOH 70 2070 2070 HOH HOH A . 
E 5 HOH 71 2071 2071 HOH HOH A . 
E 5 HOH 72 2072 2072 HOH HOH A . 
E 5 HOH 73 2073 2073 HOH HOH A . 
E 5 HOH 74 2074 2074 HOH HOH A . 
E 5 HOH 75 2075 2075 HOH HOH A . 
E 5 HOH 76 2076 2076 HOH HOH A . 
E 5 HOH 77 2077 2077 HOH HOH A . 
E 5 HOH 78 2078 2078 HOH HOH A . 
E 5 HOH 79 2079 2079 HOH HOH A . 
E 5 HOH 80 2080 2080 HOH HOH A . 
E 5 HOH 81 2081 2081 HOH HOH A . 
E 5 HOH 82 2082 2082 HOH HOH A . 
E 5 HOH 83 2083 2083 HOH HOH A . 
E 5 HOH 84 2084 2084 HOH HOH A . 
E 5 HOH 85 2085 2085 HOH HOH A . 
E 5 HOH 86 2086 2086 HOH HOH A . 
E 5 HOH 87 2087 2087 HOH HOH A . 
E 5 HOH 88 2088 2088 HOH HOH A . 
E 5 HOH 89 2089 2089 HOH HOH A . 
E 5 HOH 90 2090 2090 HOH HOH A . 
E 5 HOH 91 2091 2091 HOH HOH A . 
E 5 HOH 92 2092 2092 HOH HOH A . 
E 5 HOH 93 2093 2093 HOH HOH A . 
E 5 HOH 94 2094 2094 HOH HOH A . 
E 5 HOH 95 2095 2095 HOH HOH A . 
E 5 HOH 96 2096 2096 HOH HOH A . 
# 
loop_
_software.name 
_software.classification 
_software.version 
_software.citation_id 
_software.pdbx_ordinal 
REFMAC refinement     5.5.0088 ? 1 
SCALA  'data scaling' .        ? 2 
MOLREP phasing        .        ? 3 
# 
_cell.entry_id           2WOR 
_cell.length_a           51.660 
_cell.length_b           51.660 
_cell.length_c           117.240 
_cell.angle_alpha        90.00 
_cell.angle_beta         90.00 
_cell.angle_gamma        90.00 
_cell.Z_PDB              8 
_cell.pdbx_unique_axis   ? 
# 
_symmetry.entry_id                         2WOR 
_symmetry.space_group_name_H-M             'P 43 21 2' 
_symmetry.pdbx_full_space_group_name_H-M   ? 
_symmetry.cell_setting                     ? 
_symmetry.Int_Tables_number                96 
# 
_exptl.entry_id          2WOR 
_exptl.method            'X-RAY DIFFRACTION' 
_exptl.crystals_number   1 
# 
_exptl_crystal.id                    1 
_exptl_crystal.density_meas          ? 
_exptl_crystal.density_Matthews      3.15 
_exptl_crystal.density_percent_sol   60.60 
_exptl_crystal.description           NONE 
# 
_diffrn.id                     1 
_diffrn.ambient_temp           100 
_diffrn.ambient_temp_details   ? 
_diffrn.crystal_id             1 
# 
_diffrn_detector.diffrn_id              1 
_diffrn_detector.detector               CCD 
_diffrn_detector.type                   MARRESEARCH 
_diffrn_detector.pdbx_collection_date   2008-04-17 
_diffrn_detector.details                ? 
# 
_diffrn_radiation.diffrn_id                        1 
_diffrn_radiation.wavelength_id                    1 
_diffrn_radiation.pdbx_monochromatic_or_laue_m_l   M 
_diffrn_radiation.monochromator                    ? 
_diffrn_radiation.pdbx_diffrn_protocol             'SINGLE WAVELENGTH' 
_diffrn_radiation.pdbx_scattering_type             x-ray 
# 
_diffrn_radiation_wavelength.id           1 
_diffrn_radiation_wavelength.wavelength   0.976 
_diffrn_radiation_wavelength.wt           1.0 
# 
_diffrn_source.diffrn_id                   1 
_diffrn_source.source                      SYNCHROTRON 
_diffrn_source.type                        'SSRL BEAMLINE BL9-2' 
_diffrn_source.pdbx_synchrotron_site       SSRL 
_diffrn_source.pdbx_synchrotron_beamline   BL9-2 
_diffrn_source.pdbx_wavelength             0.976 
_diffrn_source.pdbx_wavelength_list        ? 
# 
_reflns.pdbx_diffrn_id               1 
_reflns.pdbx_ordinal                 1 
_reflns.entry_id                     2WOR 
_reflns.observed_criterion_sigma_I   2.0 
_reflns.observed_criterion_sigma_F   ? 
_reflns.d_resolution_low             47.21 
_reflns.d_resolution_high            1.70 
_reflns.number_obs                   18214 
_reflns.number_all                   ? 
_reflns.percent_possible_obs         100.0 
_reflns.pdbx_Rmerge_I_obs            0.07 
_reflns.pdbx_Rsym_value              ? 
_reflns.pdbx_netI_over_sigmaI        34.10 
_reflns.B_iso_Wilson_estimate        ? 
_reflns.pdbx_redundancy              26.4 
# 
_reflns_shell.pdbx_diffrn_id         1 
_reflns_shell.pdbx_ordinal           1 
_reflns_shell.d_res_high             1.70 
_reflns_shell.d_res_low              1.74 
_reflns_shell.percent_possible_all   100.0 
_reflns_shell.Rmerge_I_obs           0.35 
_reflns_shell.pdbx_Rsym_value        ? 
_reflns_shell.meanI_over_sigI_obs    9.30 
_reflns_shell.pdbx_redundancy        22.5 
# 
_refine.pdbx_refine_id                           'X-RAY DIFFRACTION' 
_refine.entry_id                                 2WOR 
_refine.pdbx_diffrn_id                           1 
_refine.pdbx_TLS_residual_ADP_flag               ? 
_refine.ls_number_reflns_obs                     17284 
_refine.ls_number_reflns_all                     ? 
_refine.pdbx_ls_sigma_I                          ? 
_refine.pdbx_ls_sigma_F                          . 
_refine.pdbx_data_cutoff_high_absF               ? 
_refine.pdbx_data_cutoff_low_absF                ? 
_refine.pdbx_data_cutoff_high_rms_absF           ? 
_refine.ls_d_res_low                             47.27 
_refine.ls_d_res_high                            1.70 
_refine.ls_percent_reflns_obs                    99.90 
_refine.ls_R_factor_obs                          0.18800 
_refine.ls_R_factor_all                          ? 
_refine.ls_R_factor_R_work                       0.18673 
_refine.ls_R_factor_R_free                       0.21211 
_refine.ls_R_factor_R_free_error                 ? 
_refine.ls_R_factor_R_free_error_details         ? 
_refine.ls_percent_reflns_R_free                 5.1 
_refine.ls_number_reflns_R_free                  930 
_refine.ls_number_parameters                     ? 
_refine.ls_number_restraints                     ? 
_refine.occupancy_min                            ? 
_refine.occupancy_max                            ? 
_refine.correlation_coeff_Fo_to_Fc               0.944 
_refine.correlation_coeff_Fo_to_Fc_free          0.931 
_refine.B_iso_mean                               15.814 
_refine.aniso_B[1][1]                            0.28 
_refine.aniso_B[2][2]                            0.28 
_refine.aniso_B[3][3]                            -0.56 
_refine.aniso_B[1][2]                            0.00 
_refine.aniso_B[1][3]                            0.00 
_refine.aniso_B[2][3]                            0.00 
_refine.solvent_model_details                    MASK 
_refine.solvent_model_param_ksol                 ? 
_refine.solvent_model_param_bsol                 ? 
_refine.pdbx_solvent_vdw_probe_radii             1.40 
_refine.pdbx_solvent_ion_probe_radii             0.80 
_refine.pdbx_solvent_shrinkage_radii             0.80 
_refine.pdbx_ls_cross_valid_method               THROUGHOUT 
_refine.details                                  'HYDROGENS HAVE BEEN ADDED IN THE RIDING POSITIONS.' 
_refine.pdbx_starting_model                      'PDB ENTRY 2PSR' 
_refine.pdbx_method_to_determine_struct          'MOLECULAR REPLACEMENT' 
_refine.pdbx_isotropic_thermal_model             ? 
_refine.pdbx_stereochemistry_target_values       'MAXIMUM LIKELIHOOD' 
_refine.pdbx_stereochem_target_val_spec_case     ? 
_refine.pdbx_R_Free_selection_details            RANDOM 
_refine.pdbx_overall_ESU_R                       0.082 
_refine.pdbx_overall_ESU_R_Free                  0.083 
_refine.overall_SU_ML                            0.042 
_refine.pdbx_overall_phase_error                 ? 
_refine.overall_SU_B                             1.191 
_refine.overall_SU_R_Cruickshank_DPI             ? 
_refine.pdbx_overall_SU_R_free_Cruickshank_DPI   ? 
_refine.pdbx_overall_SU_R_Blow_DPI               ? 
_refine.pdbx_overall_SU_R_free_Blow_DPI          ? 
# 
_refine_hist.pdbx_refine_id                   'X-RAY DIFFRACTION' 
_refine_hist.cycle_id                         LAST 
_refine_hist.pdbx_number_atoms_protein        769 
_refine_hist.pdbx_number_atoms_nucleic_acid   0 
_refine_hist.pdbx_number_atoms_ligand         23 
_refine_hist.number_atoms_solvent             96 
_refine_hist.number_atoms_total               888 
_refine_hist.d_res_high                       1.70 
_refine_hist.d_res_low                        47.27 
# 
loop_
_refine_ls_restr.type 
_refine_ls_restr.dev_ideal 
_refine_ls_restr.dev_ideal_target 
_refine_ls_restr.weight 
_refine_ls_restr.number 
_refine_ls_restr.pdbx_refine_id 
_refine_ls_restr.pdbx_restraint_function 
r_bond_refined_d             0.033  0.022  ? 807  'X-RAY DIFFRACTION' ? 
r_bond_other_d               ?      ?      ? ?    'X-RAY DIFFRACTION' ? 
r_angle_refined_deg          2.563  1.994  ? 1082 'X-RAY DIFFRACTION' ? 
r_angle_other_deg            ?      ?      ? ?    'X-RAY DIFFRACTION' ? 
r_dihedral_angle_1_deg       5.596  5.000  ? 95   'X-RAY DIFFRACTION' ? 
r_dihedral_angle_2_deg       34.043 25.263 ? 38   'X-RAY DIFFRACTION' ? 
r_dihedral_angle_3_deg       14.594 15.000 ? 153  'X-RAY DIFFRACTION' ? 
r_dihedral_angle_4_deg       12.591 15.000 ? 3    'X-RAY DIFFRACTION' ? 
r_chiral_restr               0.170  0.200  ? 112  'X-RAY DIFFRACTION' ? 
r_gen_planes_refined         0.018  0.021  ? 602  'X-RAY DIFFRACTION' ? 
r_gen_planes_other           ?      ?      ? ?    'X-RAY DIFFRACTION' ? 
r_nbd_refined                ?      ?      ? ?    'X-RAY DIFFRACTION' ? 
r_nbd_other                  ?      ?      ? ?    'X-RAY DIFFRACTION' ? 
r_nbtor_refined              ?      ?      ? ?    'X-RAY DIFFRACTION' ? 
r_nbtor_other                ?      ?      ? ?    'X-RAY DIFFRACTION' ? 
r_xyhbond_nbd_refined        ?      ?      ? ?    'X-RAY DIFFRACTION' ? 
r_xyhbond_nbd_other          ?      ?      ? ?    'X-RAY DIFFRACTION' ? 
r_metal_ion_refined          ?      ?      ? ?    'X-RAY DIFFRACTION' ? 
r_metal_ion_other            ?      ?      ? ?    'X-RAY DIFFRACTION' ? 
r_symmetry_vdw_refined       ?      ?      ? ?    'X-RAY DIFFRACTION' ? 
r_symmetry_vdw_other         ?      ?      ? ?    'X-RAY DIFFRACTION' ? 
r_symmetry_hbond_refined     ?      ?      ? ?    'X-RAY DIFFRACTION' ? 
r_symmetry_hbond_other       ?      ?      ? ?    'X-RAY DIFFRACTION' ? 
r_symmetry_metal_ion_refined ?      ?      ? ?    'X-RAY DIFFRACTION' ? 
r_symmetry_metal_ion_other   ?      ?      ? ?    'X-RAY DIFFRACTION' ? 
r_mcbond_it                  1.502  1.500  ? 480  'X-RAY DIFFRACTION' ? 
r_mcbond_other               ?      ?      ? ?    'X-RAY DIFFRACTION' ? 
r_mcangle_it                 2.502  2.000  ? 772  'X-RAY DIFFRACTION' ? 
r_mcangle_other              ?      ?      ? ?    'X-RAY DIFFRACTION' ? 
r_scbond_it                  3.789  3.000  ? 327  'X-RAY DIFFRACTION' ? 
r_scbond_other               ?      ?      ? ?    'X-RAY DIFFRACTION' ? 
r_scangle_it                 6.046  4.500  ? 310  'X-RAY DIFFRACTION' ? 
r_scangle_other              ?      ?      ? ?    'X-RAY DIFFRACTION' ? 
r_long_range_B_refined       ?      ?      ? ?    'X-RAY DIFFRACTION' ? 
r_long_range_B_other         ?      ?      ? ?    'X-RAY DIFFRACTION' ? 
r_rigid_bond_restr           ?      ?      ? ?    'X-RAY DIFFRACTION' ? 
r_sphericity_free            ?      ?      ? ?    'X-RAY DIFFRACTION' ? 
r_sphericity_bonded          ?      ?      ? ?    'X-RAY DIFFRACTION' ? 
# 
_refine_ls_shell.pdbx_refine_id                   'X-RAY DIFFRACTION' 
_refine_ls_shell.pdbx_total_number_of_bins_used   20 
_refine_ls_shell.d_res_high                       1.700 
_refine_ls_shell.d_res_low                        1.744 
_refine_ls_shell.number_reflns_R_work             1232 
_refine_ls_shell.R_factor_R_work                  0.214 
_refine_ls_shell.percent_reflns_obs               99.92 
_refine_ls_shell.R_factor_R_free                  0.273 
_refine_ls_shell.R_factor_R_free_error            ? 
_refine_ls_shell.percent_reflns_R_free            ? 
_refine_ls_shell.number_reflns_R_free             77 
_refine_ls_shell.number_reflns_all                ? 
_refine_ls_shell.R_factor_all                     ? 
# 
_struct.entry_id                  2WOR 
_struct.title                     'co-structure of S100A7 with 1,8 ANS' 
_struct.pdbx_model_details        ? 
_struct.pdbx_CASP_flag            ? 
_struct.pdbx_model_type_details   ? 
# 
_struct_keywords.entry_id        2WOR 
_struct_keywords.pdbx_keywords   'CALCIUM-BINDING PROTEIN' 
_struct_keywords.text            'CALCIUM-BINDING PROTEIN' 
# 
loop_
_struct_asym.id 
_struct_asym.pdbx_blank_PDB_chainid_flag 
_struct_asym.pdbx_modified 
_struct_asym.entity_id 
_struct_asym.details 
A N N 1 ? 
B N N 2 ? 
C N N 3 ? 
D N N 4 ? 
E N N 5 ? 
# 
_struct_ref.id                         1 
_struct_ref.db_name                    UNP 
_struct_ref.db_code                    S10A7_HUMAN 
_struct_ref.entity_id                  1 
_struct_ref.pdbx_seq_one_letter_code   ? 
_struct_ref.pdbx_align_begin           ? 
_struct_ref.pdbx_db_accession          P31151 
_struct_ref.pdbx_db_isoform            ? 
# 
_struct_ref_seq.align_id                      1 
_struct_ref_seq.ref_id                        1 
_struct_ref_seq.pdbx_PDB_id_code              2WOR 
_struct_ref_seq.pdbx_strand_id                A 
_struct_ref_seq.seq_align_beg                 1 
_struct_ref_seq.pdbx_seq_align_beg_ins_code   ? 
_struct_ref_seq.seq_align_end                 100 
_struct_ref_seq.pdbx_seq_align_end_ins_code   ? 
_struct_ref_seq.pdbx_db_accession             P31151 
_struct_ref_seq.db_align_beg                  2 
_struct_ref_seq.pdbx_db_align_beg_ins_code    ? 
_struct_ref_seq.db_align_end                  101 
_struct_ref_seq.pdbx_db_align_end_ins_code    ? 
_struct_ref_seq.pdbx_auth_seq_align_beg       1 
_struct_ref_seq.pdbx_auth_seq_align_end       100 
# 
_struct_ref_seq_dif.align_id                     1 
_struct_ref_seq_dif.pdbx_pdb_id_code             2WOR 
_struct_ref_seq_dif.mon_id                       ASP 
_struct_ref_seq_dif.pdbx_pdb_strand_id           A 
_struct_ref_seq_dif.seq_num                      27 
_struct_ref_seq_dif.pdbx_pdb_ins_code            ? 
_struct_ref_seq_dif.pdbx_seq_db_name             UNP 
_struct_ref_seq_dif.pdbx_seq_db_accession_code   P31151 
_struct_ref_seq_dif.db_mon_id                    GLU 
_struct_ref_seq_dif.pdbx_seq_db_seq_num          28 
_struct_ref_seq_dif.details                      conflict 
_struct_ref_seq_dif.pdbx_auth_seq_num            27 
_struct_ref_seq_dif.pdbx_ordinal                 1 
# 
_pdbx_struct_assembly.id                   1 
_pdbx_struct_assembly.details              software_defined_assembly 
_pdbx_struct_assembly.method_details       PISA 
_pdbx_struct_assembly.oligomeric_details   dimeric 
_pdbx_struct_assembly.oligomeric_count     2 
# 
loop_
_pdbx_struct_assembly_prop.biol_id 
_pdbx_struct_assembly_prop.type 
_pdbx_struct_assembly_prop.value 
_pdbx_struct_assembly_prop.details 
1 'ABSA (A^2)' 3210   ? 
1 MORE         -118.8 ? 
1 'SSA (A^2)'  10600  ? 
# 
_pdbx_struct_assembly_gen.assembly_id       1 
_pdbx_struct_assembly_gen.oper_expression   1,2 
_pdbx_struct_assembly_gen.asym_id_list      A,B,C,D,E 
# 
loop_
_pdbx_struct_oper_list.id 
_pdbx_struct_oper_list.type 
_pdbx_struct_oper_list.name 
_pdbx_struct_oper_list.symmetry_operation 
_pdbx_struct_oper_list.matrix[1][1] 
_pdbx_struct_oper_list.matrix[1][2] 
_pdbx_struct_oper_list.matrix[1][3] 
_pdbx_struct_oper_list.vector[1] 
_pdbx_struct_oper_list.matrix[2][1] 
_pdbx_struct_oper_list.matrix[2][2] 
_pdbx_struct_oper_list.matrix[2][3] 
_pdbx_struct_oper_list.vector[2] 
_pdbx_struct_oper_list.matrix[3][1] 
_pdbx_struct_oper_list.matrix[3][2] 
_pdbx_struct_oper_list.matrix[3][3] 
_pdbx_struct_oper_list.vector[3] 
1 'identity operation'         1_555 x,y,z  1.0000000000  0.0000000000  0.0000000000 0.0000000000  0.0000000000  1.0000000000  0.0000000000  0.0000000000 0.0000000000 0.0000000000  1.0000000000  0.0000000000  
2 'crystal symmetry operation' 7_555 y,x,-z -0.6809806032 -0.5473986873 0.4864361162 -8.7622270219 -0.5473986873 -0.0607300813 -0.8346655224 8.1690126503 0.4864361162 -0.8346655224 -0.2582893155 14.9393248948 
# 
_struct_biol.id   1 
# 
loop_
_struct_conf.conf_type_id 
_struct_conf.id 
_struct_conf.pdbx_PDB_helix_id 
_struct_conf.beg_label_comp_id 
_struct_conf.beg_label_asym_id 
_struct_conf.beg_label_seq_id 
_struct_conf.pdbx_beg_PDB_ins_code 
_struct_conf.end_label_comp_id 
_struct_conf.end_label_asym_id 
_struct_conf.end_label_seq_id 
_struct_conf.pdbx_end_PDB_ins_code 
_struct_conf.beg_auth_comp_id 
_struct_conf.beg_auth_asym_id 
_struct_conf.beg_auth_seq_id 
_struct_conf.end_auth_comp_id 
_struct_conf.end_auth_asym_id 
_struct_conf.end_auth_seq_id 
_struct_conf.pdbx_PDB_helix_class 
_struct_conf.details 
_struct_conf.pdbx_PDB_helix_length 
HELX_P HELX_P1 1 THR A 3  ? ILE A 10 ? THR A 3  ILE A 10 1 ? 8  
HELX_P HELX_P2 2 MET A 12 ? THR A 20 ? MET A 12 THR A 20 1 ? 9  
HELX_P HELX_P3 3 ASP A 27 ? PHE A 39 ? ASP A 27 PHE A 39 1 ? 13 
HELX_P HELX_P4 4 PHE A 39 ? LYS A 49 ? PHE A 39 LYS A 49 1 ? 11 
HELX_P HELX_P5 5 ASP A 56 ? ASP A 62 ? ASP A 56 ASP A 62 1 ? 7  
HELX_P HELX_P6 6 ASP A 70 ? LEU A 78 ? ASP A 70 LEU A 78 1 ? 9  
HELX_P HELX_P7 7 ASP A 80 ? HIS A 90 ? ASP A 80 HIS A 90 1 ? 11 
# 
_struct_conf_type.id          HELX_P 
_struct_conf_type.criteria    ? 
_struct_conf_type.reference   ? 
# 
loop_
_struct_conn.id 
_struct_conn.conn_type_id 
_struct_conn.pdbx_leaving_atom_flag 
_struct_conn.pdbx_PDB_id 
_struct_conn.ptnr1_label_asym_id 
_struct_conn.ptnr1_label_comp_id 
_struct_conn.ptnr1_label_seq_id 
_struct_conn.ptnr1_label_atom_id 
_struct_conn.pdbx_ptnr1_label_alt_id 
_struct_conn.pdbx_ptnr1_PDB_ins_code 
_struct_conn.pdbx_ptnr1_standard_comp_id 
_struct_conn.ptnr1_symmetry 
_struct_conn.ptnr2_label_asym_id 
_struct_conn.ptnr2_label_comp_id 
_struct_conn.ptnr2_label_seq_id 
_struct_conn.ptnr2_label_atom_id 
_struct_conn.pdbx_ptnr2_label_alt_id 
_struct_conn.pdbx_ptnr2_PDB_ins_code 
_struct_conn.ptnr1_auth_asym_id 
_struct_conn.ptnr1_auth_comp_id 
_struct_conn.ptnr1_auth_seq_id 
_struct_conn.ptnr2_auth_asym_id 
_struct_conn.ptnr2_auth_comp_id 
_struct_conn.ptnr2_auth_seq_id 
_struct_conn.ptnr2_symmetry 
_struct_conn.pdbx_ptnr3_label_atom_id 
_struct_conn.pdbx_ptnr3_label_seq_id 
_struct_conn.pdbx_ptnr3_label_comp_id 
_struct_conn.pdbx_ptnr3_label_asym_id 
_struct_conn.pdbx_ptnr3_label_alt_id 
_struct_conn.pdbx_ptnr3_PDB_ins_code 
_struct_conn.details 
_struct_conn.pdbx_dist_value 
_struct_conn.pdbx_value_order 
_struct_conn.pdbx_role 
disulf1  disulf ? ? A CYS 46 SG  ? ? ? 1_555 A CYS 95 SG ? ? A CYS 46   A CYS 95   1_555 ? ? ? ? ? ? ? 2.145 ? ? 
metalc1  metalc ? ? A HIS 17 NE2 ? ? ? 7_555 D ZN  .  ZN ? ? A HIS 17   A ZN  1099 1_555 ? ? ? ? ? ? ? 2.032 ? ? 
metalc2  metalc ? ? A ASP 24 OD1 ? ? ? 7_555 D ZN  .  ZN ? ? A ASP 24   A ZN  1099 1_555 ? ? ? ? ? ? ? 2.009 ? ? 
metalc3  metalc ? ? A ASP 62 OD1 ? ? ? 1_555 B CA  .  CA ? ? A ASP 62   A CA  1097 1_555 ? ? ? ? ? ? ? 2.278 ? ? 
metalc4  metalc ? ? A ASN 64 OD1 ? ? ? 1_555 B CA  .  CA ? ? A ASN 64   A CA  1097 1_555 ? ? ? ? ? ? ? 2.385 ? ? 
metalc5  metalc ? ? A ASP 66 OD1 ? ? ? 1_555 B CA  .  CA ? ? A ASP 66   A CA  1097 1_555 ? ? ? ? ? ? ? 2.427 ? ? 
metalc6  metalc ? ? A LYS 68 O   ? ? ? 1_555 B CA  .  CA ? ? A LYS 68   A CA  1097 1_555 ? ? ? ? ? ? ? 2.405 ? ? 
metalc7  metalc ? ? A GLU 73 OE1 ? ? ? 1_555 B CA  .  CA ? ? A GLU 73   A CA  1097 1_555 ? ? ? ? ? ? ? 2.421 ? ? 
metalc8  metalc ? ? A GLU 73 OE2 ? ? ? 1_555 B CA  .  CA ? ? A GLU 73   A CA  1097 1_555 ? ? ? ? ? ? ? 2.530 ? ? 
metalc9  metalc ? ? A HIS 86 NE2 ? ? ? 1_555 D ZN  .  ZN ? ? A HIS 86   A ZN  1099 1_555 ? ? ? ? ? ? ? 2.070 ? ? 
metalc10 metalc ? ? A HIS 90 NE2 ? ? ? 1_555 D ZN  .  ZN ? ? A HIS 90   A ZN  1099 1_555 ? ? ? ? ? ? ? 2.086 ? ? 
metalc11 metalc ? ? B CA  .  CA  ? ? ? 1_555 E HOH .  O  ? ? A CA  1097 A HOH 2074 1_555 ? ? ? ? ? ? ? 2.380 ? ? 
# 
loop_
_struct_conn_type.id 
_struct_conn_type.criteria 
_struct_conn_type.reference 
disulf ? ? 
metalc ? ? 
# 
loop_
_pdbx_struct_conn_angle.id 
_pdbx_struct_conn_angle.ptnr1_label_atom_id 
_pdbx_struct_conn_angle.ptnr1_label_alt_id 
_pdbx_struct_conn_angle.ptnr1_label_asym_id 
_pdbx_struct_conn_angle.ptnr1_label_comp_id 
_pdbx_struct_conn_angle.ptnr1_label_seq_id 
_pdbx_struct_conn_angle.ptnr1_auth_atom_id 
_pdbx_struct_conn_angle.ptnr1_auth_asym_id 
_pdbx_struct_conn_angle.ptnr1_auth_comp_id 
_pdbx_struct_conn_angle.ptnr1_auth_seq_id 
_pdbx_struct_conn_angle.ptnr1_PDB_ins_code 
_pdbx_struct_conn_angle.ptnr1_symmetry 
_pdbx_struct_conn_angle.ptnr2_label_atom_id 
_pdbx_struct_conn_angle.ptnr2_label_alt_id 
_pdbx_struct_conn_angle.ptnr2_label_asym_id 
_pdbx_struct_conn_angle.ptnr2_label_comp_id 
_pdbx_struct_conn_angle.ptnr2_label_seq_id 
_pdbx_struct_conn_angle.ptnr2_auth_atom_id 
_pdbx_struct_conn_angle.ptnr2_auth_asym_id 
_pdbx_struct_conn_angle.ptnr2_auth_comp_id 
_pdbx_struct_conn_angle.ptnr2_auth_seq_id 
_pdbx_struct_conn_angle.ptnr2_PDB_ins_code 
_pdbx_struct_conn_angle.ptnr2_symmetry 
_pdbx_struct_conn_angle.ptnr3_label_atom_id 
_pdbx_struct_conn_angle.ptnr3_label_alt_id 
_pdbx_struct_conn_angle.ptnr3_label_asym_id 
_pdbx_struct_conn_angle.ptnr3_label_comp_id 
_pdbx_struct_conn_angle.ptnr3_label_seq_id 
_pdbx_struct_conn_angle.ptnr3_auth_atom_id 
_pdbx_struct_conn_angle.ptnr3_auth_asym_id 
_pdbx_struct_conn_angle.ptnr3_auth_comp_id 
_pdbx_struct_conn_angle.ptnr3_auth_seq_id 
_pdbx_struct_conn_angle.ptnr3_PDB_ins_code 
_pdbx_struct_conn_angle.ptnr3_symmetry 
_pdbx_struct_conn_angle.value 
_pdbx_struct_conn_angle.value_esd 
1  NE2 ? A HIS 17 ? A HIS 17 ? 7_555 ZN ? D ZN . ? A ZN 1099 ? 1_555 OD1 ? A ASP 24 ? A ASP 24   ? 7_555 100.9 ? 
2  NE2 ? A HIS 17 ? A HIS 17 ? 7_555 ZN ? D ZN . ? A ZN 1099 ? 1_555 NE2 ? A HIS 86 ? A HIS 86   ? 1_555 110.4 ? 
3  OD1 ? A ASP 24 ? A ASP 24 ? 7_555 ZN ? D ZN . ? A ZN 1099 ? 1_555 NE2 ? A HIS 86 ? A HIS 86   ? 1_555 129.0 ? 
4  NE2 ? A HIS 17 ? A HIS 17 ? 7_555 ZN ? D ZN . ? A ZN 1099 ? 1_555 NE2 ? A HIS 90 ? A HIS 90   ? 1_555 111.7 ? 
5  OD1 ? A ASP 24 ? A ASP 24 ? 7_555 ZN ? D ZN . ? A ZN 1099 ? 1_555 NE2 ? A HIS 90 ? A HIS 90   ? 1_555 103.9 ? 
6  NE2 ? A HIS 86 ? A HIS 86 ? 1_555 ZN ? D ZN . ? A ZN 1099 ? 1_555 NE2 ? A HIS 90 ? A HIS 90   ? 1_555 100.6 ? 
7  OD1 ? A ASP 62 ? A ASP 62 ? 1_555 CA ? B CA . ? A CA 1097 ? 1_555 OD1 ? A ASN 64 ? A ASN 64   ? 1_555 83.4  ? 
8  OD1 ? A ASP 62 ? A ASP 62 ? 1_555 CA ? B CA . ? A CA 1097 ? 1_555 OD1 ? A ASP 66 ? A ASP 66   ? 1_555 84.2  ? 
9  OD1 ? A ASN 64 ? A ASN 64 ? 1_555 CA ? B CA . ? A CA 1097 ? 1_555 OD1 ? A ASP 66 ? A ASP 66   ? 1_555 78.0  ? 
10 OD1 ? A ASP 62 ? A ASP 62 ? 1_555 CA ? B CA . ? A CA 1097 ? 1_555 O   ? A LYS 68 ? A LYS 68   ? 1_555 84.4  ? 
11 OD1 ? A ASN 64 ? A ASN 64 ? 1_555 CA ? B CA . ? A CA 1097 ? 1_555 O   ? A LYS 68 ? A LYS 68   ? 1_555 154.7 ? 
12 OD1 ? A ASP 66 ? A ASP 66 ? 1_555 CA ? B CA . ? A CA 1097 ? 1_555 O   ? A LYS 68 ? A LYS 68   ? 1_555 78.8  ? 
13 OD1 ? A ASP 62 ? A ASP 62 ? 1_555 CA ? B CA . ? A CA 1097 ? 1_555 OE1 ? A GLU 73 ? A GLU 73   ? 1_555 113.2 ? 
14 OD1 ? A ASN 64 ? A ASN 64 ? 1_555 CA ? B CA . ? A CA 1097 ? 1_555 OE1 ? A GLU 73 ? A GLU 73   ? 1_555 127.5 ? 
15 OD1 ? A ASP 66 ? A ASP 66 ? 1_555 CA ? B CA . ? A CA 1097 ? 1_555 OE1 ? A GLU 73 ? A GLU 73   ? 1_555 148.9 ? 
16 O   ? A LYS 68 ? A LYS 68 ? 1_555 CA ? B CA . ? A CA 1097 ? 1_555 OE1 ? A GLU 73 ? A GLU 73   ? 1_555 77.7  ? 
17 OD1 ? A ASP 62 ? A ASP 62 ? 1_555 CA ? B CA . ? A CA 1097 ? 1_555 OE2 ? A GLU 73 ? A GLU 73   ? 1_555 95.2  ? 
18 OD1 ? A ASN 64 ? A ASN 64 ? 1_555 CA ? B CA . ? A CA 1097 ? 1_555 OE2 ? A GLU 73 ? A GLU 73   ? 1_555 77.1  ? 
19 OD1 ? A ASP 66 ? A ASP 66 ? 1_555 CA ? B CA . ? A CA 1097 ? 1_555 OE2 ? A GLU 73 ? A GLU 73   ? 1_555 155.1 ? 
20 O   ? A LYS 68 ? A LYS 68 ? 1_555 CA ? B CA . ? A CA 1097 ? 1_555 OE2 ? A GLU 73 ? A GLU 73   ? 1_555 126.1 ? 
21 OE1 ? A GLU 73 ? A GLU 73 ? 1_555 CA ? B CA . ? A CA 1097 ? 1_555 OE2 ? A GLU 73 ? A GLU 73   ? 1_555 53.0  ? 
22 OD1 ? A ASP 62 ? A ASP 62 ? 1_555 CA ? B CA . ? A CA 1097 ? 1_555 O   ? E HOH .  ? A HOH 2074 ? 1_555 163.7 ? 
23 OD1 ? A ASN 64 ? A ASN 64 ? 1_555 CA ? B CA . ? A CA 1097 ? 1_555 O   ? E HOH .  ? A HOH 2074 ? 1_555 90.1  ? 
24 OD1 ? A ASP 66 ? A ASP 66 ? 1_555 CA ? B CA . ? A CA 1097 ? 1_555 O   ? E HOH .  ? A HOH 2074 ? 1_555 79.8  ? 
25 O   ? A LYS 68 ? A LYS 68 ? 1_555 CA ? B CA . ? A CA 1097 ? 1_555 O   ? E HOH .  ? A HOH 2074 ? 1_555 95.6  ? 
26 OE1 ? A GLU 73 ? A GLU 73 ? 1_555 CA ? B CA . ? A CA 1097 ? 1_555 O   ? E HOH .  ? A HOH 2074 ? 1_555 82.6  ? 
27 OE2 ? A GLU 73 ? A GLU 73 ? 1_555 CA ? B CA . ? A CA 1097 ? 1_555 O   ? E HOH .  ? A HOH 2074 ? 1_555 97.9  ? 
# 
_pdbx_modification_feature.ordinal                            1 
_pdbx_modification_feature.label_comp_id                      CYS 
_pdbx_modification_feature.label_asym_id                      A 
_pdbx_modification_feature.label_seq_id                       46 
_pdbx_modification_feature.label_alt_id                       ? 
_pdbx_modification_feature.modified_residue_label_comp_id     CYS 
_pdbx_modification_feature.modified_residue_label_asym_id     A 
_pdbx_modification_feature.modified_residue_label_seq_id      95 
_pdbx_modification_feature.modified_residue_label_alt_id      ? 
_pdbx_modification_feature.auth_comp_id                       CYS 
_pdbx_modification_feature.auth_asym_id                       A 
_pdbx_modification_feature.auth_seq_id                        46 
_pdbx_modification_feature.PDB_ins_code                       ? 
_pdbx_modification_feature.symmetry                           1_555 
_pdbx_modification_feature.modified_residue_auth_comp_id      CYS 
_pdbx_modification_feature.modified_residue_auth_asym_id      A 
_pdbx_modification_feature.modified_residue_auth_seq_id       95 
_pdbx_modification_feature.modified_residue_PDB_ins_code      ? 
_pdbx_modification_feature.modified_residue_symmetry          1_555 
_pdbx_modification_feature.comp_id_linking_atom               SG 
_pdbx_modification_feature.modified_residue_id_linking_atom   SG 
_pdbx_modification_feature.modified_residue_id                . 
_pdbx_modification_feature.ref_pcm_id                         . 
_pdbx_modification_feature.ref_comp_id                        . 
_pdbx_modification_feature.type                               None 
_pdbx_modification_feature.category                           'Disulfide bridge' 
# 
loop_
_struct_site.id 
_struct_site.pdbx_evidence_code 
_struct_site.pdbx_auth_asym_id 
_struct_site.pdbx_auth_comp_id 
_struct_site.pdbx_auth_seq_id 
_struct_site.pdbx_auth_ins_code 
_struct_site.pdbx_num_residues 
_struct_site.details 
AC1 Software A CA  1097 ? 6 'BINDING SITE FOR RESIDUE CA A 1097'  
AC2 Software A 2AN 1098 ? 8 'BINDING SITE FOR RESIDUE 2AN A 1098' 
AC3 Software A ZN  1099 ? 4 'BINDING SITE FOR RESIDUE ZN A 1099'  
# 
loop_
_struct_site_gen.id 
_struct_site_gen.site_id 
_struct_site_gen.pdbx_num_res 
_struct_site_gen.label_comp_id 
_struct_site_gen.label_asym_id 
_struct_site_gen.label_seq_id 
_struct_site_gen.pdbx_auth_ins_code 
_struct_site_gen.auth_comp_id 
_struct_site_gen.auth_asym_id 
_struct_site_gen.auth_seq_id 
_struct_site_gen.label_atom_id 
_struct_site_gen.label_alt_id 
_struct_site_gen.symmetry 
_struct_site_gen.details 
1  AC1 6 ASP A 62 ? ASP A 62   . ? 1_555 ? 
2  AC1 6 ASN A 64 ? ASN A 64   . ? 1_555 ? 
3  AC1 6 ASP A 66 ? ASP A 66   . ? 1_555 ? 
4  AC1 6 LYS A 68 ? LYS A 68   . ? 1_555 ? 
5  AC1 6 GLU A 73 ? GLU A 73   . ? 1_555 ? 
6  AC1 6 HOH E .  ? HOH A 2074 . ? 1_555 ? 
7  AC2 8 GLN A 4  ? GLN A 4    . ? 7_555 ? 
8  AC2 8 ARG A 7  ? ARG A 7    . ? 1_555 ? 
9  AC2 8 SER A 8  ? SER A 8    . ? 7_555 ? 
10 AC2 8 GLY A 11 ? GLY A 11   . ? 1_555 ? 
11 AC2 8 ASP A 14 ? ASP A 14   . ? 1_555 ? 
12 AC2 8 MET A 15 ? MET A 15   . ? 1_555 ? 
13 AC2 8 GLU A 65 ? GLU A 65   . ? 6_455 ? 
14 AC2 8 LYS A 67 ? LYS A 67   . ? 6_455 ? 
15 AC3 4 HIS A 17 ? HIS A 17   . ? 7_555 ? 
16 AC3 4 ASP A 24 ? ASP A 24   . ? 7_555 ? 
17 AC3 4 HIS A 86 ? HIS A 86   . ? 1_555 ? 
18 AC3 4 HIS A 90 ? HIS A 90   . ? 1_555 ? 
# 
_pdbx_entry_details.entry_id                   2WOR 
_pdbx_entry_details.compound_details           ? 
_pdbx_entry_details.source_details             ? 
_pdbx_entry_details.nonpolymer_details         ? 
_pdbx_entry_details.sequence_details           ? 
_pdbx_entry_details.has_ligand_of_interest     ? 
_pdbx_entry_details.has_protein_modification   Y 
# 
_pdbx_validate_rmsd_bond.id                        1 
_pdbx_validate_rmsd_bond.PDB_model_num             1 
_pdbx_validate_rmsd_bond.auth_atom_id_1            CB 
_pdbx_validate_rmsd_bond.auth_asym_id_1            A 
_pdbx_validate_rmsd_bond.auth_comp_id_1            SER 
_pdbx_validate_rmsd_bond.auth_seq_id_1             30 
_pdbx_validate_rmsd_bond.PDB_ins_code_1            ? 
_pdbx_validate_rmsd_bond.label_alt_id_1            ? 
_pdbx_validate_rmsd_bond.auth_atom_id_2            OG 
_pdbx_validate_rmsd_bond.auth_asym_id_2            A 
_pdbx_validate_rmsd_bond.auth_comp_id_2            SER 
_pdbx_validate_rmsd_bond.auth_seq_id_2             30 
_pdbx_validate_rmsd_bond.PDB_ins_code_2            ? 
_pdbx_validate_rmsd_bond.label_alt_id_2            ? 
_pdbx_validate_rmsd_bond.bond_value                1.501 
_pdbx_validate_rmsd_bond.bond_target_value         1.418 
_pdbx_validate_rmsd_bond.bond_deviation            0.083 
_pdbx_validate_rmsd_bond.bond_standard_deviation   0.013 
_pdbx_validate_rmsd_bond.linker_flag               N 
# 
loop_
_pdbx_validate_rmsd_angle.id 
_pdbx_validate_rmsd_angle.PDB_model_num 
_pdbx_validate_rmsd_angle.auth_atom_id_1 
_pdbx_validate_rmsd_angle.auth_asym_id_1 
_pdbx_validate_rmsd_angle.auth_comp_id_1 
_pdbx_validate_rmsd_angle.auth_seq_id_1 
_pdbx_validate_rmsd_angle.PDB_ins_code_1 
_pdbx_validate_rmsd_angle.label_alt_id_1 
_pdbx_validate_rmsd_angle.auth_atom_id_2 
_pdbx_validate_rmsd_angle.auth_asym_id_2 
_pdbx_validate_rmsd_angle.auth_comp_id_2 
_pdbx_validate_rmsd_angle.auth_seq_id_2 
_pdbx_validate_rmsd_angle.PDB_ins_code_2 
_pdbx_validate_rmsd_angle.label_alt_id_2 
_pdbx_validate_rmsd_angle.auth_atom_id_3 
_pdbx_validate_rmsd_angle.auth_asym_id_3 
_pdbx_validate_rmsd_angle.auth_comp_id_3 
_pdbx_validate_rmsd_angle.auth_seq_id_3 
_pdbx_validate_rmsd_angle.PDB_ins_code_3 
_pdbx_validate_rmsd_angle.label_alt_id_3 
_pdbx_validate_rmsd_angle.angle_value 
_pdbx_validate_rmsd_angle.angle_target_value 
_pdbx_validate_rmsd_angle.angle_deviation 
_pdbx_validate_rmsd_angle.angle_standard_deviation 
_pdbx_validate_rmsd_angle.linker_flag 
1 1 CB A ASP 27 ? ? CG A ASP 27 ? ? OD1 A ASP 27 ? ? 124.77 118.30 6.47   0.90 N 
2 1 CD A LYS 61 ? ? CE A LYS 61 ? ? NZ  A LYS 61 ? ? 95.70  111.70 -16.00 2.30 N 
3 1 CB A ASP 62 ? ? CG A ASP 62 ? ? OD2 A ASP 62 ? ? 110.74 118.30 -7.56  0.90 N 
4 1 CB A ASP 84 ? ? CG A ASP 84 ? ? OD1 A ASP 84 ? ? 112.89 118.30 -5.41  0.90 N 
# 
_pdbx_struct_special_symmetry.id              1 
_pdbx_struct_special_symmetry.PDB_model_num   1 
_pdbx_struct_special_symmetry.auth_asym_id    A 
_pdbx_struct_special_symmetry.auth_comp_id    HOH 
_pdbx_struct_special_symmetry.auth_seq_id     2015 
_pdbx_struct_special_symmetry.PDB_ins_code    ? 
_pdbx_struct_special_symmetry.label_asym_id   E 
_pdbx_struct_special_symmetry.label_comp_id   HOH 
_pdbx_struct_special_symmetry.label_seq_id    . 
# 
_pdbx_distant_solvent_atoms.id                                1 
_pdbx_distant_solvent_atoms.PDB_model_num                     1 
_pdbx_distant_solvent_atoms.auth_atom_id                      O 
_pdbx_distant_solvent_atoms.label_alt_id                      ? 
_pdbx_distant_solvent_atoms.auth_asym_id                      A 
_pdbx_distant_solvent_atoms.auth_comp_id                      HOH 
_pdbx_distant_solvent_atoms.auth_seq_id                       2004 
_pdbx_distant_solvent_atoms.PDB_ins_code                      ? 
_pdbx_distant_solvent_atoms.neighbor_macromolecule_distance   6.99 
_pdbx_distant_solvent_atoms.neighbor_ligand_distance          . 
# 
loop_
_pdbx_unobs_or_zero_occ_residues.id 
_pdbx_unobs_or_zero_occ_residues.PDB_model_num 
_pdbx_unobs_or_zero_occ_residues.polymer_flag 
_pdbx_unobs_or_zero_occ_residues.occupancy_flag 
_pdbx_unobs_or_zero_occ_residues.auth_asym_id 
_pdbx_unobs_or_zero_occ_residues.auth_comp_id 
_pdbx_unobs_or_zero_occ_residues.auth_seq_id 
_pdbx_unobs_or_zero_occ_residues.PDB_ins_code 
_pdbx_unobs_or_zero_occ_residues.label_asym_id 
_pdbx_unobs_or_zero_occ_residues.label_comp_id 
_pdbx_unobs_or_zero_occ_residues.label_seq_id 
1 1 Y 1 A GLY 97  ? A GLY 97  
2 1 Y 1 A GLY 98  ? A GLY 98  
3 1 Y 1 A SER 99  ? A SER 99  
4 1 Y 1 A GLN 100 ? A GLN 100 
# 
loop_
_chem_comp_atom.comp_id 
_chem_comp_atom.atom_id 
_chem_comp_atom.type_symbol 
_chem_comp_atom.pdbx_aromatic_flag 
_chem_comp_atom.pdbx_stereo_config 
_chem_comp_atom.pdbx_ordinal 
2AN C1   C  Y N 1   
2AN C2   C  Y N 2   
2AN C3   C  Y N 3   
2AN C4   C  Y N 4   
2AN C5   C  Y N 5   
2AN C6   C  Y N 6   
2AN C7   C  Y N 7   
2AN C8   C  Y N 8   
2AN N    N  N N 9   
2AN S    S  N N 10  
2AN C9   C  Y N 11  
2AN C10  C  Y N 12  
2AN C11  C  Y N 13  
2AN C12  C  Y N 14  
2AN C13  C  Y N 15  
2AN C14  C  Y N 16  
2AN C15  C  Y N 17  
2AN C16  C  Y N 18  
2AN O1   O  N N 19  
2AN O2   O  N N 20  
2AN O3   O  N N 21  
2AN H2   H  N N 22  
2AN H3   H  N N 23  
2AN H4   H  N N 24  
2AN H6   H  N N 25  
2AN H7   H  N N 26  
2AN H8   H  N N 27  
2AN HN   H  N N 28  
2AN H12  H  N N 29  
2AN H13  H  N N 30  
2AN H14  H  N N 31  
2AN H15  H  N N 32  
2AN H16  H  N N 33  
2AN HO3  H  N N 34  
ALA N    N  N N 35  
ALA CA   C  N S 36  
ALA C    C  N N 37  
ALA O    O  N N 38  
ALA CB   C  N N 39  
ALA OXT  O  N N 40  
ALA H    H  N N 41  
ALA H2   H  N N 42  
ALA HA   H  N N 43  
ALA HB1  H  N N 44  
ALA HB2  H  N N 45  
ALA HB3  H  N N 46  
ALA HXT  H  N N 47  
ARG N    N  N N 48  
ARG CA   C  N S 49  
ARG C    C  N N 50  
ARG O    O  N N 51  
ARG CB   C  N N 52  
ARG CG   C  N N 53  
ARG CD   C  N N 54  
ARG NE   N  N N 55  
ARG CZ   C  N N 56  
ARG NH1  N  N N 57  
ARG NH2  N  N N 58  
ARG OXT  O  N N 59  
ARG H    H  N N 60  
ARG H2   H  N N 61  
ARG HA   H  N N 62  
ARG HB2  H  N N 63  
ARG HB3  H  N N 64  
ARG HG2  H  N N 65  
ARG HG3  H  N N 66  
ARG HD2  H  N N 67  
ARG HD3  H  N N 68  
ARG HE   H  N N 69  
ARG HH11 H  N N 70  
ARG HH12 H  N N 71  
ARG HH21 H  N N 72  
ARG HH22 H  N N 73  
ARG HXT  H  N N 74  
ASN N    N  N N 75  
ASN CA   C  N S 76  
ASN C    C  N N 77  
ASN O    O  N N 78  
ASN CB   C  N N 79  
ASN CG   C  N N 80  
ASN OD1  O  N N 81  
ASN ND2  N  N N 82  
ASN OXT  O  N N 83  
ASN H    H  N N 84  
ASN H2   H  N N 85  
ASN HA   H  N N 86  
ASN HB2  H  N N 87  
ASN HB3  H  N N 88  
ASN HD21 H  N N 89  
ASN HD22 H  N N 90  
ASN HXT  H  N N 91  
ASP N    N  N N 92  
ASP CA   C  N S 93  
ASP C    C  N N 94  
ASP O    O  N N 95  
ASP CB   C  N N 96  
ASP CG   C  N N 97  
ASP OD1  O  N N 98  
ASP OD2  O  N N 99  
ASP OXT  O  N N 100 
ASP H    H  N N 101 
ASP H2   H  N N 102 
ASP HA   H  N N 103 
ASP HB2  H  N N 104 
ASP HB3  H  N N 105 
ASP HD2  H  N N 106 
ASP HXT  H  N N 107 
CA  CA   CA N N 108 
CYS N    N  N N 109 
CYS CA   C  N R 110 
CYS C    C  N N 111 
CYS O    O  N N 112 
CYS CB   C  N N 113 
CYS SG   S  N N 114 
CYS OXT  O  N N 115 
CYS H    H  N N 116 
CYS H2   H  N N 117 
CYS HA   H  N N 118 
CYS HB2  H  N N 119 
CYS HB3  H  N N 120 
CYS HG   H  N N 121 
CYS HXT  H  N N 122 
GLN N    N  N N 123 
GLN CA   C  N S 124 
GLN C    C  N N 125 
GLN O    O  N N 126 
GLN CB   C  N N 127 
GLN CG   C  N N 128 
GLN CD   C  N N 129 
GLN OE1  O  N N 130 
GLN NE2  N  N N 131 
GLN OXT  O  N N 132 
GLN H    H  N N 133 
GLN H2   H  N N 134 
GLN HA   H  N N 135 
GLN HB2  H  N N 136 
GLN HB3  H  N N 137 
GLN HG2  H  N N 138 
GLN HG3  H  N N 139 
GLN HE21 H  N N 140 
GLN HE22 H  N N 141 
GLN HXT  H  N N 142 
GLU N    N  N N 143 
GLU CA   C  N S 144 
GLU C    C  N N 145 
GLU O    O  N N 146 
GLU CB   C  N N 147 
GLU CG   C  N N 148 
GLU CD   C  N N 149 
GLU OE1  O  N N 150 
GLU OE2  O  N N 151 
GLU OXT  O  N N 152 
GLU H    H  N N 153 
GLU H2   H  N N 154 
GLU HA   H  N N 155 
GLU HB2  H  N N 156 
GLU HB3  H  N N 157 
GLU HG2  H  N N 158 
GLU HG3  H  N N 159 
GLU HE2  H  N N 160 
GLU HXT  H  N N 161 
GLY N    N  N N 162 
GLY CA   C  N N 163 
GLY C    C  N N 164 
GLY O    O  N N 165 
GLY OXT  O  N N 166 
GLY H    H  N N 167 
GLY H2   H  N N 168 
GLY HA2  H  N N 169 
GLY HA3  H  N N 170 
GLY HXT  H  N N 171 
HIS N    N  N N 172 
HIS CA   C  N S 173 
HIS C    C  N N 174 
HIS O    O  N N 175 
HIS CB   C  N N 176 
HIS CG   C  Y N 177 
HIS ND1  N  Y N 178 
HIS CD2  C  Y N 179 
HIS CE1  C  Y N 180 
HIS NE2  N  Y N 181 
HIS OXT  O  N N 182 
HIS H    H  N N 183 
HIS H2   H  N N 184 
HIS HA   H  N N 185 
HIS HB2  H  N N 186 
HIS HB3  H  N N 187 
HIS HD1  H  N N 188 
HIS HD2  H  N N 189 
HIS HE1  H  N N 190 
HIS HE2  H  N N 191 
HIS HXT  H  N N 192 
HOH O    O  N N 193 
HOH H1   H  N N 194 
HOH H2   H  N N 195 
ILE N    N  N N 196 
ILE CA   C  N S 197 
ILE C    C  N N 198 
ILE O    O  N N 199 
ILE CB   C  N S 200 
ILE CG1  C  N N 201 
ILE CG2  C  N N 202 
ILE CD1  C  N N 203 
ILE OXT  O  N N 204 
ILE H    H  N N 205 
ILE H2   H  N N 206 
ILE HA   H  N N 207 
ILE HB   H  N N 208 
ILE HG12 H  N N 209 
ILE HG13 H  N N 210 
ILE HG21 H  N N 211 
ILE HG22 H  N N 212 
ILE HG23 H  N N 213 
ILE HD11 H  N N 214 
ILE HD12 H  N N 215 
ILE HD13 H  N N 216 
ILE HXT  H  N N 217 
LEU N    N  N N 218 
LEU CA   C  N S 219 
LEU C    C  N N 220 
LEU O    O  N N 221 
LEU CB   C  N N 222 
LEU CG   C  N N 223 
LEU CD1  C  N N 224 
LEU CD2  C  N N 225 
LEU OXT  O  N N 226 
LEU H    H  N N 227 
LEU H2   H  N N 228 
LEU HA   H  N N 229 
LEU HB2  H  N N 230 
LEU HB3  H  N N 231 
LEU HG   H  N N 232 
LEU HD11 H  N N 233 
LEU HD12 H  N N 234 
LEU HD13 H  N N 235 
LEU HD21 H  N N 236 
LEU HD22 H  N N 237 
LEU HD23 H  N N 238 
LEU HXT  H  N N 239 
LYS N    N  N N 240 
LYS CA   C  N S 241 
LYS C    C  N N 242 
LYS O    O  N N 243 
LYS CB   C  N N 244 
LYS CG   C  N N 245 
LYS CD   C  N N 246 
LYS CE   C  N N 247 
LYS NZ   N  N N 248 
LYS OXT  O  N N 249 
LYS H    H  N N 250 
LYS H2   H  N N 251 
LYS HA   H  N N 252 
LYS HB2  H  N N 253 
LYS HB3  H  N N 254 
LYS HG2  H  N N 255 
LYS HG3  H  N N 256 
LYS HD2  H  N N 257 
LYS HD3  H  N N 258 
LYS HE2  H  N N 259 
LYS HE3  H  N N 260 
LYS HZ1  H  N N 261 
LYS HZ2  H  N N 262 
LYS HZ3  H  N N 263 
LYS HXT  H  N N 264 
MET N    N  N N 265 
MET CA   C  N S 266 
MET C    C  N N 267 
MET O    O  N N 268 
MET CB   C  N N 269 
MET CG   C  N N 270 
MET SD   S  N N 271 
MET CE   C  N N 272 
MET OXT  O  N N 273 
MET H    H  N N 274 
MET H2   H  N N 275 
MET HA   H  N N 276 
MET HB2  H  N N 277 
MET HB3  H  N N 278 
MET HG2  H  N N 279 
MET HG3  H  N N 280 
MET HE1  H  N N 281 
MET HE2  H  N N 282 
MET HE3  H  N N 283 
MET HXT  H  N N 284 
PHE N    N  N N 285 
PHE CA   C  N S 286 
PHE C    C  N N 287 
PHE O    O  N N 288 
PHE CB   C  N N 289 
PHE CG   C  Y N 290 
PHE CD1  C  Y N 291 
PHE CD2  C  Y N 292 
PHE CE1  C  Y N 293 
PHE CE2  C  Y N 294 
PHE CZ   C  Y N 295 
PHE OXT  O  N N 296 
PHE H    H  N N 297 
PHE H2   H  N N 298 
PHE HA   H  N N 299 
PHE HB2  H  N N 300 
PHE HB3  H  N N 301 
PHE HD1  H  N N 302 
PHE HD2  H  N N 303 
PHE HE1  H  N N 304 
PHE HE2  H  N N 305 
PHE HZ   H  N N 306 
PHE HXT  H  N N 307 
PRO N    N  N N 308 
PRO CA   C  N S 309 
PRO C    C  N N 310 
PRO O    O  N N 311 
PRO CB   C  N N 312 
PRO CG   C  N N 313 
PRO CD   C  N N 314 
PRO OXT  O  N N 315 
PRO H    H  N N 316 
PRO HA   H  N N 317 
PRO HB2  H  N N 318 
PRO HB3  H  N N 319 
PRO HG2  H  N N 320 
PRO HG3  H  N N 321 
PRO HD2  H  N N 322 
PRO HD3  H  N N 323 
PRO HXT  H  N N 324 
SER N    N  N N 325 
SER CA   C  N S 326 
SER C    C  N N 327 
SER O    O  N N 328 
SER CB   C  N N 329 
SER OG   O  N N 330 
SER OXT  O  N N 331 
SER H    H  N N 332 
SER H2   H  N N 333 
SER HA   H  N N 334 
SER HB2  H  N N 335 
SER HB3  H  N N 336 
SER HG   H  N N 337 
SER HXT  H  N N 338 
THR N    N  N N 339 
THR CA   C  N S 340 
THR C    C  N N 341 
THR O    O  N N 342 
THR CB   C  N R 343 
THR OG1  O  N N 344 
THR CG2  C  N N 345 
THR OXT  O  N N 346 
THR H    H  N N 347 
THR H2   H  N N 348 
THR HA   H  N N 349 
THR HB   H  N N 350 
THR HG1  H  N N 351 
THR HG21 H  N N 352 
THR HG22 H  N N 353 
THR HG23 H  N N 354 
THR HXT  H  N N 355 
TYR N    N  N N 356 
TYR CA   C  N S 357 
TYR C    C  N N 358 
TYR O    O  N N 359 
TYR CB   C  N N 360 
TYR CG   C  Y N 361 
TYR CD1  C  Y N 362 
TYR CD2  C  Y N 363 
TYR CE1  C  Y N 364 
TYR CE2  C  Y N 365 
TYR CZ   C  Y N 366 
TYR OH   O  N N 367 
TYR OXT  O  N N 368 
TYR H    H  N N 369 
TYR H2   H  N N 370 
TYR HA   H  N N 371 
TYR HB2  H  N N 372 
TYR HB3  H  N N 373 
TYR HD1  H  N N 374 
TYR HD2  H  N N 375 
TYR HE1  H  N N 376 
TYR HE2  H  N N 377 
TYR HH   H  N N 378 
TYR HXT  H  N N 379 
VAL N    N  N N 380 
VAL CA   C  N S 381 
VAL C    C  N N 382 
VAL O    O  N N 383 
VAL CB   C  N N 384 
VAL CG1  C  N N 385 
VAL CG2  C  N N 386 
VAL OXT  O  N N 387 
VAL H    H  N N 388 
VAL H2   H  N N 389 
VAL HA   H  N N 390 
VAL HB   H  N N 391 
VAL HG11 H  N N 392 
VAL HG12 H  N N 393 
VAL HG13 H  N N 394 
VAL HG21 H  N N 395 
VAL HG22 H  N N 396 
VAL HG23 H  N N 397 
VAL HXT  H  N N 398 
ZN  ZN   ZN N N 399 
# 
loop_
_chem_comp_bond.comp_id 
_chem_comp_bond.atom_id_1 
_chem_comp_bond.atom_id_2 
_chem_comp_bond.value_order 
_chem_comp_bond.pdbx_aromatic_flag 
_chem_comp_bond.pdbx_stereo_config 
_chem_comp_bond.pdbx_ordinal 
2AN C1  C2   doub Y N 1   
2AN C1  N    sing N N 2   
2AN C1  C10  sing Y N 3   
2AN C2  C3   sing Y N 4   
2AN C2  H2   sing N N 5   
2AN C3  C4   doub Y N 6   
2AN C3  H3   sing N N 7   
2AN C4  C5   sing Y N 8   
2AN C4  H4   sing N N 9   
2AN C5  C6   doub Y N 10  
2AN C5  C10  sing Y N 11  
2AN C6  C7   sing Y N 12  
2AN C6  H6   sing N N 13  
2AN C7  C8   doub Y N 14  
2AN C7  H7   sing N N 15  
2AN C8  C9   sing Y N 16  
2AN C8  H8   sing N N 17  
2AN N   C11  sing N N 18  
2AN N   HN   sing N N 19  
2AN S   C9   sing N N 20  
2AN S   O1   doub N N 21  
2AN S   O2   doub N N 22  
2AN S   O3   sing N N 23  
2AN C9  C10  doub Y N 24  
2AN C11 C12  doub Y N 25  
2AN C11 C16  sing Y N 26  
2AN C12 C13  sing Y N 27  
2AN C12 H12  sing N N 28  
2AN C13 C14  doub Y N 29  
2AN C13 H13  sing N N 30  
2AN C14 C15  sing Y N 31  
2AN C14 H14  sing N N 32  
2AN C15 C16  doub Y N 33  
2AN C15 H15  sing N N 34  
2AN C16 H16  sing N N 35  
2AN O3  HO3  sing N N 36  
ALA N   CA   sing N N 37  
ALA N   H    sing N N 38  
ALA N   H2   sing N N 39  
ALA CA  C    sing N N 40  
ALA CA  CB   sing N N 41  
ALA CA  HA   sing N N 42  
ALA C   O    doub N N 43  
ALA C   OXT  sing N N 44  
ALA CB  HB1  sing N N 45  
ALA CB  HB2  sing N N 46  
ALA CB  HB3  sing N N 47  
ALA OXT HXT  sing N N 48  
ARG N   CA   sing N N 49  
ARG N   H    sing N N 50  
ARG N   H2   sing N N 51  
ARG CA  C    sing N N 52  
ARG CA  CB   sing N N 53  
ARG CA  HA   sing N N 54  
ARG C   O    doub N N 55  
ARG C   OXT  sing N N 56  
ARG CB  CG   sing N N 57  
ARG CB  HB2  sing N N 58  
ARG CB  HB3  sing N N 59  
ARG CG  CD   sing N N 60  
ARG CG  HG2  sing N N 61  
ARG CG  HG3  sing N N 62  
ARG CD  NE   sing N N 63  
ARG CD  HD2  sing N N 64  
ARG CD  HD3  sing N N 65  
ARG NE  CZ   sing N N 66  
ARG NE  HE   sing N N 67  
ARG CZ  NH1  sing N N 68  
ARG CZ  NH2  doub N N 69  
ARG NH1 HH11 sing N N 70  
ARG NH1 HH12 sing N N 71  
ARG NH2 HH21 sing N N 72  
ARG NH2 HH22 sing N N 73  
ARG OXT HXT  sing N N 74  
ASN N   CA   sing N N 75  
ASN N   H    sing N N 76  
ASN N   H2   sing N N 77  
ASN CA  C    sing N N 78  
ASN CA  CB   sing N N 79  
ASN CA  HA   sing N N 80  
ASN C   O    doub N N 81  
ASN C   OXT  sing N N 82  
ASN CB  CG   sing N N 83  
ASN CB  HB2  sing N N 84  
ASN CB  HB3  sing N N 85  
ASN CG  OD1  doub N N 86  
ASN CG  ND2  sing N N 87  
ASN ND2 HD21 sing N N 88  
ASN ND2 HD22 sing N N 89  
ASN OXT HXT  sing N N 90  
ASP N   CA   sing N N 91  
ASP N   H    sing N N 92  
ASP N   H2   sing N N 93  
ASP CA  C    sing N N 94  
ASP CA  CB   sing N N 95  
ASP CA  HA   sing N N 96  
ASP C   O    doub N N 97  
ASP C   OXT  sing N N 98  
ASP CB  CG   sing N N 99  
ASP CB  HB2  sing N N 100 
ASP CB  HB3  sing N N 101 
ASP CG  OD1  doub N N 102 
ASP CG  OD2  sing N N 103 
ASP OD2 HD2  sing N N 104 
ASP OXT HXT  sing N N 105 
CYS N   CA   sing N N 106 
CYS N   H    sing N N 107 
CYS N   H2   sing N N 108 
CYS CA  C    sing N N 109 
CYS CA  CB   sing N N 110 
CYS CA  HA   sing N N 111 
CYS C   O    doub N N 112 
CYS C   OXT  sing N N 113 
CYS CB  SG   sing N N 114 
CYS CB  HB2  sing N N 115 
CYS CB  HB3  sing N N 116 
CYS SG  HG   sing N N 117 
CYS OXT HXT  sing N N 118 
GLN N   CA   sing N N 119 
GLN N   H    sing N N 120 
GLN N   H2   sing N N 121 
GLN CA  C    sing N N 122 
GLN CA  CB   sing N N 123 
GLN CA  HA   sing N N 124 
GLN C   O    doub N N 125 
GLN C   OXT  sing N N 126 
GLN CB  CG   sing N N 127 
GLN CB  HB2  sing N N 128 
GLN CB  HB3  sing N N 129 
GLN CG  CD   sing N N 130 
GLN CG  HG2  sing N N 131 
GLN CG  HG3  sing N N 132 
GLN CD  OE1  doub N N 133 
GLN CD  NE2  sing N N 134 
GLN NE2 HE21 sing N N 135 
GLN NE2 HE22 sing N N 136 
GLN OXT HXT  sing N N 137 
GLU N   CA   sing N N 138 
GLU N   H    sing N N 139 
GLU N   H2   sing N N 140 
GLU CA  C    sing N N 141 
GLU CA  CB   sing N N 142 
GLU CA  HA   sing N N 143 
GLU C   O    doub N N 144 
GLU C   OXT  sing N N 145 
GLU CB  CG   sing N N 146 
GLU CB  HB2  sing N N 147 
GLU CB  HB3  sing N N 148 
GLU CG  CD   sing N N 149 
GLU CG  HG2  sing N N 150 
GLU CG  HG3  sing N N 151 
GLU CD  OE1  doub N N 152 
GLU CD  OE2  sing N N 153 
GLU OE2 HE2  sing N N 154 
GLU OXT HXT  sing N N 155 
GLY N   CA   sing N N 156 
GLY N   H    sing N N 157 
GLY N   H2   sing N N 158 
GLY CA  C    sing N N 159 
GLY CA  HA2  sing N N 160 
GLY CA  HA3  sing N N 161 
GLY C   O    doub N N 162 
GLY C   OXT  sing N N 163 
GLY OXT HXT  sing N N 164 
HIS N   CA   sing N N 165 
HIS N   H    sing N N 166 
HIS N   H2   sing N N 167 
HIS CA  C    sing N N 168 
HIS CA  CB   sing N N 169 
HIS CA  HA   sing N N 170 
HIS C   O    doub N N 171 
HIS C   OXT  sing N N 172 
HIS CB  CG   sing N N 173 
HIS CB  HB2  sing N N 174 
HIS CB  HB3  sing N N 175 
HIS CG  ND1  sing Y N 176 
HIS CG  CD2  doub Y N 177 
HIS ND1 CE1  doub Y N 178 
HIS ND1 HD1  sing N N 179 
HIS CD2 NE2  sing Y N 180 
HIS CD2 HD2  sing N N 181 
HIS CE1 NE2  sing Y N 182 
HIS CE1 HE1  sing N N 183 
HIS NE2 HE2  sing N N 184 
HIS OXT HXT  sing N N 185 
HOH O   H1   sing N N 186 
HOH O   H2   sing N N 187 
ILE N   CA   sing N N 188 
ILE N   H    sing N N 189 
ILE N   H2   sing N N 190 
ILE CA  C    sing N N 191 
ILE CA  CB   sing N N 192 
ILE CA  HA   sing N N 193 
ILE C   O    doub N N 194 
ILE C   OXT  sing N N 195 
ILE CB  CG1  sing N N 196 
ILE CB  CG2  sing N N 197 
ILE CB  HB   sing N N 198 
ILE CG1 CD1  sing N N 199 
ILE CG1 HG12 sing N N 200 
ILE CG1 HG13 sing N N 201 
ILE CG2 HG21 sing N N 202 
ILE CG2 HG22 sing N N 203 
ILE CG2 HG23 sing N N 204 
ILE CD1 HD11 sing N N 205 
ILE CD1 HD12 sing N N 206 
ILE CD1 HD13 sing N N 207 
ILE OXT HXT  sing N N 208 
LEU N   CA   sing N N 209 
LEU N   H    sing N N 210 
LEU N   H2   sing N N 211 
LEU CA  C    sing N N 212 
LEU CA  CB   sing N N 213 
LEU CA  HA   sing N N 214 
LEU C   O    doub N N 215 
LEU C   OXT  sing N N 216 
LEU CB  CG   sing N N 217 
LEU CB  HB2  sing N N 218 
LEU CB  HB3  sing N N 219 
LEU CG  CD1  sing N N 220 
LEU CG  CD2  sing N N 221 
LEU CG  HG   sing N N 222 
LEU CD1 HD11 sing N N 223 
LEU CD1 HD12 sing N N 224 
LEU CD1 HD13 sing N N 225 
LEU CD2 HD21 sing N N 226 
LEU CD2 HD22 sing N N 227 
LEU CD2 HD23 sing N N 228 
LEU OXT HXT  sing N N 229 
LYS N   CA   sing N N 230 
LYS N   H    sing N N 231 
LYS N   H2   sing N N 232 
LYS CA  C    sing N N 233 
LYS CA  CB   sing N N 234 
LYS CA  HA   sing N N 235 
LYS C   O    doub N N 236 
LYS C   OXT  sing N N 237 
LYS CB  CG   sing N N 238 
LYS CB  HB2  sing N N 239 
LYS CB  HB3  sing N N 240 
LYS CG  CD   sing N N 241 
LYS CG  HG2  sing N N 242 
LYS CG  HG3  sing N N 243 
LYS CD  CE   sing N N 244 
LYS CD  HD2  sing N N 245 
LYS CD  HD3  sing N N 246 
LYS CE  NZ   sing N N 247 
LYS CE  HE2  sing N N 248 
LYS CE  HE3  sing N N 249 
LYS NZ  HZ1  sing N N 250 
LYS NZ  HZ2  sing N N 251 
LYS NZ  HZ3  sing N N 252 
LYS OXT HXT  sing N N 253 
MET N   CA   sing N N 254 
MET N   H    sing N N 255 
MET N   H2   sing N N 256 
MET CA  C    sing N N 257 
MET CA  CB   sing N N 258 
MET CA  HA   sing N N 259 
MET C   O    doub N N 260 
MET C   OXT  sing N N 261 
MET CB  CG   sing N N 262 
MET CB  HB2  sing N N 263 
MET CB  HB3  sing N N 264 
MET CG  SD   sing N N 265 
MET CG  HG2  sing N N 266 
MET CG  HG3  sing N N 267 
MET SD  CE   sing N N 268 
MET CE  HE1  sing N N 269 
MET CE  HE2  sing N N 270 
MET CE  HE3  sing N N 271 
MET OXT HXT  sing N N 272 
PHE N   CA   sing N N 273 
PHE N   H    sing N N 274 
PHE N   H2   sing N N 275 
PHE CA  C    sing N N 276 
PHE CA  CB   sing N N 277 
PHE CA  HA   sing N N 278 
PHE C   O    doub N N 279 
PHE C   OXT  sing N N 280 
PHE CB  CG   sing N N 281 
PHE CB  HB2  sing N N 282 
PHE CB  HB3  sing N N 283 
PHE CG  CD1  doub Y N 284 
PHE CG  CD2  sing Y N 285 
PHE CD1 CE1  sing Y N 286 
PHE CD1 HD1  sing N N 287 
PHE CD2 CE2  doub Y N 288 
PHE CD2 HD2  sing N N 289 
PHE CE1 CZ   doub Y N 290 
PHE CE1 HE1  sing N N 291 
PHE CE2 CZ   sing Y N 292 
PHE CE2 HE2  sing N N 293 
PHE CZ  HZ   sing N N 294 
PHE OXT HXT  sing N N 295 
PRO N   CA   sing N N 296 
PRO N   CD   sing N N 297 
PRO N   H    sing N N 298 
PRO CA  C    sing N N 299 
PRO CA  CB   sing N N 300 
PRO CA  HA   sing N N 301 
PRO C   O    doub N N 302 
PRO C   OXT  sing N N 303 
PRO CB  CG   sing N N 304 
PRO CB  HB2  sing N N 305 
PRO CB  HB3  sing N N 306 
PRO CG  CD   sing N N 307 
PRO CG  HG2  sing N N 308 
PRO CG  HG3  sing N N 309 
PRO CD  HD2  sing N N 310 
PRO CD  HD3  sing N N 311 
PRO OXT HXT  sing N N 312 
SER N   CA   sing N N 313 
SER N   H    sing N N 314 
SER N   H2   sing N N 315 
SER CA  C    sing N N 316 
SER CA  CB   sing N N 317 
SER CA  HA   sing N N 318 
SER C   O    doub N N 319 
SER C   OXT  sing N N 320 
SER CB  OG   sing N N 321 
SER CB  HB2  sing N N 322 
SER CB  HB3  sing N N 323 
SER OG  HG   sing N N 324 
SER OXT HXT  sing N N 325 
THR N   CA   sing N N 326 
THR N   H    sing N N 327 
THR N   H2   sing N N 328 
THR CA  C    sing N N 329 
THR CA  CB   sing N N 330 
THR CA  HA   sing N N 331 
THR C   O    doub N N 332 
THR C   OXT  sing N N 333 
THR CB  OG1  sing N N 334 
THR CB  CG2  sing N N 335 
THR CB  HB   sing N N 336 
THR OG1 HG1  sing N N 337 
THR CG2 HG21 sing N N 338 
THR CG2 HG22 sing N N 339 
THR CG2 HG23 sing N N 340 
THR OXT HXT  sing N N 341 
TYR N   CA   sing N N 342 
TYR N   H    sing N N 343 
TYR N   H2   sing N N 344 
TYR CA  C    sing N N 345 
TYR CA  CB   sing N N 346 
TYR CA  HA   sing N N 347 
TYR C   O    doub N N 348 
TYR C   OXT  sing N N 349 
TYR CB  CG   sing N N 350 
TYR CB  HB2  sing N N 351 
TYR CB  HB3  sing N N 352 
TYR CG  CD1  doub Y N 353 
TYR CG  CD2  sing Y N 354 
TYR CD1 CE1  sing Y N 355 
TYR CD1 HD1  sing N N 356 
TYR CD2 CE2  doub Y N 357 
TYR CD2 HD2  sing N N 358 
TYR CE1 CZ   doub Y N 359 
TYR CE1 HE1  sing N N 360 
TYR CE2 CZ   sing Y N 361 
TYR CE2 HE2  sing N N 362 
TYR CZ  OH   sing N N 363 
TYR OH  HH   sing N N 364 
TYR OXT HXT  sing N N 365 
VAL N   CA   sing N N 366 
VAL N   H    sing N N 367 
VAL N   H2   sing N N 368 
VAL CA  C    sing N N 369 
VAL CA  CB   sing N N 370 
VAL CA  HA   sing N N 371 
VAL C   O    doub N N 372 
VAL C   OXT  sing N N 373 
VAL CB  CG1  sing N N 374 
VAL CB  CG2  sing N N 375 
VAL CB  HB   sing N N 376 
VAL CG1 HG11 sing N N 377 
VAL CG1 HG12 sing N N 378 
VAL CG1 HG13 sing N N 379 
VAL CG2 HG21 sing N N 380 
VAL CG2 HG22 sing N N 381 
VAL CG2 HG23 sing N N 382 
VAL OXT HXT  sing N N 383 
# 
_pdbx_initial_refinement_model.id               1 
_pdbx_initial_refinement_model.entity_id_list   ? 
_pdbx_initial_refinement_model.type             'experimental model' 
_pdbx_initial_refinement_model.source_name      PDB 
_pdbx_initial_refinement_model.accession_code   2PSR 
_pdbx_initial_refinement_model.details          'PDB ENTRY 2PSR' 
# 
_atom_sites.entry_id                    2WOR 
_atom_sites.fract_transf_matrix[1][1]   0.01800824 
_atom_sites.fract_transf_matrix[1][2]   -0.00499714 
_atom_sites.fract_transf_matrix[1][3]   0.00504234 
_atom_sites.fract_transf_matrix[2][1]   -0.00707506 
_atom_sites.fract_transf_matrix[2][2]   -0.01376288 
_atom_sites.fract_transf_matrix[2][3]   0.01162842 
_atom_sites.fract_transf_matrix[3][1]   0.00025698 
_atom_sites.fract_transf_matrix[3][2]   -0.00557937 
_atom_sites.fract_transf_matrix[3][3]   -0.00644713 
_atom_sites.fract_transf_vector[1]      0.291748 
_atom_sites.fract_transf_vector[2]      0.168463 
_atom_sites.fract_transf_vector[3]      0.072073 
# 
loop_
_atom_type.symbol 
C  
CA 
N  
O  
S  
ZN 
# 
loop_
_atom_site.group_PDB 
_atom_site.id 
_atom_site.type_symbol 
_atom_site.label_atom_id 
_atom_site.label_alt_id 
_atom_site.label_comp_id 
_atom_site.label_asym_id 
_atom_site.label_entity_id 
_atom_site.label_seq_id 
_atom_site.pdbx_PDB_ins_code 
_atom_site.Cartn_x 
_atom_site.Cartn_y 
_atom_site.Cartn_z 
_atom_site.occupancy 
_atom_site.B_iso_or_equiv 
_atom_site.pdbx_formal_charge 
_atom_site.auth_seq_id 
_atom_site.auth_comp_id 
_atom_site.auth_asym_id 
_atom_site.auth_atom_id 
_atom_site.pdbx_PDB_model_num 
ATOM   1   N  N   . SER A 1 1  ? -21.538 15.124  3.264   1.00 31.51 ? 1    SER A N   1 
ATOM   2   C  CA  . SER A 1 1  ? -21.594 15.236  4.753   1.00 26.96 ? 1    SER A CA  1 
ATOM   3   C  C   . SER A 1 1  ? -20.333 14.614  5.464   1.00 21.68 ? 1    SER A C   1 
ATOM   4   O  O   . SER A 1 1  ? -19.839 15.174  6.451   1.00 20.50 ? 1    SER A O   1 
ATOM   5   C  CB  . SER A 1 1  ? -22.941 14.754  5.296   1.00 32.21 ? 1    SER A CB  1 
ATOM   6   O  OG  . SER A 1 1  ? -22.976 14.756  6.730   1.00 36.58 ? 1    SER A OG  1 
ATOM   7   N  N   . ASN A 1 2  ? -19.748 13.575  4.893   1.00 18.68 ? 2    ASN A N   1 
ATOM   8   C  CA  . ASN A 1 2  ? -18.463 13.085  5.470   1.00 15.15 ? 2    ASN A CA  1 
ATOM   9   C  C   . ASN A 1 2  ? -17.360 14.130  5.417   1.00 15.60 ? 2    ASN A C   1 
ATOM   10  O  O   . ASN A 1 2  ? -17.210 14.945  4.438   1.00 17.97 ? 2    ASN A O   1 
ATOM   11  C  CB  . ASN A 1 2  ? -18.043 11.815  4.768   1.00 13.50 ? 2    ASN A CB  1 
ATOM   12  C  CG  . ASN A 1 2  ? -18.880 10.622  5.160   1.00 16.47 ? 2    ASN A CG  1 
ATOM   13  O  OD1 . ASN A 1 2  ? -19.402 10.505  6.292   1.00 21.33 ? 2    ASN A OD1 1 
ATOM   14  N  ND2 . ASN A 1 2  ? -18.966 9.654   4.213   1.00 21.07 ? 2    ASN A ND2 1 
ATOM   15  N  N   . THR A 1 3  ? -16.506 14.125  6.457   1.00 11.92 ? 3    THR A N   1 
ATOM   16  C  CA  . THR A 1 3  ? -15.349 14.982  6.415   1.00 11.44 ? 3    THR A CA  1 
ATOM   17  C  C   . THR A 1 3  ? -14.255 14.449  5.484   1.00 11.60 ? 3    THR A C   1 
ATOM   18  O  O   . THR A 1 3  ? -14.378 13.303  4.997   1.00 10.82 ? 3    THR A O   1 
ATOM   19  C  CB  . THR A 1 3  ? -14.652 15.013  7.817   1.00 10.71 ? 3    THR A CB  1 
ATOM   20  O  OG1 . THR A 1 3  ? -14.250 13.679  8.164   1.00 10.42 ? 3    THR A OG1 1 
ATOM   21  C  CG2 . THR A 1 3  ? -15.679 15.505  8.886   1.00 13.52 ? 3    THR A CG2 1 
ATOM   22  N  N   . GLN A 1 4  ? -13.178 15.225  5.298   1.00 10.10 ? 4    GLN A N   1 
ATOM   23  C  CA  . GLN A 1 4  ? -12.071 14.716  4.431   1.00 11.52 ? 4    GLN A CA  1 
ATOM   24  C  C   . GLN A 1 4  ? -11.490 13.457  5.051   1.00 9.14  ? 4    GLN A C   1 
ATOM   25  O  O   . GLN A 1 4  ? -11.148 12.529  4.329   1.00 9.03  ? 4    GLN A O   1 
ATOM   26  C  CB  . GLN A 1 4  ? -10.915 15.689  4.175   1.00 12.96 ? 4    GLN A CB  1 
ATOM   27  C  CG  . GLN A 1 4  ? -11.417 16.868  3.446   1.00 14.80 ? 4    GLN A CG  1 
ATOM   28  C  CD  . GLN A 1 4  ? -10.361 17.940  3.323   1.00 20.92 ? 4    GLN A CD  1 
ATOM   29  O  OE1 . GLN A 1 4  ? -10.057 18.675  4.336   1.00 20.66 ? 4    GLN A OE1 1 
ATOM   30  N  NE2 . GLN A 1 4  ? -9.826  18.082  2.081   1.00 21.11 ? 4    GLN A NE2 1 
ATOM   31  N  N   . ALA A 1 5  ? -11.376 13.437  6.383   1.00 8.96  ? 5    ALA A N   1 
ATOM   32  C  CA  . ALA A 1 5  ? -10.801 12.204  7.020   1.00 9.16  ? 5    ALA A CA  1 
ATOM   33  C  C   . ALA A 1 5  ? -11.696 10.996  6.883   1.00 8.38  ? 5    ALA A C   1 
ATOM   34  O  O   . ALA A 1 5  ? -11.213 9.928   6.510   1.00 8.36  ? 5    ALA A O   1 
ATOM   35  C  CB  . ALA A 1 5  ? -10.522 12.469  8.515   1.00 9.78  ? 5    ALA A CB  1 
ATOM   36  N  N   . GLU A 1 6  ? -13.018 11.180  7.031   1.00 7.51  ? 6    GLU A N   1 
ATOM   37  C  CA  . GLU A 1 6  ? -13.920 10.018  6.893   1.00 7.86  ? 6    GLU A CA  1 
ATOM   38  C  C   . GLU A 1 6  ? -13.912 9.583   5.414   1.00 8.39  ? 6    GLU A C   1 
ATOM   39  O  O   . GLU A 1 6  ? -13.864 8.376   5.159   1.00 10.39 ? 6    GLU A O   1 
ATOM   40  C  CB  . GLU A 1 6  ? -15.350 10.476  7.247   1.00 8.22  ? 6    GLU A CB  1 
ATOM   41  C  CG  . GLU A 1 6  ? -15.359 10.619  8.833   1.00 9.09  ? 6    GLU A CG  1 
ATOM   42  C  CD  . GLU A 1 6  ? -16.660 11.423  9.271   1.00 10.36 ? 6    GLU A CD  1 
ATOM   43  O  OE1 . GLU A 1 6  ? -17.276 12.204  8.452   1.00 14.17 ? 6    GLU A OE1 1 
ATOM   44  O  OE2 . GLU A 1 6  ? -17.043 11.204  10.469  1.00 9.98  ? 6    GLU A OE2 1 
ATOM   45  N  N   . ARG A 1 7  ? -13.941 10.576  4.483   1.00 8.52  ? 7    ARG A N   1 
ATOM   46  C  CA  . ARG A 1 7  ? -13.906 10.211  3.032   1.00 9.54  ? 7    ARG A CA  1 
ATOM   47  C  C   . ARG A 1 7  ? -12.640 9.472   2.662   1.00 11.40 ? 7    ARG A C   1 
ATOM   48  O  O   . ARG A 1 7  ? -12.693 8.524   1.837   1.00 12.88 ? 7    ARG A O   1 
ATOM   49  C  CB  . ARG A 1 7  ? -14.042 11.489  2.186   1.00 10.74 ? 7    ARG A CB  1 
ATOM   50  C  CG  . ARG A 1 7  ? -15.492 12.054  2.193   1.00 15.74 ? 7    ARG A CG  1 
ATOM   51  C  CD  . ARG A 1 7  ? -15.415 13.141  1.047   1.00 28.83 ? 7    ARG A CD  1 
ATOM   52  N  NE  . ARG A 1 7  ? -14.898 14.388  1.582   1.00 40.51 ? 7    ARG A NE  1 
ATOM   53  C  CZ  . ARG A 1 7  ? -15.688 15.413  1.876   1.00 46.96 ? 7    ARG A CZ  1 
ATOM   54  N  NH1 . ARG A 1 7  ? -17.001 15.299  1.608   1.00 50.55 ? 7    ARG A NH1 1 
ATOM   55  N  NH2 . ARG A 1 7  ? -15.188 16.540  2.394   1.00 47.81 ? 7    ARG A NH2 1 
ATOM   56  N  N   . SER A 1 8  ? -11.502 9.805   3.305   1.00 9.63  ? 8    SER A N   1 
ATOM   57  C  CA  . SER A 1 8  ? -10.235 9.107   3.009   1.00 10.17 ? 8    SER A CA  1 
ATOM   58  C  C   . SER A 1 8  ? -10.302 7.690   3.463   1.00 10.51 ? 8    SER A C   1 
ATOM   59  O  O   . SER A 1 8  ? -9.874  6.806   2.729   1.00 13.09 ? 8    SER A O   1 
ATOM   60  C  CB  . SER A 1 8  ? -9.081  9.810   3.757   1.00 11.99 ? 8    SER A CB  1 
ATOM   61  O  OG  . SER A 1 8  ? -8.893  11.070  3.172   1.00 15.29 ? 8    SER A OG  1 
ATOM   62  N  N   . ILE A 1 9  ? -10.827 7.451   4.668   1.00 8.81  ? 9    ILE A N   1 
ATOM   63  C  CA  . ILE A 1 9  ? -10.936 6.029   5.135   1.00 10.39 ? 9    ILE A CA  1 
ATOM   64  C  C   . ILE A 1 9  ? -11.877 5.217   4.269   1.00 9.19  ? 9    ILE A C   1 
ATOM   65  O  O   . ILE A 1 9  ? -11.522 4.069   3.834   1.00 9.98  ? 9    ILE A O   1 
ATOM   66  C  CB  . ILE A 1 9  ? -11.365 6.029   6.601   1.00 12.35 ? 9    ILE A CB  1 
ATOM   67  C  CG1 . ILE A 1 9  ? -10.314 6.742   7.432   1.00 14.98 ? 9    ILE A CG1 1 
ATOM   68  C  CG2 . ILE A 1 9  ? -11.768 4.542   7.057   1.00 14.89 ? 9    ILE A CG2 1 
ATOM   69  C  CD1 . ILE A 1 9  ? -9.855  6.161   8.755   1.00 23.97 ? 9    ILE A CD1 1 
ATOM   70  N  N   . ILE A 1 10 ? -13.069 5.791   3.986   1.00 7.77  ? 10   ILE A N   1 
ATOM   71  C  CA  . ILE A 1 10 ? -14.044 5.043   3.115   1.00 9.05  ? 10   ILE A CA  1 
ATOM   72  C  C   . ILE A 1 10 ? -13.412 4.819   1.731   1.00 9.78  ? 10   ILE A C   1 
ATOM   73  O  O   . ILE A 1 10 ? -13.557 3.717   1.155   1.00 12.27 ? 10   ILE A O   1 
ATOM   74  C  CB  . ILE A 1 10 ? -15.297 5.844   2.994   1.00 10.48 ? 10   ILE A CB  1 
ATOM   75  C  CG1 . ILE A 1 10 ? -15.996 5.795   4.356   1.00 12.45 ? 10   ILE A CG1 1 
ATOM   76  C  CG2 . ILE A 1 10 ? -16.229 5.229   1.932   1.00 12.30 ? 10   ILE A CG2 1 
ATOM   77  C  CD1 . ILE A 1 10 ? -17.132 6.829   4.561   1.00 14.64 ? 10   ILE A CD1 1 
ATOM   78  N  N   . GLY A 1 11 ? -12.681 5.830   1.215   1.00 10.50 ? 11   GLY A N   1 
ATOM   79  C  CA  . GLY A 1 11 ? -12.052 5.694   -0.104  1.00 11.15 ? 11   GLY A CA  1 
ATOM   80  C  C   . GLY A 1 11 ? -11.032 4.556   -0.093  1.00 11.37 ? 11   GLY A C   1 
ATOM   81  O  O   . GLY A 1 11 ? -10.920 3.819   -1.154  1.00 12.59 ? 11   GLY A O   1 
ATOM   82  N  N   . MET A 1 12 ? -10.229 4.430   0.954   1.00 12.60 ? 12   MET A N   1 
ATOM   83  C  CA  . MET A 1 12 ? -9.167  3.380   1.011   1.00 13.80 ? 12   MET A CA  1 
ATOM   84  C  C   . MET A 1 12 ? -9.808  1.975   1.076   1.00 12.54 ? 12   MET A C   1 
ATOM   85  O  O   . MET A 1 12 ? -9.281  1.037   0.457   1.00 12.07 ? 12   MET A O   1 
ATOM   86  C  CB  . MET A 1 12 ? -8.206  3.600   2.220   1.00 15.54 ? 12   MET A CB  1 
ATOM   87  C  CG  . MET A 1 12 ? -7.260  4.722   1.960   1.00 19.20 ? 12   MET A CG  1 
ATOM   88  S  SD  . MET A 1 12 ? -6.240  4.760   0.442   1.00 24.82 ? 12   MET A SD  1 
ATOM   89  C  CE  . MET A 1 12 ? -4.697  5.336   1.199   1.00 21.75 ? 12   MET A CE  1 
ATOM   90  N  N   . ILE A 1 13 ? -10.969 1.864   1.708   1.00 9.54  ? 13   ILE A N   1 
ATOM   91  C  CA  . ILE A 1 13 ? -11.702 0.559   1.781   1.00 9.81  ? 13   ILE A CA  1 
ATOM   92  C  C   . ILE A 1 13 ? -12.213 0.277   0.336   1.00 9.22  ? 13   ILE A C   1 
ATOM   93  O  O   . ILE A 1 13 ? -12.152 -0.870  -0.175  1.00 9.84  ? 13   ILE A O   1 
ATOM   94  C  CB  . ILE A 1 13 ? -12.789 0.613   2.813   1.00 11.44 ? 13   ILE A CB  1 
ATOM   95  C  CG1 . ILE A 1 13 ? -12.092 0.575   4.242   1.00 14.92 ? 13   ILE A CG1 1 
ATOM   96  C  CG2 . ILE A 1 13 ? -13.810 -0.561  2.595   1.00 12.99 ? 13   ILE A CG2 1 
ATOM   97  C  CD1 . ILE A 1 13 ? -13.013 1.258   5.228   1.00 19.56 ? 13   ILE A CD1 1 
ATOM   98  N  N   . ASP A 1 14 ? -12.801 1.290   -0.256  1.00 8.53  ? 14   ASP A N   1 
ATOM   99  C  CA  . ASP A 1 14 ? -13.338 1.065   -1.623  1.00 8.49  ? 14   ASP A CA  1 
ATOM   100 C  C   . ASP A 1 14 ? -12.206 0.727   -2.599  1.00 10.00 ? 14   ASP A C   1 
ATOM   101 O  O   . ASP A 1 14 ? -12.379 -0.174  -3.484  1.00 9.29  ? 14   ASP A O   1 
ATOM   102 C  CB  . ASP A 1 14 ? -14.117 2.351   -2.101  1.00 7.22  ? 14   ASP A CB  1 
ATOM   103 C  CG  . ASP A 1 14 ? -15.412 2.559   -1.305  1.00 8.14  ? 14   ASP A CG  1 
ATOM   104 O  OD1 . ASP A 1 14 ? -15.854 1.609   -0.595  1.00 12.12 ? 14   ASP A OD1 1 
ATOM   105 O  OD2 . ASP A 1 14 ? -15.944 3.716   -1.359  1.00 11.91 ? 14   ASP A OD2 1 
ATOM   106 N  N   . MET A 1 15 ? -11.050 1.411   -2.466  1.00 8.68  ? 15   MET A N   1 
ATOM   107 C  CA  . MET A 1 15 ? -9.861  1.010   -3.283  1.00 9.26  ? 15   MET A CA  1 
ATOM   108 C  C   . MET A 1 15 ? -9.482  -0.456  -3.028  1.00 10.65 ? 15   MET A C   1 
ATOM   109 O  O   . MET A 1 15 ? -9.226  -1.189  -4.029  1.00 10.20 ? 15   MET A O   1 
ATOM   110 C  CB  . MET A 1 15 ? -8.665  1.955   -2.943  1.00 9.00  ? 15   MET A CB  1 
ATOM   111 C  CG  . MET A 1 15 ? -7.416  1.670   -3.886  1.00 11.14 ? 15   MET A CG  1 
ATOM   112 S  SD  . MET A 1 15 ? -5.961  2.616   -3.271  1.00 13.60 ? 15   MET A SD  1 
ATOM   113 C  CE  . MET A 1 15 ? -5.545  1.780   -1.787  1.00 11.46 ? 15   MET A CE  1 
ATOM   114 N  N   . PHE A 1 16 ? -9.410  -0.932  -1.770  1.00 8.55  ? 16   PHE A N   1 
ATOM   115 C  CA  . PHE A 1 16 ? -9.112  -2.320  -1.495  1.00 8.60  ? 16   PHE A CA  1 
ATOM   116 C  C   . PHE A 1 16 ? -10.075 -3.244  -2.246  1.00 10.15 ? 16   PHE A C   1 
ATOM   117 O  O   . PHE A 1 16 ? -9.623  -4.225  -2.859  1.00 9.68  ? 16   PHE A O   1 
ATOM   118 C  CB  . PHE A 1 16 ? -9.341  -2.516  0.034   1.00 9.18  ? 16   PHE A CB  1 
ATOM   119 C  CG  . PHE A 1 16 ? -9.130  -3.927  0.548   1.00 7.64  ? 16   PHE A CG  1 
ATOM   120 C  CD1 . PHE A 1 16 ? -7.833  -4.487  0.617   1.00 10.22 ? 16   PHE A CD1 1 
ATOM   121 C  CD2 . PHE A 1 16 ? -10.228 -4.701  0.938   1.00 10.28 ? 16   PHE A CD2 1 
ATOM   122 C  CE1 . PHE A 1 16 ? -7.674  -5.811  1.118   1.00 11.74 ? 16   PHE A CE1 1 
ATOM   123 C  CE2 . PHE A 1 16 ? -10.111 -5.964  1.428   1.00 10.32 ? 16   PHE A CE2 1 
ATOM   124 C  CZ  . PHE A 1 16 ? -8.811  -6.530  1.538   1.00 12.26 ? 16   PHE A CZ  1 
ATOM   125 N  N   . HIS A 1 17 ? -11.355 -2.880  -2.227  1.00 8.30  ? 17   HIS A N   1 
ATOM   126 C  CA  . HIS A 1 17 ? -12.366 -3.734  -2.908  1.00 6.34  ? 17   HIS A CA  1 
ATOM   127 C  C   . HIS A 1 17 ? -12.291 -3.645  -4.440  1.00 9.63  ? 17   HIS A C   1 
ATOM   128 O  O   . HIS A 1 17 ? -13.017 -4.441  -5.053  1.00 10.06 ? 17   HIS A O   1 
ATOM   129 C  CB  . HIS A 1 17 ? -13.760 -3.327  -2.365  1.00 7.21  ? 17   HIS A CB  1 
ATOM   130 C  CG  . HIS A 1 17 ? -14.023 -3.891  -1.024  1.00 6.30  ? 17   HIS A CG  1 
ATOM   131 N  ND1 . HIS A 1 17 ? -14.901 -3.269  -0.138  1.00 9.99  ? 17   HIS A ND1 1 
ATOM   132 C  CD2 . HIS A 1 17 ? -13.566 -5.026  -0.428  1.00 7.82  ? 17   HIS A CD2 1 
ATOM   133 C  CE1 . HIS A 1 17 ? -14.984 -4.022  0.953   1.00 7.81  ? 17   HIS A CE1 1 
ATOM   134 N  NE2 . HIS A 1 17 ? -14.180 -5.091  0.830   1.00 11.04 ? 17   HIS A NE2 1 
ATOM   135 N  N   . LYS A 1 18 ? -11.555 -2.739  -5.092  1.00 8.03  ? 18   LYS A N   1 
ATOM   136 C  CA  . LYS A 1 18 ? -11.391 -2.869  -6.553  1.00 9.32  ? 18   LYS A CA  1 
ATOM   137 C  C   . LYS A 1 18 ? -10.537 -4.122  -6.840  1.00 9.52  ? 18   LYS A C   1 
ATOM   138 O  O   . LYS A 1 18 ? -10.591 -4.605  -8.009  1.00 11.16 ? 18   LYS A O   1 
ATOM   139 C  CB  . LYS A 1 18 ? -10.643 -1.602  -7.015  1.00 10.84 ? 18   LYS A CB  1 
ATOM   140 C  CG  . LYS A 1 18 ? -10.215 -1.374  -8.355  1.00 22.36 ? 18   LYS A CG  1 
ATOM   141 C  CD  . LYS A 1 18 ? -10.693 0.190   -8.545  1.00 25.12 ? 18   LYS A CD  1 
ATOM   142 C  CE  . LYS A 1 18 ? -9.687  1.145   -8.239  1.00 22.65 ? 18   LYS A CE  1 
ATOM   143 N  NZ  . LYS A 1 18 ? -8.980  1.736   -9.588  1.00 18.84 ? 18   LYS A NZ  1 
ATOM   144 N  N   . TYR A 1 19 ? -9.711  -4.556  -5.871  1.00 10.11 ? 19   TYR A N   1 
ATOM   145 C  CA  . TYR A 1 19 ? -8.637  -5.502  -6.226  1.00 8.88  ? 19   TYR A CA  1 
ATOM   146 C  C   . TYR A 1 19 ? -8.787  -6.867  -5.579  1.00 10.31 ? 19   TYR A C   1 
ATOM   147 O  O   . TYR A 1 19 ? -7.963  -7.775  -5.882  1.00 12.08 ? 19   TYR A O   1 
ATOM   148 C  CB  . TYR A 1 19 ? -7.245  -4.909  -5.835  1.00 11.61 ? 19   TYR A CB  1 
ATOM   149 C  CG  . TYR A 1 19 ? -6.976  -3.649  -6.557  1.00 8.85  ? 19   TYR A CG  1 
ATOM   150 C  CD1 . TYR A 1 19 ? -6.485  -3.600  -7.880  1.00 9.90  ? 19   TYR A CD1 1 
ATOM   151 C  CD2 . TYR A 1 19 ? -7.144  -2.379  -5.915  1.00 10.12 ? 19   TYR A CD2 1 
ATOM   152 C  CE1 . TYR A 1 19 ? -6.227  -2.355  -8.562  1.00 11.40 ? 19   TYR A CE1 1 
ATOM   153 C  CE2 . TYR A 1 19 ? -6.969  -1.187  -6.591  1.00 10.52 ? 19   TYR A CE2 1 
ATOM   154 C  CZ  . TYR A 1 19 ? -6.527  -1.127  -7.866  1.00 10.43 ? 19   TYR A CZ  1 
ATOM   155 O  OH  . TYR A 1 19 ? -6.221  0.004   -8.553  1.00 12.26 ? 19   TYR A OH  1 
ATOM   156 N  N   . THR A 1 20 ? -9.770  -7.049  -4.694  1.00 8.76  ? 20   THR A N   1 
ATOM   157 C  CA  . THR A 1 20 ? -9.962  -8.337  -3.982  1.00 9.22  ? 20   THR A CA  1 
ATOM   158 C  C   . THR A 1 20 ? -10.527 -9.391  -4.954  1.00 11.14 ? 20   THR A C   1 
ATOM   159 O  O   . THR A 1 20 ? -11.204 -9.039  -5.967  1.00 12.44 ? 20   THR A O   1 
ATOM   160 C  CB  . THR A 1 20 ? -10.991 -8.224  -2.841  1.00 10.55 ? 20   THR A CB  1 
ATOM   161 O  OG1 . THR A 1 20 ? -12.100 -7.423  -3.345  1.00 9.59  ? 20   THR A OG1 1 
ATOM   162 C  CG2 . THR A 1 20 ? -10.356 -7.448  -1.682  1.00 10.66 ? 20   THR A CG2 1 
ATOM   163 N  N   . ARG A 1 21 ? -10.231 -10.641 -4.650  1.00 13.03 ? 21   ARG A N   1 
ATOM   164 C  CA  . ARG A 1 21 ? -11.006 -11.788 -5.185  1.00 14.90 ? 21   ARG A CA  1 
ATOM   165 C  C   . ARG A 1 21 ? -12.208 -12.076 -4.326  1.00 14.06 ? 21   ARG A C   1 
ATOM   166 O  O   . ARG A 1 21 ? -12.562 -11.363 -3.347  1.00 12.39 ? 21   ARG A O   1 
ATOM   167 C  CB  . ARG A 1 21 ? -10.066 -13.042 -5.177  1.00 16.51 ? 21   ARG A CB  1 
ATOM   168 C  CG  . ARG A 1 21 ? -8.784  -12.824 -5.970  1.00 23.11 ? 21   ARG A CG  1 
ATOM   169 C  CD  . ARG A 1 21 ? -9.019  -12.742 -7.457  1.00 36.17 ? 21   ARG A CD  1 
ATOM   170 N  NE  . ARG A 1 21 ? -7.772  -12.491 -8.208  1.00 46.50 ? 21   ARG A NE  1 
ATOM   171 C  CZ  . ARG A 1 21 ? -7.688  -12.264 -9.538  1.00 52.13 ? 21   ARG A CZ  1 
ATOM   172 N  NH1 . ARG A 1 21 ? -8.783  -12.284 -10.316 1.00 52.51 ? 21   ARG A NH1 1 
ATOM   173 N  NH2 . ARG A 1 21 ? -6.486  -12.045 -10.106 1.00 51.97 ? 21   ARG A NH2 1 
ATOM   174 N  N   . ARG A 1 22 ? -12.901 -13.219 -4.620  1.00 14.05 ? 22   ARG A N   1 
ATOM   175 C  CA  . ARG A 1 22 ? -14.102 -13.515 -3.922  1.00 16.31 ? 22   ARG A CA  1 
ATOM   176 C  C   . ARG A 1 22 ? -13.913 -13.845 -2.454  1.00 16.19 ? 22   ARG A C   1 
ATOM   177 O  O   . ARG A 1 22 ? -14.876 -13.818 -1.704  1.00 19.26 ? 22   ARG A O   1 
ATOM   178 C  CB  . ARG A 1 22 ? -14.758 -14.761 -4.611  1.00 18.19 ? 22   ARG A CB  1 
ATOM   179 C  CG  . ARG A 1 22 ? -15.468 -14.397 -5.889  1.00 26.28 ? 22   ARG A CG  1 
ATOM   180 C  CD  . ARG A 1 22 ? -15.939 -15.660 -6.685  1.00 32.83 ? 22   ARG A CD  1 
ATOM   181 N  NE  . ARG A 1 22 ? -15.828 -15.513 -8.145  1.00 44.71 ? 22   ARG A NE  1 
ATOM   182 C  CZ  . ARG A 1 22 ? -16.837 -15.356 -9.015  1.00 50.56 ? 22   ARG A CZ  1 
ATOM   183 N  NH1 . ARG A 1 22 ? -18.137 -15.273 -8.633  1.00 52.00 ? 22   ARG A NH1 1 
ATOM   184 N  NH2 . ARG A 1 22 ? -16.523 -15.264 -10.310 1.00 51.54 ? 22   ARG A NH2 1 
ATOM   185 N  N   . ASP A 1 23 ? -12.662 -14.086 -2.000  1.00 14.09 ? 23   ASP A N   1 
ATOM   186 C  CA  . ASP A 1 23 ? -12.457 -14.333 -0.597  1.00 13.46 ? 23   ASP A CA  1 
ATOM   187 C  C   . ASP A 1 23 ? -12.080 -13.013 0.162   1.00 12.46 ? 23   ASP A C   1 
ATOM   188 O  O   . ASP A 1 23 ? -11.656 -13.118 1.316   1.00 11.99 ? 23   ASP A O   1 
ATOM   189 C  CB  . ASP A 1 23 ? -11.274 -15.321 -0.472  1.00 14.90 ? 23   ASP A CB  1 
ATOM   190 C  CG  . ASP A 1 23 ? -9.963  -14.762 -1.043  1.00 17.09 ? 23   ASP A CG  1 
ATOM   191 O  OD1 . ASP A 1 23 ? -9.902  -13.685 -1.696  1.00 14.23 ? 23   ASP A OD1 1 
ATOM   192 O  OD2 . ASP A 1 23 ? -8.870  -15.474 -0.915  1.00 22.85 ? 23   ASP A OD2 1 
ATOM   193 N  N   . ASP A 1 24 ? -12.321 -11.864 -0.470  1.00 13.99 ? 24   ASP A N   1 
ATOM   194 C  CA  . ASP A 1 24 ? -12.099 -10.537 0.160   1.00 10.92 ? 24   ASP A CA  1 
ATOM   195 C  C   . ASP A 1 24 ? -10.591 -10.357 0.474   1.00 11.29 ? 24   ASP A C   1 
ATOM   196 O  O   . ASP A 1 24 ? -10.221 -9.573  1.398   1.00 10.53 ? 24   ASP A O   1 
ATOM   197 C  CB  . ASP A 1 24 ? -12.892 -10.417 1.469   1.00 10.81 ? 24   ASP A CB  1 
ATOM   198 C  CG  . ASP A 1 24 ? -12.990 -8.961  1.952   1.00 11.34 ? 24   ASP A CG  1 
ATOM   199 O  OD1 . ASP A 1 24 ? -13.193 -8.032  1.129   1.00 10.66 ? 24   ASP A OD1 1 
ATOM   200 O  OD2 . ASP A 1 24 ? -12.874 -8.787  3.194   1.00 12.31 ? 24   ASP A OD2 1 
ATOM   201 N  N   . LYS A 1 25 ? -9.718  -11.013 -0.302  1.00 9.87  ? 25   LYS A N   1 
ATOM   202 C  CA  . LYS A 1 25 ? -8.250  -10.812 -0.169  1.00 9.85  ? 25   LYS A CA  1 
ATOM   203 C  C   . LYS A 1 25 ? -7.624  -10.519 -1.520  1.00 9.74  ? 25   LYS A C   1 
ATOM   204 O  O   . LYS A 1 25 ? -8.217  -10.818 -2.598  1.00 11.50 ? 25   LYS A O   1 
ATOM   205 C  CB  . LYS A 1 25 ? -7.639  -12.016 0.506   1.00 9.51  ? 25   LYS A CB  1 
ATOM   206 C  CG  . LYS A 1 25 ? -8.332  -12.473 1.721   1.00 11.73 ? 25   LYS A CG  1 
ATOM   207 C  CD  . LYS A 1 25 ? -7.570  -13.711 2.328   1.00 15.55 ? 25   LYS A CD  1 
ATOM   208 C  CE  . LYS A 1 25 ? -8.323  -14.144 3.539   1.00 21.58 ? 25   LYS A CE  1 
ATOM   209 N  NZ  . LYS A 1 25 ? -7.897  -15.523 4.011   1.00 29.28 ? 25   LYS A NZ  1 
ATOM   210 N  N   . ILE A 1 26 ? -6.438  -9.894  -1.532  1.00 8.99  ? 26   ILE A N   1 
ATOM   211 C  CA  . ILE A 1 26 ? -5.832  -9.460  -2.797  1.00 9.29  ? 26   ILE A CA  1 
ATOM   212 C  C   . ILE A 1 26 ? -4.673  -10.443 -3.093  1.00 9.69  ? 26   ILE A C   1 
ATOM   213 O  O   . ILE A 1 26 ? -3.762  -10.726 -2.243  1.00 10.65 ? 26   ILE A O   1 
ATOM   214 C  CB  . ILE A 1 26 ? -5.257  -8.048  -2.604  1.00 7.17  ? 26   ILE A CB  1 
ATOM   215 C  CG1 . ILE A 1 26 ? -6.430  -7.067  -2.323  1.00 10.84 ? 26   ILE A CG1 1 
ATOM   216 C  CG2 . ILE A 1 26 ? -4.542  -7.663  -3.841  1.00 9.00  ? 26   ILE A CG2 1 
ATOM   217 C  CD1 . ILE A 1 26 ? -5.914  -5.581  -2.088  1.00 9.28  ? 26   ILE A CD1 1 
ATOM   218 N  N   . ASP A 1 27 ? -4.663  -10.947 -4.325  1.00 9.70  ? 27   ASP A N   1 
ATOM   219 C  CA  . ASP A 1 27 ? -3.511  -11.826 -4.708  1.00 11.10 ? 27   ASP A CA  1 
ATOM   220 C  C   . ASP A 1 27 ? -2.295  -11.011 -5.169  1.00 11.26 ? 27   ASP A C   1 
ATOM   221 O  O   . ASP A 1 27 ? -2.316  -9.767  -5.277  1.00 11.49 ? 27   ASP A O   1 
ATOM   222 C  CB  . ASP A 1 27 ? -3.963  -12.854 -5.794  1.00 11.91 ? 27   ASP A CB  1 
ATOM   223 C  CG  . ASP A 1 27 ? -4.293  -12.223 -7.091  1.00 12.77 ? 27   ASP A CG  1 
ATOM   224 O  OD1 . ASP A 1 27 ? -3.895  -11.126 -7.455  1.00 13.25 ? 27   ASP A OD1 1 
ATOM   225 O  OD2 . ASP A 1 27 ? -4.909  -12.939 -7.956  1.00 18.82 ? 27   ASP A OD2 1 
ATOM   226 N  N   . LYS A 1 28 ? -1.156  -11.692 -5.419  1.00 11.57 ? 28   LYS A N   1 
ATOM   227 C  CA  . LYS A 1 28 ? 0.054   -10.892 -5.704  1.00 10.74 ? 28   LYS A CA  1 
ATOM   228 C  C   . LYS A 1 28 ? 0.018   -10.013 -6.929  1.00 9.83  ? 28   LYS A C   1 
ATOM   229 O  O   . LYS A 1 28 ? 0.363   -8.817  -6.860  1.00 10.64 ? 28   LYS A O   1 
ATOM   230 C  CB  . LYS A 1 28 ? 1.330   -11.855 -5.669  1.00 10.19 ? 28   LYS A CB  1 
ATOM   231 C  CG  . LYS A 1 28 ? 2.582   -11.072 -5.971  1.00 10.48 ? 28   LYS A CG  1 
ATOM   232 C  CD  . LYS A 1 28 ? 3.819   -11.969 -5.657  1.00 9.44  ? 28   LYS A CD  1 
ATOM   233 C  CE  . LYS A 1 28 ? 5.006   -11.243 -5.987  1.00 11.67 ? 28   LYS A CE  1 
ATOM   234 N  NZ  . LYS A 1 28 ? 6.199   -12.180 -5.690  1.00 12.71 ? 28   LYS A NZ  1 
ATOM   235 N  N   . PRO A 1 29 ? -0.435  -10.516 -8.111  1.00 10.59 ? 29   PRO A N   1 
ATOM   236 C  CA  . PRO A 1 29 ? -0.433  -9.587  -9.270  1.00 12.06 ? 29   PRO A CA  1 
ATOM   237 C  C   . PRO A 1 29 ? -1.404  -8.402  -9.070  1.00 10.02 ? 29   PRO A C   1 
ATOM   238 O  O   . PRO A 1 29 ? -1.052  -7.315  -9.503  1.00 10.29 ? 29   PRO A O   1 
ATOM   239 C  CB  . PRO A 1 29 ? -0.860  -10.495 -10.483 1.00 14.78 ? 29   PRO A CB  1 
ATOM   240 C  CG  . PRO A 1 29 ? -0.697  -11.896 -9.939  1.00 14.80 ? 29   PRO A CG  1 
ATOM   241 C  CD  . PRO A 1 29 ? -0.832  -11.911 -8.448  1.00 12.15 ? 29   PRO A CD  1 
ATOM   242 N  N   . SER A 1 30 ? -2.461  -8.645  -8.303  1.00 10.64 ? 30   SER A N   1 
ATOM   243 C  CA  . SER A 1 30 ? -3.484  -7.574  -8.079  1.00 10.38 ? 30   SER A CA  1 
ATOM   244 C  C   . SER A 1 30 ? -2.867  -6.561  -7.099  1.00 9.64  ? 30   SER A C   1 
ATOM   245 O  O   . SER A 1 30 ? -3.107  -5.336  -7.251  1.00 9.29  ? 30   SER A O   1 
ATOM   246 C  CB  . SER A 1 30 ? -4.756  -8.137  -7.500  1.00 12.02 ? 30   SER A CB  1 
ATOM   247 O  OG  . SER A 1 30 ? -5.371  -9.012  -8.554  1.00 17.36 ? 30   SER A OG  1 
ATOM   248 N  N   . LEU A 1 31 ? -2.090  -7.050  -6.147  1.00 8.94  ? 31   LEU A N   1 
ATOM   249 C  CA  . LEU A 1 31 ? -1.413  -6.069  -5.195  1.00 10.34 ? 31   LEU A CA  1 
ATOM   250 C  C   . LEU A 1 31 ? -0.465  -5.187  -5.951  1.00 11.07 ? 31   LEU A C   1 
ATOM   251 O  O   . LEU A 1 31 ? -0.410  -3.949  -5.691  1.00 9.44  ? 31   LEU A O   1 
ATOM   252 C  CB  . LEU A 1 31 ? -0.786  -6.766  -3.962  1.00 8.63  ? 31   LEU A CB  1 
ATOM   253 C  CG  . LEU A 1 31 ? -0.186  -5.778  -2.928  1.00 7.66  ? 31   LEU A CG  1 
ATOM   254 C  CD1 . LEU A 1 31 ? -1.341  -5.485  -2.039  1.00 11.61 ? 31   LEU A CD1 1 
ATOM   255 C  CD2 . LEU A 1 31 ? 0.993   -6.439  -2.123  1.00 8.23  ? 31   LEU A CD2 1 
ATOM   256 N  N   . LEU A 1 32 ? 0.344   -5.799  -6.825  1.00 10.43 ? 32   LEU A N   1 
ATOM   257 C  CA  . LEU A 1 32 ? 1.256   -5.002  -7.560  1.00 10.72 ? 32   LEU A CA  1 
ATOM   258 C  C   . LEU A 1 32 ? 0.575   -3.976  -8.506  1.00 8.79  ? 32   LEU A C   1 
ATOM   259 O  O   . LEU A 1 32 ? 1.027   -2.805  -8.555  1.00 11.32 ? 32   LEU A O   1 
ATOM   260 C  CB  . LEU A 1 32 ? 2.237   -5.936  -8.358  1.00 11.06 ? 32   LEU A CB  1 
ATOM   261 C  CG  . LEU A 1 32 ? 2.946   -6.943  -7.451  1.00 16.19 ? 32   LEU A CG  1 
ATOM   262 C  CD1 . LEU A 1 32 ? 3.927   -7.725  -8.447  1.00 15.64 ? 32   LEU A CD1 1 
ATOM   263 C  CD2 . LEU A 1 32 ? 3.618   -6.406  -6.181  1.00 17.42 ? 32   LEU A CD2 1 
ATOM   264 N  N   . THR A 1 33 ? -0.506  -4.377  -9.144  1.00 11.29 ? 33   THR A N   1 
ATOM   265 C  CA  . THR A 1 33 ? -1.332  -3.483  -9.921  1.00 12.28 ? 33   THR A CA  1 
ATOM   266 C  C   . THR A 1 33 ? -1.872  -2.310  -9.039  1.00 11.62 ? 33   THR A C   1 
ATOM   267 O  O   . THR A 1 33 ? -1.805  -1.147  -9.460  1.00 11.18 ? 33   THR A O   1 
ATOM   268 C  CB  . THR A 1 33 ? -2.426  -4.218  -10.643 1.00 14.79 ? 33   THR A CB  1 
ATOM   269 O  OG1 . THR A 1 33 ? -1.766  -5.135  -11.597 1.00 15.20 ? 33   THR A OG1 1 
ATOM   270 C  CG2 . THR A 1 33 ? -3.239  -3.210  -11.416 1.00 14.59 ? 33   THR A CG2 1 
ATOM   271 N  N   . MET A 1 34 ? -2.408  -2.663  -7.913  1.00 10.90 ? 34   MET A N   1 
ATOM   272 C  CA  . MET A 1 34 ? -2.925  -1.649  -6.941  1.00 7.57  ? 34   MET A CA  1 
ATOM   273 C  C   . MET A 1 34 ? -1.859  -0.605  -6.625  1.00 9.34  ? 34   MET A C   1 
ATOM   274 O  O   . MET A 1 34 ? -2.136  0.625   -6.667  1.00 9.25  ? 34   MET A O   1 
ATOM   275 C  CB  . MET A 1 34 ? -3.469  -2.348  -5.638  1.00 8.86  ? 34   MET A CB  1 
ATOM   276 C  CG  . MET A 1 34 ? -4.056  -1.347  -4.681  1.00 10.65 ? 34   MET A CG  1 
ATOM   277 S  SD  . MET A 1 34 ? -2.815  -0.517  -3.575  1.00 16.17 ? 34   MET A SD  1 
ATOM   278 C  CE  . MET A 1 34 ? -2.175  -1.956  -2.602  1.00 13.63 ? 34   MET A CE  1 
ATOM   279 N  N   . MET A 1 35 ? -0.621  -1.066  -6.371  1.00 9.61  ? 35   MET A N   1 
ATOM   280 C  CA  . MET A 1 35 ? 0.462   -0.127  -6.054  1.00 11.18 ? 35   MET A CA  1 
ATOM   281 C  C   . MET A 1 35 ? 0.785   0.784   -7.227  1.00 9.89  ? 35   MET A C   1 
ATOM   282 O  O   . MET A 1 35 ? 0.962   1.963   -7.058  1.00 9.75  ? 35   MET A O   1 
ATOM   283 C  CB  . MET A 1 35 ? 1.708   -0.913  -5.549  1.00 11.80 ? 35   MET A CB  1 
ATOM   284 C  CG  . MET A 1 35 ? 1.479   -1.566  -4.195  1.00 10.51 ? 35   MET A CG  1 
ATOM   285 S  SD  . MET A 1 35 ? 1.308   -0.357  -2.844  1.00 13.95 ? 35   MET A SD  1 
ATOM   286 C  CE  . MET A 1 35 ? 2.868   0.515   -2.900  1.00 14.90 ? 35   MET A CE  1 
ATOM   287 N  N   . LYS A 1 36 ? 0.908   0.189   -8.429  1.00 10.61 ? 36   LYS A N   1 
ATOM   288 C  CA  . LYS A 1 36 ? 1.271   0.978   -9.577  1.00 10.53 ? 36   LYS A CA  1 
ATOM   289 C  C   . LYS A 1 36 ? 0.180   2.050   -9.884  1.00 11.47 ? 36   LYS A C   1 
ATOM   290 O  O   . LYS A 1 36 ? 0.545   3.162   -10.363 1.00 13.63 ? 36   LYS A O   1 
ATOM   291 C  CB  . LYS A 1 36 ? 1.336   0.018   -10.775 1.00 11.43 ? 36   LYS A CB  1 
ATOM   292 C  CG  . LYS A 1 36 ? 2.679   -0.684  -10.813 1.00 16.68 ? 36   LYS A CG  1 
ATOM   293 C  CD  . LYS A 1 36 ? 2.644   -1.774  -11.935 1.00 18.99 ? 36   LYS A CD  1 
ATOM   294 C  CE  . LYS A 1 36 ? 3.836   -2.814  -11.827 1.00 29.79 ? 36   LYS A CE  1 
ATOM   295 N  NZ  . LYS A 1 36 ? 3.858   -3.736  -13.106 1.00 29.39 ? 36   LYS A NZ  1 
ATOM   296 N  N   . GLU A 1 37 ? -1.086  1.698   -9.671  1.00 10.81 ? 37   GLU A N   1 
ATOM   297 C  CA  . GLU A 1 37 ? -2.224  2.574   -10.040 1.00 11.54 ? 37   GLU A CA  1 
ATOM   298 C  C   . GLU A 1 37 ? -2.449  3.612   -8.974  1.00 12.62 ? 37   GLU A C   1 
ATOM   299 O  O   . GLU A 1 37 ? -2.914  4.719   -9.290  1.00 14.89 ? 37   GLU A O   1 
ATOM   300 C  CB  . GLU A 1 37 ? -3.471  1.743   -10.173 1.00 11.69 ? 37   GLU A CB  1 
ATOM   301 C  CG  . GLU A 1 37 ? -3.427  0.936   -11.502 1.00 13.55 ? 37   GLU A CG  1 
ATOM   302 C  CD  . GLU A 1 37 ? -4.705  0.107   -11.790 1.00 15.95 ? 37   GLU A CD  1 
ATOM   303 O  OE1 . GLU A 1 37 ? -5.629  -0.139  -10.990 1.00 17.06 ? 37   GLU A OE1 1 
ATOM   304 O  OE2 . GLU A 1 37 ? -4.771  -0.304  -13.019 1.00 23.38 ? 37   GLU A OE2 1 
ATOM   305 N  N   . ASN A 1 38 ? -2.151  3.241   -7.722  1.00 8.59  ? 38   ASN A N   1 
ATOM   306 C  CA  . ASN A 1 38 ? -2.544  4.156   -6.637  1.00 8.46  ? 38   ASN A CA  1 
ATOM   307 C  C   . ASN A 1 38 ? -1.397  4.824   -5.894  1.00 7.28  ? 38   ASN A C   1 
ATOM   308 O  O   . ASN A 1 38 ? -1.608  5.881   -5.238  1.00 9.08  ? 38   ASN A O   1 
ATOM   309 C  CB  . ASN A 1 38 ? -3.431  3.444   -5.605  1.00 9.13  ? 38   ASN A CB  1 
ATOM   310 C  CG  . ASN A 1 38 ? -4.756  3.010   -6.252  1.00 10.51 ? 38   ASN A CG  1 
ATOM   311 O  OD1 . ASN A 1 38 ? -5.705  3.793   -6.351  1.00 11.70 ? 38   ASN A OD1 1 
ATOM   312 N  ND2 . ASN A 1 38 ? -4.787  1.767   -6.735  1.00 9.62  ? 38   ASN A ND2 1 
ATOM   313 N  N   . PHE A 1 39 ? -0.175  4.295   -6.070  1.00 9.46  ? 39   PHE A N   1 
ATOM   314 C  CA  . PHE A 1 39 ? 0.971   4.926   -5.431  1.00 8.49  ? 39   PHE A CA  1 
ATOM   315 C  C   . PHE A 1 39 ? 2.143   5.167   -6.414  1.00 9.88  ? 39   PHE A C   1 
ATOM   316 O  O   . PHE A 1 39 ? 3.333   4.949   -6.043  1.00 11.09 ? 39   PHE A O   1 
ATOM   317 C  CB  . PHE A 1 39 ? 1.461   4.091   -4.222  1.00 10.84 ? 39   PHE A CB  1 
ATOM   318 C  CG  . PHE A 1 39 ? 0.424   4.035   -3.121  1.00 9.15  ? 39   PHE A CG  1 
ATOM   319 C  CD1 . PHE A 1 39 ? 0.264   5.136   -2.244  1.00 11.02 ? 39   PHE A CD1 1 
ATOM   320 C  CD2 . PHE A 1 39 ? -0.416  2.922   -3.011  1.00 10.47 ? 39   PHE A CD2 1 
ATOM   321 C  CE1 . PHE A 1 39 ? -0.814  5.071   -1.232  1.00 10.95 ? 39   PHE A CE1 1 
ATOM   322 C  CE2 . PHE A 1 39 ? -1.422  2.899   -1.991  1.00 10.49 ? 39   PHE A CE2 1 
ATOM   323 C  CZ  . PHE A 1 39 ? -1.593  4.001   -1.159  1.00 10.99 ? 39   PHE A CZ  1 
ATOM   324 N  N   . PRO A 1 40 ? 1.789   5.668   -7.626  1.00 11.06 ? 40   PRO A N   1 
ATOM   325 C  CA  . PRO A 1 40 ? 2.876   5.810   -8.596  1.00 12.34 ? 40   PRO A CA  1 
ATOM   326 C  C   . PRO A 1 40 ? 3.988   6.834   -8.198  1.00 13.69 ? 40   PRO A C   1 
ATOM   327 O  O   . PRO A 1 40 ? 5.178   6.658   -8.579  1.00 14.98 ? 40   PRO A O   1 
ATOM   328 C  CB  . PRO A 1 40 ? 2.125   6.192   -9.854  1.00 12.63 ? 40   PRO A CB  1 
ATOM   329 C  CG  . PRO A 1 40 ? 0.955   7.097   -9.360  1.00 11.41 ? 40   PRO A CG  1 
ATOM   330 C  CD  . PRO A 1 40 ? 0.524   6.210   -8.127  1.00 10.27 ? 40   PRO A CD  1 
ATOM   331 N  N   . ASN A 1 41 ? 3.595   7.941   -7.556  1.00 11.27 ? 41   ASN A N   1 
ATOM   332 C  CA  . ASN A 1 41 ? 4.564   8.913   -7.141  1.00 13.13 ? 41   ASN A CA  1 
ATOM   333 C  C   . ASN A 1 41 ? 5.440   8.414   -5.991  1.00 14.21 ? 41   ASN A C   1 
ATOM   334 O  O   . ASN A 1 41 ? 6.661   8.652   -5.967  1.00 13.24 ? 41   ASN A O   1 
ATOM   335 C  CB  . ASN A 1 41 ? 3.844   10.262  -6.829  1.00 13.03 ? 41   ASN A CB  1 
ATOM   336 C  CG  . ASN A 1 41 ? 3.125   10.777  -8.045  1.00 16.53 ? 41   ASN A CG  1 
ATOM   337 O  OD1 . ASN A 1 41 ? 3.787   11.127  -9.096  1.00 18.66 ? 41   ASN A OD1 1 
ATOM   338 N  ND2 . ASN A 1 41 ? 1.838   10.760  -8.027  1.00 13.84 ? 41   ASN A ND2 1 
ATOM   339 N  N   . PHE A 1 42 ? 4.823   7.671   -5.032  1.00 11.08 ? 42   PHE A N   1 
ATOM   340 C  CA  . PHE A 1 42 ? 5.571   7.066   -3.994  1.00 11.47 ? 42   PHE A CA  1 
ATOM   341 C  C   . PHE A 1 42 ? 6.589   6.049   -4.628  1.00 11.48 ? 42   PHE A C   1 
ATOM   342 O  O   . PHE A 1 42 ? 7.751   5.984   -4.246  1.00 12.90 ? 42   PHE A O   1 
ATOM   343 C  CB  . PHE A 1 42 ? 4.549   6.262   -3.125  1.00 11.56 ? 42   PHE A CB  1 
ATOM   344 C  CG  . PHE A 1 42 ? 5.223   5.383   -2.100  1.00 13.83 ? 42   PHE A CG  1 
ATOM   345 C  CD1 . PHE A 1 42 ? 5.713   5.910   -0.896  1.00 16.66 ? 42   PHE A CD1 1 
ATOM   346 C  CD2 . PHE A 1 42 ? 5.305   4.007   -2.335  1.00 14.26 ? 42   PHE A CD2 1 
ATOM   347 C  CE1 . PHE A 1 42 ? 6.383   5.084   0.045   1.00 20.34 ? 42   PHE A CE1 1 
ATOM   348 C  CE2 . PHE A 1 42 ? 5.952   3.136   -1.318  1.00 13.04 ? 42   PHE A CE2 1 
ATOM   349 C  CZ  . PHE A 1 42 ? 6.450   3.714   -0.158  1.00 14.05 ? 42   PHE A CZ  1 
ATOM   350 N  N   . LEU A 1 43 ? 6.136   5.270   -5.605  1.00 11.19 ? 43   LEU A N   1 
ATOM   351 C  CA  . LEU A 1 43 ? 6.969   4.211   -6.245  1.00 13.05 ? 43   LEU A CA  1 
ATOM   352 C  C   . LEU A 1 43 ? 8.103   4.898   -7.051  1.00 14.54 ? 43   LEU A C   1 
ATOM   353 O  O   . LEU A 1 43 ? 9.267   4.450   -6.980  1.00 15.47 ? 43   LEU A O   1 
ATOM   354 C  CB  . LEU A 1 43 ? 6.161   3.316   -7.216  1.00 15.17 ? 43   LEU A CB  1 
ATOM   355 C  CG  . LEU A 1 43 ? 5.240   2.281   -6.527  1.00 12.99 ? 43   LEU A CG  1 
ATOM   356 C  CD1 . LEU A 1 43 ? 4.522   1.434   -7.604  1.00 14.03 ? 43   LEU A CD1 1 
ATOM   357 C  CD2 . LEU A 1 43 ? 6.133   1.386   -5.486  1.00 13.74 ? 43   LEU A CD2 1 
ATOM   358 N  N   . SER A 1 44 ? 7.799   6.017   -7.657  1.00 15.83 ? 44   SER A N   1 
ATOM   359 C  CA  . SER A 1 44 ? 8.864   6.786   -8.412  1.00 17.05 ? 44   SER A CA  1 
ATOM   360 C  C   . SER A 1 44 ? 9.919   7.303   -7.475  1.00 18.60 ? 44   SER A C   1 
ATOM   361 O  O   . SER A 1 44 ? 11.164  7.261   -7.825  1.00 20.49 ? 44   SER A O   1 
ATOM   362 C  CB  . SER A 1 44 ? 8.203   7.943   -9.170  1.00 18.56 ? 44   SER A CB  1 
ATOM   363 O  OG  . SER A 1 44 ? 9.187   8.703   -9.856  1.00 29.81 ? 44   SER A OG  1 
ATOM   364 N  N   . ALA A 1 45 ? 9.520   7.768   -6.267  1.00 14.59 ? 45   ALA A N   1 
ATOM   365 C  CA  . ALA A 1 45 ? 10.507  8.325   -5.346  1.00 15.48 ? 45   ALA A CA  1 
ATOM   366 C  C   . ALA A 1 45 ? 11.408  7.163   -4.865  1.00 16.91 ? 45   ALA A C   1 
ATOM   367 O  O   . ALA A 1 45 ? 12.654  7.354   -4.740  1.00 19.29 ? 45   ALA A O   1 
ATOM   368 C  CB  . ALA A 1 45 ? 9.816   8.986   -4.217  1.00 14.26 ? 45   ALA A CB  1 
ATOM   369 N  N   . CYS A 1 46 ? 10.808  5.951   -4.666  1.00 17.06 ? 46   CYS A N   1 
ATOM   370 C  CA  . CYS A 1 46 ? 11.581  4.789   -4.288  1.00 16.13 ? 46   CYS A CA  1 
ATOM   371 C  C   . CYS A 1 46 ? 12.602  4.435   -5.377  1.00 18.33 ? 46   CYS A C   1 
ATOM   372 O  O   . CYS A 1 46 ? 13.792  4.213   -5.071  1.00 19.79 ? 46   CYS A O   1 
ATOM   373 C  CB  . CYS A 1 46 ? 10.674  3.574   -4.055  1.00 17.12 ? 46   CYS A CB  1 
ATOM   374 S  SG  . CYS A 1 46 ? 9.832   3.687   -2.441  1.00 20.66 ? 46   CYS A SG  1 
ATOM   375 N  N   . ASP A 1 47 ? 12.143  4.345   -6.620  1.00 19.50 ? 47   ASP A N   1 
ATOM   376 C  CA  . ASP A 1 47 ? 13.019  3.988   -7.780  1.00 23.05 ? 47   ASP A CA  1 
ATOM   377 C  C   . ASP A 1 47 ? 14.190  4.940   -7.837  1.00 24.99 ? 47   ASP A C   1 
ATOM   378 O  O   . ASP A 1 47 ? 15.312  4.490   -8.135  1.00 25.73 ? 47   ASP A O   1 
ATOM   379 C  CB  . ASP A 1 47 ? 12.276  4.153   -9.118  1.00 23.13 ? 47   ASP A CB  1 
ATOM   380 C  CG  . ASP A 1 47 ? 11.244  3.104   -9.345  1.00 31.54 ? 47   ASP A CG  1 
ATOM   381 O  OD1 . ASP A 1 47 ? 11.308  2.019   -8.692  1.00 32.65 ? 47   ASP A OD1 1 
ATOM   382 O  OD2 . ASP A 1 47 ? 10.411  3.349   -10.248 1.00 35.30 ? 47   ASP A OD2 1 
ATOM   383 N  N   . LYS A 1 48 ? 13.939  6.238   -7.597  1.00 24.95 ? 48   LYS A N   1 
ATOM   384 C  CA  . LYS A 1 48 ? 14.987  7.248   -7.761  1.00 27.79 ? 48   LYS A CA  1 
ATOM   385 C  C   . LYS A 1 48 ? 16.122  7.001   -6.798  1.00 28.03 ? 48   LYS A C   1 
ATOM   386 O  O   . LYS A 1 48 ? 17.269  7.413   -7.114  1.00 29.37 ? 48   LYS A O   1 
ATOM   387 C  CB  . LYS A 1 48 ? 14.484  8.657   -7.536  1.00 27.84 ? 48   LYS A CB  1 
ATOM   388 C  CG  . LYS A 1 48 ? 13.909  9.336   -8.786  1.00 36.42 ? 48   LYS A CG  1 
ATOM   389 C  CD  . LYS A 1 48 ? 13.753  10.838  -8.476  1.00 43.53 ? 48   LYS A CD  1 
ATOM   390 C  CE  . LYS A 1 48 ? 12.321  11.383  -8.817  1.00 47.53 ? 48   LYS A CE  1 
ATOM   391 N  NZ  . LYS A 1 48 ? 11.574  10.629  -9.872  1.00 50.44 ? 48   LYS A NZ  1 
ATOM   392 N  N   . LYS A 1 49 ? 15.816  6.361   -5.641  1.00 27.29 ? 49   LYS A N   1 
ATOM   393 C  CA  . LYS A 1 49 ? 16.758  6.030   -4.574  1.00 27.60 ? 49   LYS A CA  1 
ATOM   394 C  C   . LYS A 1 49 ? 17.336  4.606   -4.695  1.00 27.19 ? 49   LYS A C   1 
ATOM   395 O  O   . LYS A 1 49 ? 18.046  4.169   -3.753  1.00 29.39 ? 49   LYS A O   1 
ATOM   396 C  CB  . LYS A 1 49 ? 16.065  6.136   -3.201  1.00 28.59 ? 49   LYS A CB  1 
ATOM   397 C  CG  . LYS A 1 49 ? 15.851  7.538   -2.700  1.00 33.67 ? 49   LYS A CG  1 
ATOM   398 C  CD  . LYS A 1 49 ? 17.220  8.181   -2.204  1.00 43.03 ? 49   LYS A CD  1 
ATOM   399 C  CE  . LYS A 1 49 ? 17.033  9.622   -1.783  1.00 44.56 ? 49   LYS A CE  1 
ATOM   400 N  NZ  . LYS A 1 49 ? 15.648  9.615   -1.197  1.00 47.21 ? 49   LYS A NZ  1 
ATOM   401 N  N   . GLY A 1 50 ? 17.006  3.903   -5.796  1.00 25.11 ? 50   GLY A N   1 
ATOM   402 C  CA  . GLY A 1 50 ? 17.533  2.575   -6.094  1.00 24.25 ? 50   GLY A CA  1 
ATOM   403 C  C   . GLY A 1 50 ? 16.791  1.455   -5.382  1.00 24.23 ? 50   GLY A C   1 
ATOM   404 O  O   . GLY A 1 50 ? 17.359  0.377   -5.191  1.00 25.56 ? 50   GLY A O   1 
ATOM   405 N  N   . THR A 1 51 ? 15.516  1.686   -5.037  1.00 20.83 ? 51   THR A N   1 
ATOM   406 C  CA  . THR A 1 51 ? 14.672  0.673   -4.348  1.00 18.50 ? 51   THR A CA  1 
ATOM   407 C  C   . THR A 1 51 ? 13.499  0.340   -5.223  1.00 18.05 ? 51   THR A C   1 
ATOM   408 O  O   . THR A 1 51 ? 12.735  1.236   -5.632  1.00 18.46 ? 51   THR A O   1 
ATOM   409 C  CB  . THR A 1 51 ? 14.176  1.204   -2.972  1.00 20.42 ? 51   THR A CB  1 
ATOM   410 O  OG1 . THR A 1 51 ? 15.298  1.373   -2.068  1.00 21.98 ? 51   THR A OG1 1 
ATOM   411 C  CG2 . THR A 1 51 ? 13.053  0.285   -2.310  1.00 19.43 ? 51   THR A CG2 1 
ATOM   412 N  N   . ASN A 1 52 ? 13.329  -0.926  -5.555  1.00 16.28 ? 52   ASN A N   1 
ATOM   413 C  CA  . ASN A 1 52 ? 12.189  -1.371  -6.337  1.00 15.98 ? 52   ASN A CA  1 
ATOM   414 C  C   . ASN A 1 52 ? 11.235  -1.919  -5.311  1.00 16.18 ? 52   ASN A C   1 
ATOM   415 O  O   . ASN A 1 52 ? 11.330  -3.069  -4.890  1.00 15.69 ? 52   ASN A O   1 
ATOM   416 C  CB  . ASN A 1 52 ? 12.505  -2.461  -7.331  1.00 20.58 ? 52   ASN A CB  1 
ATOM   417 C  CG  . ASN A 1 52 ? 11.325  -2.824  -8.196  1.00 23.38 ? 52   ASN A CG  1 
ATOM   418 O  OD1 . ASN A 1 52 ? 11.563  -3.189  -9.396  1.00 33.53 ? 52   ASN A OD1 1 
ATOM   419 N  ND2 . ASN A 1 52 ? 10.006  -2.711  -7.689  1.00 24.04 ? 52   ASN A ND2 1 
ATOM   420 N  N   . TYR A 1 53 ? 10.316  -1.050  -4.853  1.00 13.16 ? 53   TYR A N   1 
ATOM   421 C  CA  . TYR A 1 53 ? 9.454   -1.513  -3.764  1.00 12.23 ? 53   TYR A CA  1 
ATOM   422 C  C   . TYR A 1 53 ? 8.560   -2.713  -4.075  1.00 11.16 ? 53   TYR A C   1 
ATOM   423 O  O   . TYR A 1 53 ? 8.138   -3.398  -3.102  1.00 13.17 ? 53   TYR A O   1 
ATOM   424 C  CB  . TYR A 1 53 ? 8.513   -0.264  -3.443  1.00 12.76 ? 53   TYR A CB  1 
ATOM   425 C  CG  . TYR A 1 53 ? 7.891   -0.215  -2.084  1.00 13.27 ? 53   TYR A CG  1 
ATOM   426 C  CD1 . TYR A 1 53 ? 8.580   0.402   -1.034  1.00 12.38 ? 53   TYR A CD1 1 
ATOM   427 C  CD2 . TYR A 1 53 ? 6.535   -0.694  -1.877  1.00 15.00 ? 53   TYR A CD2 1 
ATOM   428 C  CE1 . TYR A 1 53 ? 7.984   0.500   0.239   1.00 14.77 ? 53   TYR A CE1 1 
ATOM   429 C  CE2 . TYR A 1 53 ? 5.943   -0.594  -0.597  1.00 12.23 ? 53   TYR A CE2 1 
ATOM   430 C  CZ  . TYR A 1 53 ? 6.658   -0.005  0.441   1.00 14.30 ? 53   TYR A CZ  1 
ATOM   431 O  OH  . TYR A 1 53 ? 6.139   0.105   1.752   1.00 18.46 ? 53   TYR A OH  1 
ATOM   432 N  N   . LEU A 1 54 ? 8.208   -2.962  -5.366  1.00 9.81  ? 54   LEU A N   1 
ATOM   433 C  CA  . LEU A 1 54 ? 7.298   -4.038  -5.707  1.00 10.22 ? 54   LEU A CA  1 
ATOM   434 C  C   . LEU A 1 54 ? 8.057   -5.389  -5.687  1.00 9.74  ? 54   LEU A C   1 
ATOM   435 O  O   . LEU A 1 54 ? 7.432   -6.405  -5.779  1.00 13.51 ? 54   LEU A O   1 
ATOM   436 C  CB  . LEU A 1 54 ? 6.682   -3.781  -7.053  1.00 12.13 ? 54   LEU A CB  1 
ATOM   437 C  CG  . LEU A 1 54 ? 5.917   -2.455  -7.156  1.00 16.22 ? 54   LEU A CG  1 
ATOM   438 C  CD1 . LEU A 1 54 ? 5.105   -2.417  -8.470  1.00 18.43 ? 54   LEU A CD1 1 
ATOM   439 C  CD2 . LEU A 1 54 ? 4.957   -2.260  -5.986  1.00 18.91 ? 54   LEU A CD2 1 
ATOM   440 N  N   . ALA A 1 55 ? 9.378   -5.342  -5.668  1.00 10.86 ? 55   ALA A N   1 
ATOM   441 C  CA  . ALA A 1 55 ? 10.082  -6.675  -5.713  1.00 10.47 ? 55   ALA A CA  1 
ATOM   442 C  C   . ALA A 1 55 ? 9.692   -7.515  -4.487  1.00 10.09 ? 55   ALA A C   1 
ATOM   443 O  O   . ALA A 1 55 ? 9.538   -8.780  -4.596  1.00 12.46 ? 55   ALA A O   1 
ATOM   444 C  CB  . ALA A 1 55 ? 11.607  -6.443  -5.771  1.00 9.01  ? 55   ALA A CB  1 
ATOM   445 N  N   . ASP A 1 56 ? 9.654   -6.866  -3.300  1.00 9.84  ? 56   ASP A N   1 
ATOM   446 C  CA  . ASP A 1 56 ? 9.414   -7.604  -2.055  1.00 8.63  ? 56   ASP A CA  1 
ATOM   447 C  C   . ASP A 1 56 ? 8.173   -7.296  -1.245  1.00 8.31  ? 56   ASP A C   1 
ATOM   448 O  O   . ASP A 1 56 ? 7.950   -7.979  -0.221  1.00 9.37  ? 56   ASP A O   1 
ATOM   449 C  CB  . ASP A 1 56 ? 10.624  -7.447  -1.103  1.00 9.16  ? 56   ASP A CB  1 
ATOM   450 C  CG  . ASP A 1 56 ? 10.805  -6.003  -0.611  1.00 14.07 ? 56   ASP A CG  1 
ATOM   451 O  OD1 . ASP A 1 56 ? 10.326  -5.073  -1.328  1.00 12.38 ? 56   ASP A OD1 1 
ATOM   452 O  OD2 . ASP A 1 56 ? 11.482  -5.819  0.429   1.00 13.28 ? 56   ASP A OD2 1 
ATOM   453 N  N   . VAL A 1 57 ? 7.377   -6.342  -1.771  1.00 8.37  ? 57   VAL A N   1 
ATOM   454 C  CA  . VAL A 1 57 ? 6.244   -5.922  -0.879  1.00 8.00  ? 57   VAL A CA  1 
ATOM   455 C  C   . VAL A 1 57 ? 5.321   -7.042  -0.534  1.00 7.30  ? 57   VAL A C   1 
ATOM   456 O  O   . VAL A 1 57 ? 4.847   -7.178  0.662   1.00 8.03  ? 57   VAL A O   1 
ATOM   457 C  CB  . VAL A 1 57 ? 5.549   -4.668  -1.506  1.00 7.64  ? 57   VAL A CB  1 
ATOM   458 C  CG1 . VAL A 1 57 ? 4.900   -5.033  -2.819  1.00 9.18  ? 57   VAL A CG1 1 
ATOM   459 C  CG2 . VAL A 1 57 ? 4.431   -4.134  -0.523  1.00 9.69  ? 57   VAL A CG2 1 
ATOM   460 N  N   . PHE A 1 58 ? 4.997   -7.924  -1.511  1.00 8.18  ? 58   PHE A N   1 
ATOM   461 C  CA  . PHE A 1 58 ? 4.057   -8.980  -1.190  1.00 8.85  ? 58   PHE A CA  1 
ATOM   462 C  C   . PHE A 1 58 ? 4.609   -9.962  -0.117  1.00 7.86  ? 58   PHE A C   1 
ATOM   463 O  O   . PHE A 1 58 ? 3.901   -10.333 0.841   1.00 9.69  ? 58   PHE A O   1 
ATOM   464 C  CB  . PHE A 1 58 ? 3.716   -9.739  -2.500  1.00 7.94  ? 58   PHE A CB  1 
ATOM   465 C  CG  . PHE A 1 58 ? 2.602   -10.729 -2.302  1.00 10.13 ? 58   PHE A CG  1 
ATOM   466 C  CD1 . PHE A 1 58 ? 1.288   -10.336 -2.436  1.00 10.14 ? 58   PHE A CD1 1 
ATOM   467 C  CD2 . PHE A 1 58 ? 2.886   -12.057 -1.918  1.00 10.02 ? 58   PHE A CD2 1 
ATOM   468 C  CE1 . PHE A 1 58 ? 0.208   -11.199 -2.246  1.00 10.79 ? 58   PHE A CE1 1 
ATOM   469 C  CE2 . PHE A 1 58 ? 1.798   -13.004 -1.630  1.00 13.07 ? 58   PHE A CE2 1 
ATOM   470 C  CZ  . PHE A 1 58 ? 0.409   -12.550 -1.814  1.00 13.56 ? 58   PHE A CZ  1 
ATOM   471 N  N   . GLU A 1 59 ? 5.901   -10.309 -0.247  1.00 10.09 ? 59   GLU A N   1 
ATOM   472 C  CA  . GLU A 1 59 ? 6.464   -11.212 0.715   1.00 8.32  ? 59   GLU A CA  1 
ATOM   473 C  C   . GLU A 1 59 ? 6.688   -10.621 2.123   1.00 8.82  ? 59   GLU A C   1 
ATOM   474 O  O   . GLU A 1 59 ? 6.510   -11.306 3.137   1.00 9.67  ? 59   GLU A O   1 
ATOM   475 C  CB  . GLU A 1 59 ? 7.810   -11.702 0.182   1.00 9.47  ? 59   GLU A CB  1 
ATOM   476 C  CG  . GLU A 1 59 ? 7.584   -12.669 -1.054  1.00 10.81 ? 59   GLU A CG  1 
ATOM   477 C  CD  . GLU A 1 59 ? 7.115   -12.006 -2.310  1.00 9.08  ? 59   GLU A CD  1 
ATOM   478 O  OE1 . GLU A 1 59 ? 7.613   -10.828 -2.613  1.00 10.33 ? 59   GLU A OE1 1 
ATOM   479 O  OE2 . GLU A 1 59 ? 6.279   -12.676 -3.044  1.00 12.58 ? 59   GLU A OE2 1 
ATOM   480 N  N   . LYS A 1 60 ? 6.959   -9.327  2.127   1.00 8.44  ? 60   LYS A N   1 
ATOM   481 C  CA  . LYS A 1 60 ? 7.006   -8.649  3.372   1.00 8.69  ? 60   LYS A CA  1 
ATOM   482 C  C   . LYS A 1 60 ? 5.660   -8.535  4.119   1.00 8.09  ? 60   LYS A C   1 
ATOM   483 O  O   . LYS A 1 60 ? 5.656   -8.519  5.398   1.00 10.26 ? 60   LYS A O   1 
ATOM   484 C  CB  . LYS A 1 60 ? 7.616   -7.260  3.197   1.00 9.81  ? 60   LYS A CB  1 
ATOM   485 C  CG  . LYS A 1 60 ? 9.138   -7.252  2.728   1.00 9.40  ? 60   LYS A CG  1 
ATOM   486 C  CD  . LYS A 1 60 ? 10.031  -7.891  3.835   1.00 11.26 ? 60   LYS A CD  1 
ATOM   487 C  CE  . LYS A 1 60 ? 11.494  -7.387  3.689   1.00 10.91 ? 60   LYS A CE  1 
ATOM   488 N  NZ  . LYS A 1 60 ? 12.066  -7.552  2.352   1.00 11.00 ? 60   LYS A NZ  1 
ATOM   489 N  N   . LYS A 1 61 ? 4.589   -8.324  3.325   1.00 8.22  ? 61   LYS A N   1 
ATOM   490 C  CA  . LYS A 1 61 ? 3.333   -7.961  3.993   1.00 9.04  ? 61   LYS A CA  1 
ATOM   491 C  C   . LYS A 1 61 ? 2.388   -9.148  4.162   1.00 7.82  ? 61   LYS A C   1 
ATOM   492 O  O   . LYS A 1 61 ? 1.393   -9.051  4.892   1.00 9.82  ? 61   LYS A O   1 
ATOM   493 C  CB  . LYS A 1 61 ? 2.605   -6.894  3.227   1.00 8.63  ? 61   LYS A CB  1 
ATOM   494 C  CG  . LYS A 1 61 ? 3.500   -5.590  3.239   1.00 10.59 ? 61   LYS A CG  1 
ATOM   495 C  CD  . LYS A 1 61 ? 4.159   -5.179  4.623   1.00 13.52 ? 61   LYS A CD  1 
ATOM   496 C  CE  . LYS A 1 61 ? 3.048   -4.844  5.578   1.00 13.02 ? 61   LYS A CE  1 
ATOM   497 N  NZ  . LYS A 1 61 ? 4.011   -4.358  6.781   1.00 14.35 ? 61   LYS A NZ  1 
ATOM   498 N  N   . ASP A 1 62 ? 2.668   -10.243 3.418   1.00 9.22  ? 62   ASP A N   1 
ATOM   499 C  CA  . ASP A 1 62 ? 1.892   -11.473 3.606   1.00 9.96  ? 62   ASP A CA  1 
ATOM   500 C  C   . ASP A 1 62 ? 2.314   -12.213 4.865   1.00 11.09 ? 62   ASP A C   1 
ATOM   501 O  O   . ASP A 1 62 ? 3.068   -13.200 4.826   1.00 9.69  ? 62   ASP A O   1 
ATOM   502 C  CB  . ASP A 1 62 ? 1.925   -12.367 2.344   1.00 9.61  ? 62   ASP A CB  1 
ATOM   503 C  CG  . ASP A 1 62 ? 1.123   -13.671 2.534   1.00 11.34 ? 62   ASP A CG  1 
ATOM   504 O  OD1 . ASP A 1 62 ? 0.209   -13.768 3.419   1.00 9.16  ? 62   ASP A OD1 1 
ATOM   505 O  OD2 . ASP A 1 62 ? 1.593   -14.600 1.802   1.00 10.25 ? 62   ASP A OD2 1 
ATOM   506 N  N   . LYS A 1 63 ? 1.896   -11.709 6.014   1.00 8.47  ? 63   LYS A N   1 
ATOM   507 C  CA  . LYS A 1 63 ? 2.488   -12.079 7.332   1.00 12.35 ? 63   LYS A CA  1 
ATOM   508 C  C   . LYS A 1 63 ? 2.203   -13.555 7.612   1.00 11.92 ? 63   LYS A C   1 
ATOM   509 O  O   . LYS A 1 63 ? 3.092   -14.272 8.110   1.00 14.07 ? 63   LYS A O   1 
ATOM   510 C  CB  . LYS A 1 63 ? 1.891   -11.162 8.385   1.00 13.37 ? 63   LYS A CB  1 
ATOM   511 C  CG  . LYS A 1 63 ? 2.413   -11.426 9.785   1.00 18.74 ? 63   LYS A CG  1 
ATOM   512 C  CD  . LYS A 1 63 ? 1.770   -10.356 10.684  1.00 22.33 ? 63   LYS A CD  1 
ATOM   513 C  CE  . LYS A 1 63 ? 1.827   -10.698 12.192  1.00 29.88 ? 63   LYS A CE  1 
ATOM   514 N  NZ  . LYS A 1 63 ? 3.216   -10.417 12.598  1.00 39.03 ? 63   LYS A NZ  1 
ATOM   515 N  N   . ASN A 1 64 ? 0.975   -14.022 7.260   1.00 10.78 ? 64   ASN A N   1 
ATOM   516 C  CA  . ASN A 1 64 ? 0.595   -15.391 7.636   1.00 10.56 ? 64   ASN A CA  1 
ATOM   517 C  C   . ASN A 1 64 ? 0.937   -16.388 6.487   1.00 10.70 ? 64   ASN A C   1 
ATOM   518 O  O   . ASN A 1 64 ? 0.629   -17.650 6.593   1.00 13.35 ? 64   ASN A O   1 
ATOM   519 C  CB  . ASN A 1 64 ? -0.900  -15.508 8.053   1.00 11.41 ? 64   ASN A CB  1 
ATOM   520 C  CG  . ASN A 1 64 ? -1.842  -15.256 6.902   1.00 12.28 ? 64   ASN A CG  1 
ATOM   521 O  OD1 . ASN A 1 64 ? -1.454  -14.794 5.830   1.00 10.16 ? 64   ASN A OD1 1 
ATOM   522 N  ND2 . ASN A 1 64 ? -3.155  -15.588 7.118   1.00 19.50 ? 64   ASN A ND2 1 
ATOM   523 N  N   . GLU A 1 65 ? 1.572   -15.904 5.430   1.00 9.77  ? 65   GLU A N   1 
ATOM   524 C  CA  . GLU A 1 65 ? 2.079   -16.754 4.289   1.00 10.85 ? 65   GLU A CA  1 
ATOM   525 C  C   . GLU A 1 65 ? 1.009   -17.626 3.646   1.00 12.65 ? 65   GLU A C   1 
ATOM   526 O  O   . GLU A 1 65 ? 1.279   -18.795 3.238   1.00 14.17 ? 65   GLU A O   1 
ATOM   527 C  CB  . GLU A 1 65 ? 3.273   -17.589 4.780   1.00 11.57 ? 65   GLU A CB  1 
ATOM   528 C  CG  . GLU A 1 65 ? 4.377   -16.662 5.347   1.00 10.43 ? 65   GLU A CG  1 
ATOM   529 C  CD  . GLU A 1 65 ? 5.716   -17.282 5.756   1.00 12.82 ? 65   GLU A CD  1 
ATOM   530 O  OE1 . GLU A 1 65 ? 5.772   -18.569 5.679   1.00 13.93 ? 65   GLU A OE1 1 
ATOM   531 O  OE2 . GLU A 1 65 ? 6.643   -16.538 6.209   1.00 14.37 ? 65   GLU A OE2 1 
ATOM   532 N  N   . ASP A 1 66 ? -0.210  -17.113 3.559   1.00 10.12 ? 66   ASP A N   1 
ATOM   533 C  CA  . ASP A 1 66 ? -1.253  -17.808 2.826   1.00 13.77 ? 66   ASP A CA  1 
ATOM   534 C  C   . ASP A 1 66 ? -1.326  -17.376 1.371   1.00 11.63 ? 66   ASP A C   1 
ATOM   535 O  O   . ASP A 1 66 ? -2.255  -17.749 0.633   1.00 13.42 ? 66   ASP A O   1 
ATOM   536 C  CB  . ASP A 1 66 ? -2.613  -17.657 3.568   1.00 12.92 ? 66   ASP A CB  1 
ATOM   537 C  CG  . ASP A 1 66 ? -3.178  -16.222 3.600   1.00 12.17 ? 66   ASP A CG  1 
ATOM   538 O  OD1 . ASP A 1 66 ? -2.517  -15.313 3.040   1.00 10.58 ? 66   ASP A OD1 1 
ATOM   539 O  OD2 . ASP A 1 66 ? -4.345  -16.069 4.163   1.00 14.89 ? 66   ASP A OD2 1 
ATOM   540 N  N   . LYS A 1 67 ? -0.364  -16.520 0.936   1.00 12.64 ? 67   LYS A N   1 
ATOM   541 C  CA  . LYS A 1 67 ? -0.257  -16.034 -0.468  1.00 12.98 ? 67   LYS A CA  1 
ATOM   542 C  C   . LYS A 1 67 ? -1.451  -15.142 -0.906  1.00 12.25 ? 67   LYS A C   1 
ATOM   543 O  O   . LYS A 1 67 ? -1.851  -15.075 -2.125  1.00 13.89 ? 67   LYS A O   1 
ATOM   544 C  CB  . LYS A 1 67 ? -0.079  -17.275 -1.443  1.00 12.82 ? 67   LYS A CB  1 
ATOM   545 C  CG  . LYS A 1 67 ? 1.197   -18.035 -1.051  1.00 15.56 ? 67   LYS A CG  1 
ATOM   546 C  CD  . LYS A 1 67 ? 2.438   -17.150 -1.225  1.00 22.40 ? 67   LYS A CD  1 
ATOM   547 C  CE  . LYS A 1 67 ? 3.663   -17.894 -0.856  1.00 22.91 ? 67   LYS A CE  1 
ATOM   548 N  NZ  . LYS A 1 67 ? 4.761   -16.890 -0.742  1.00 16.53 ? 67   LYS A NZ  1 
ATOM   549 N  N   . LYS A 1 68 ? -2.036  -14.448 0.082   1.00 11.77 ? 68   LYS A N   1 
ATOM   550 C  CA  . LYS A 1 68 ? -3.083  -13.446 -0.201  1.00 12.10 ? 68   LYS A CA  1 
ATOM   551 C  C   . LYS A 1 68 ? -2.827  -12.306 0.799   1.00 10.79 ? 68   LYS A C   1 
ATOM   552 O  O   . LYS A 1 68 ? -2.192  -12.522 1.812   1.00 13.05 ? 68   LYS A O   1 
ATOM   553 C  CB  . LYS A 1 68 ? -4.496  -13.994 0.108   1.00 15.01 ? 68   LYS A CB  1 
ATOM   554 C  CG  . LYS A 1 68 ? -4.850  -15.274 -0.691  1.00 18.21 ? 68   LYS A CG  1 
ATOM   555 C  CD  . LYS A 1 68 ? -4.960  -14.900 -2.139  1.00 27.77 ? 68   LYS A CD  1 
ATOM   556 C  CE  . LYS A 1 68 ? -5.964  -15.917 -2.809  1.00 34.94 ? 68   LYS A CE  1 
ATOM   557 N  NZ  . LYS A 1 68 ? -5.892  -15.736 -4.250  1.00 30.51 ? 68   LYS A NZ  1 
ATOM   558 N  N   . ILE A 1 69 ? -3.208  -11.082 0.409   1.00 10.17 ? 69   ILE A N   1 
ATOM   559 C  CA  . ILE A 1 69 ? -3.136  -9.961  1.383   1.00 9.81  ? 69   ILE A CA  1 
ATOM   560 C  C   . ILE A 1 69 ? -4.589  -9.702  1.867   1.00 8.92  ? 69   ILE A C   1 
ATOM   561 O  O   . ILE A 1 69 ? -5.483  -9.295  1.078   1.00 10.68 ? 69   ILE A O   1 
ATOM   562 C  CB  . ILE A 1 69 ? -2.581  -8.755  0.635   1.00 7.79  ? 69   ILE A CB  1 
ATOM   563 C  CG1 . ILE A 1 69 ? -1.095  -8.978  0.225   1.00 13.09 ? 69   ILE A CG1 1 
ATOM   564 C  CG2 . ILE A 1 69 ? -2.665  -7.448  1.542   1.00 10.26 ? 69   ILE A CG2 1 
ATOM   565 C  CD1 . ILE A 1 69 ? -0.112  -9.277  1.403   1.00 13.02 ? 69   ILE A CD1 1 
ATOM   566 N  N   . ASP A 1 70 ? -4.861  -9.915  3.159   1.00 8.41  ? 70   ASP A N   1 
ATOM   567 C  CA  . ASP A 1 70 ? -6.184  -9.652  3.696   1.00 8.64  ? 70   ASP A CA  1 
ATOM   568 C  C   . ASP A 1 70 ? -6.180  -8.213  4.221   1.00 9.90  ? 70   ASP A C   1 
ATOM   569 O  O   . ASP A 1 70 ? -5.184  -7.452  4.065   1.00 9.40  ? 70   ASP A O   1 
ATOM   570 C  CB  . ASP A 1 70 ? -6.551  -10.681 4.790   1.00 8.82  ? 70   ASP A CB  1 
ATOM   571 C  CG  . ASP A 1 70 ? -5.556  -10.675 5.992   1.00 14.50 ? 70   ASP A CG  1 
ATOM   572 O  OD1 . ASP A 1 70 ? -5.066  -9.605  6.381   1.00 11.29 ? 70   ASP A OD1 1 
ATOM   573 O  OD2 . ASP A 1 70 ? -5.344  -11.758 6.606   1.00 16.04 ? 70   ASP A OD2 1 
ATOM   574 N  N   . PHE A 1 71 ? -7.372  -7.815  4.681   1.00 10.14 ? 71   PHE A N   1 
ATOM   575 C  CA  . PHE A 1 71 ? -7.520  -6.382  5.035   1.00 8.97  ? 71   PHE A CA  1 
ATOM   576 C  C   . PHE A 1 71 ? -6.521  -5.927  6.102   1.00 8.23  ? 71   PHE A C   1 
ATOM   577 O  O   . PHE A 1 71 ? -5.993  -4.812  5.970   1.00 7.92  ? 71   PHE A O   1 
ATOM   578 C  CB  . PHE A 1 71 ? -8.981  -6.144  5.502   1.00 9.40  ? 71   PHE A CB  1 
ATOM   579 C  CG  . PHE A 1 71 ? -9.307  -4.696  5.612   1.00 7.69  ? 71   PHE A CG  1 
ATOM   580 C  CD1 . PHE A 1 71 ? -9.406  -3.888  4.512   1.00 8.81  ? 71   PHE A CD1 1 
ATOM   581 C  CD2 . PHE A 1 71 ? -9.403  -4.119  6.886   1.00 10.35 ? 71   PHE A CD2 1 
ATOM   582 C  CE1 . PHE A 1 71 ? -9.672  -2.462  4.569   1.00 10.13 ? 71   PHE A CE1 1 
ATOM   583 C  CE2 . PHE A 1 71 ? -9.666  -2.701  6.991   1.00 9.25  ? 71   PHE A CE2 1 
ATOM   584 C  CZ  . PHE A 1 71 ? -9.789  -1.878  5.840   1.00 10.10 ? 71   PHE A CZ  1 
ATOM   585 N  N   . SER A 1 72 ? -6.308  -6.779  7.067   1.00 9.17  ? 72   SER A N   1 
ATOM   586 C  CA  . SER A 1 72 ? -5.335  -6.423  8.124   1.00 8.01  ? 72   SER A CA  1 
ATOM   587 C  C   . SER A 1 72 ? -3.919  -6.168  7.576   1.00 9.29  ? 72   SER A C   1 
ATOM   588 O  O   . SER A 1 72 ? -3.245  -5.213  7.994   1.00 8.18  ? 72   SER A O   1 
ATOM   589 C  CB  . SER A 1 72 ? -5.378  -7.424  9.250   1.00 8.77  ? 72   SER A CB  1 
ATOM   590 O  OG  . SER A 1 72 ? -4.740  -8.675  8.994   1.00 11.72 ? 72   SER A OG  1 
ATOM   591 N  N   . GLU A 1 73 ? -3.523  -7.024  6.642   1.00 8.11  ? 73   GLU A N   1 
ATOM   592 C  CA  . GLU A 1 73 ? -2.190  -6.917  5.985   1.00 7.64  ? 73   GLU A CA  1 
ATOM   593 C  C   . GLU A 1 73 ? -2.135  -5.702  5.093   1.00 7.57  ? 73   GLU A C   1 
ATOM   594 O  O   . GLU A 1 73 ? -1.128  -4.989  5.040   1.00 8.72  ? 73   GLU A O   1 
ATOM   595 C  CB  . GLU A 1 73 ? -1.934  -8.228  5.225   1.00 7.76  ? 73   GLU A CB  1 
ATOM   596 C  CG  . GLU A 1 73 ? -1.708  -9.401  6.169   1.00 9.08  ? 73   GLU A CG  1 
ATOM   597 C  CD  . GLU A 1 73 ? -1.677  -10.749 5.461   1.00 8.97  ? 73   GLU A CD  1 
ATOM   598 O  OE1 . GLU A 1 73 ? -2.231  -10.831 4.323   1.00 10.17 ? 73   GLU A OE1 1 
ATOM   599 O  OE2 . GLU A 1 73 ? -1.145  -11.749 6.014   1.00 10.78 ? 73   GLU A OE2 1 
ATOM   600 N  N   . PHE A 1 74 ? -3.235  -5.421  4.396   1.00 6.99  ? 74   PHE A N   1 
ATOM   601 C  CA  . PHE A 1 74 ? -3.333  -4.183  3.583   1.00 7.16  ? 74   PHE A CA  1 
ATOM   602 C  C   . PHE A 1 74 ? -3.201  -2.930  4.525   1.00 7.25  ? 74   PHE A C   1 
ATOM   603 O  O   . PHE A 1 74 ? -2.519  -1.992  4.148   1.00 7.34  ? 74   PHE A O   1 
ATOM   604 C  CB  . PHE A 1 74 ? -4.722  -4.256  2.915   1.00 8.79  ? 74   PHE A CB  1 
ATOM   605 C  CG  . PHE A 1 74 ? -5.143  -2.934  2.243   1.00 7.34  ? 74   PHE A CG  1 
ATOM   606 C  CD1 . PHE A 1 74 ? -4.567  -2.517  1.028   1.00 11.81 ? 74   PHE A CD1 1 
ATOM   607 C  CD2 . PHE A 1 74 ? -6.117  -2.135  2.824   1.00 9.69  ? 74   PHE A CD2 1 
ATOM   608 C  CE1 . PHE A 1 74 ? -4.993  -1.279  0.359   1.00 11.50 ? 74   PHE A CE1 1 
ATOM   609 C  CE2 . PHE A 1 74 ? -6.589  -0.959  2.186   1.00 10.23 ? 74   PHE A CE2 1 
ATOM   610 C  CZ  . PHE A 1 74 ? -6.029  -0.486  0.982   1.00 9.64  ? 74   PHE A CZ  1 
ATOM   611 N  N   . LEU A 1 75 ? -3.860  -2.963  5.692   1.00 8.45  ? 75   LEU A N   1 
ATOM   612 C  CA  . LEU A 1 75 ? -3.725  -1.814  6.601   1.00 7.70  ? 75   LEU A CA  1 
ATOM   613 C  C   . LEU A 1 75 ? -2.264  -1.710  7.064   1.00 7.56  ? 75   LEU A C   1 
ATOM   614 O  O   . LEU A 1 75 ? -1.740  -0.542  7.087   1.00 8.93  ? 75   LEU A O   1 
ATOM   615 C  CB  . LEU A 1 75 ? -4.630  -1.938  7.808   1.00 7.52  ? 75   LEU A CB  1 
ATOM   616 C  CG  . LEU A 1 75 ? -6.113  -1.797  7.612   1.00 8.93  ? 75   LEU A CG  1 
ATOM   617 C  CD1 . LEU A 1 75 ? -6.834  -1.912  9.031   1.00 10.52 ? 75   LEU A CD1 1 
ATOM   618 C  CD2 . LEU A 1 75 ? -6.443  -0.438  7.016   1.00 13.31 ? 75   LEU A CD2 1 
ATOM   619 N  N   . SER A 1 76 ? -1.562  -2.848  7.257   1.00 8.12  ? 76   SER A N   1 
ATOM   620 C  CA  . SER A 1 76 ? -0.156  -2.713  7.625   1.00 7.84  ? 76   SER A CA  1 
ATOM   621 C  C   . SER A 1 76 ? 0.709   -2.100  6.506   1.00 7.57  ? 76   SER A C   1 
ATOM   622 O  O   . SER A 1 76 ? 1.621   -1.264  6.756   1.00 8.80  ? 76   SER A O   1 
ATOM   623 C  CB  . SER A 1 76 ? 0.337   -4.132  7.980   1.00 9.37  ? 76   SER A CB  1 
ATOM   624 O  OG  . SER A 1 76 ? 1.685   -4.013  8.523   1.00 12.26 ? 76   SER A OG  1 
ATOM   625 N  N   . LEU A 1 77 ? 0.358   -2.403  5.258   1.00 7.15  ? 77   LEU A N   1 
ATOM   626 C  CA  . LEU A 1 77 ? 1.046   -1.806  4.106   1.00 6.62  ? 77   LEU A CA  1 
ATOM   627 C  C   . LEU A 1 77 ? 0.755   -0.284  4.090   1.00 7.31  ? 77   LEU A C   1 
ATOM   628 O  O   . LEU A 1 77 ? 1.705   0.489   3.904   1.00 7.84  ? 77   LEU A O   1 
ATOM   629 C  CB  . LEU A 1 77 ? 0.528   -2.537  2.817   1.00 6.01  ? 77   LEU A CB  1 
ATOM   630 C  CG  . LEU A 1 77 ? 0.947   -1.825  1.502   1.00 9.98  ? 77   LEU A CG  1 
ATOM   631 C  CD1 . LEU A 1 77 ? 2.422   -1.647  1.285   1.00 16.60 ? 77   LEU A CD1 1 
ATOM   632 C  CD2 . LEU A 1 77 ? 0.362   -2.703  0.366   1.00 12.98 ? 77   LEU A CD2 1 
ATOM   633 N  N   . LEU A 1 78 ? -0.520  0.111   4.279   1.00 6.68  ? 78   LEU A N   1 
ATOM   634 C  CA  . LEU A 1 78 ? -0.813  1.573   4.267   1.00 7.01  ? 78   LEU A CA  1 
ATOM   635 C  C   . LEU A 1 78 ? -0.040  2.238   5.441   1.00 7.47  ? 78   LEU A C   1 
ATOM   636 O  O   . LEU A 1 78 ? 0.445   3.363   5.258   1.00 8.10  ? 78   LEU A O   1 
ATOM   637 C  CB  . LEU A 1 78 ? -2.310  1.834   4.451   1.00 8.59  ? 78   LEU A CB  1 
ATOM   638 C  CG  . LEU A 1 78 ? -3.158  1.269   3.279   1.00 7.65  ? 78   LEU A CG  1 
ATOM   639 C  CD1 . LEU A 1 78 ? -4.554  1.714   3.646   1.00 8.05  ? 78   LEU A CD1 1 
ATOM   640 C  CD2 . LEU A 1 78 ? -2.701  1.922   1.943   1.00 10.29 ? 78   LEU A CD2 1 
ATOM   641 N  N   . GLY A 1 79 ? 0.058   1.533   6.552   1.00 7.89  ? 79   GLY A N   1 
ATOM   642 C  CA  . GLY A 1 79 ? 0.874   2.121   7.688   1.00 8.31  ? 79   GLY A CA  1 
ATOM   643 C  C   . GLY A 1 79 ? 2.334   2.320   7.342   1.00 9.39  ? 79   GLY A C   1 
ATOM   644 O  O   . GLY A 1 79 ? 2.934   3.329   7.701   1.00 9.47  ? 79   GLY A O   1 
ATOM   645 N  N   . ASP A 1 80 ? 2.894   1.372   6.584   1.00 7.99  ? 80   ASP A N   1 
ATOM   646 C  CA  . ASP A 1 80 ? 4.280   1.562   6.133   1.00 7.71  ? 80   ASP A CA  1 
ATOM   647 C  C   . ASP A 1 80 ? 4.450   2.790   5.216   1.00 7.65  ? 80   ASP A C   1 
ATOM   648 O  O   . ASP A 1 80 ? 5.415   3.539   5.362   1.00 9.37  ? 80   ASP A O   1 
ATOM   649 C  CB  . ASP A 1 80 ? 4.806   0.312   5.401   1.00 9.29  ? 80   ASP A CB  1 
ATOM   650 C  CG  . ASP A 1 80 ? 4.939   -0.893  6.299   1.00 14.02 ? 80   ASP A CG  1 
ATOM   651 O  OD1 . ASP A 1 80 ? 5.059   -0.778  7.528   1.00 12.53 ? 80   ASP A OD1 1 
ATOM   652 O  OD2 . ASP A 1 80 ? 5.067   -2.030  5.699   1.00 13.45 ? 80   ASP A OD2 1 
ATOM   653 N  N   . ILE A 1 81 ? 3.515   2.944   4.269   1.00 8.47  ? 81   ILE A N   1 
ATOM   654 C  CA  . ILE A 1 81 ? 3.600   4.057   3.311   1.00 7.25  ? 81   ILE A CA  1 
ATOM   655 C  C   . ILE A 1 81 ? 3.386   5.326   4.131   1.00 8.15  ? 81   ILE A C   1 
ATOM   656 O  O   . ILE A 1 81 ? 4.123   6.328   3.904   1.00 9.09  ? 81   ILE A O   1 
ATOM   657 C  CB  . ILE A 1 81 ? 2.499   3.897   2.273   1.00 9.00  ? 81   ILE A CB  1 
ATOM   658 C  CG1 . ILE A 1 81 ? 2.825   2.681   1.383   1.00 8.98  ? 81   ILE A CG1 1 
ATOM   659 C  CG2 . ILE A 1 81 ? 2.435   5.146   1.335   1.00 10.65 ? 81   ILE A CG2 1 
ATOM   660 C  CD1 . ILE A 1 81 ? 1.579   2.210   0.479   1.00 11.96 ? 81   ILE A CD1 1 
ATOM   661 N  N   . ALA A 1 82 ? 2.418   5.338   5.050   1.00 8.70  ? 82   ALA A N   1 
ATOM   662 C  CA  . ALA A 1 82 ? 2.210   6.561   5.854   1.00 8.60  ? 82   ALA A CA  1 
ATOM   663 C  C   . ALA A 1 82 ? 3.416   6.879   6.683   1.00 8.33  ? 82   ALA A C   1 
ATOM   664 O  O   . ALA A 1 82 ? 3.781   8.035   6.895   1.00 9.09  ? 82   ALA A O   1 
ATOM   665 C  CB  . ALA A 1 82 ? 1.008   6.313   6.834   1.00 8.52  ? 82   ALA A CB  1 
ATOM   666 N  N   . THR A 1 83 ? 4.067   5.846   7.245   1.00 8.17  ? 83   THR A N   1 
ATOM   667 C  CA  . THR A 1 83 ? 5.259   6.067   8.086   1.00 9.30  ? 83   THR A CA  1 
ATOM   668 C  C   . THR A 1 83 ? 6.372   6.728   7.241   1.00 8.72  ? 83   THR A C   1 
ATOM   669 O  O   . THR A 1 83 ? 7.029   7.650   7.697   1.00 10.93 ? 83   THR A O   1 
ATOM   670 C  CB  . THR A 1 83 ? 5.669   4.756   8.743   1.00 9.03  ? 83   THR A CB  1 
ATOM   671 O  OG1 . THR A 1 83 ? 4.649   4.400   9.692   1.00 9.82  ? 83   THR A OG1 1 
ATOM   672 C  CG2 . THR A 1 83 ? 6.959   4.992   9.638   1.00 10.73 ? 83   THR A CG2 1 
ATOM   673 N  N   . ASP A 1 84 ? 6.552   6.294   5.994   1.00 9.84  ? 84   ASP A N   1 
ATOM   674 C  CA  . ASP A 1 84 ? 7.517   6.911   5.107   1.00 12.43 ? 84   ASP A CA  1 
ATOM   675 C  C   . ASP A 1 84 ? 7.191   8.442   4.858   1.00 10.36 ? 84   ASP A C   1 
ATOM   676 O  O   . ASP A 1 84 ? 8.103   9.298   4.969   1.00 12.68 ? 84   ASP A O   1 
ATOM   677 C  CB  . ASP A 1 84 ? 7.632   6.254   3.753   1.00 12.63 ? 84   ASP A CB  1 
ATOM   678 C  CG  . ASP A 1 84 ? 8.915   6.748   3.099   1.00 22.92 ? 84   ASP A CG  1 
ATOM   679 O  OD1 . ASP A 1 84 ? 9.966   6.271   3.645   1.00 28.43 ? 84   ASP A OD1 1 
ATOM   680 O  OD2 . ASP A 1 84 ? 8.883   7.649   2.243   1.00 21.76 ? 84   ASP A OD2 1 
ATOM   681 N  N   . TYR A 1 85 ? 5.945   8.714   4.588   1.00 9.83  ? 85   TYR A N   1 
ATOM   682 C  CA  . TYR A 1 85 ? 5.582   10.138  4.374   1.00 10.14 ? 85   TYR A CA  1 
ATOM   683 C  C   . TYR A 1 85 ? 5.734   10.906  5.663   1.00 11.05 ? 85   TYR A C   1 
ATOM   684 O  O   . TYR A 1 85 ? 6.139   12.096  5.595   1.00 11.29 ? 85   TYR A O   1 
ATOM   685 C  CB  . TYR A 1 85 ? 4.142   10.235  3.884   1.00 10.20 ? 85   TYR A CB  1 
ATOM   686 C  CG  . TYR A 1 85 ? 3.953   9.958   2.346   1.00 13.36 ? 85   TYR A CG  1 
ATOM   687 C  CD1 . TYR A 1 85 ? 3.328   8.780   1.886   1.00 15.32 ? 85   TYR A CD1 1 
ATOM   688 C  CD2 . TYR A 1 85 ? 4.380   10.929  1.369   1.00 16.34 ? 85   TYR A CD2 1 
ATOM   689 C  CE1 . TYR A 1 85 ? 3.140   8.566   0.457   1.00 19.70 ? 85   TYR A CE1 1 
ATOM   690 C  CE2 . TYR A 1 85 ? 4.158   10.718  0.009   1.00 19.09 ? 85   TYR A CE2 1 
ATOM   691 C  CZ  . TYR A 1 85 ? 3.548   9.554   -0.451  1.00 19.19 ? 85   TYR A CZ  1 
ATOM   692 O  OH  . TYR A 1 85 ? 3.317   9.404   -1.810  1.00 20.55 ? 85   TYR A OH  1 
ATOM   693 N  N   . HIS A 1 86 ? 5.450   10.298  6.816   1.00 8.52  ? 86   HIS A N   1 
ATOM   694 C  CA  . HIS A 1 86 ? 5.632   10.999  8.089   1.00 10.30 ? 86   HIS A CA  1 
ATOM   695 C  C   . HIS A 1 86 ? 7.133   11.284  8.299   1.00 11.31 ? 86   HIS A C   1 
ATOM   696 O  O   . HIS A 1 86 ? 7.527   12.400  8.698   1.00 11.97 ? 86   HIS A O   1 
ATOM   697 C  CB  . HIS A 1 86 ? 5.057   10.191  9.296   1.00 9.34  ? 86   HIS A CB  1 
ATOM   698 C  CG  . HIS A 1 86 ? 5.180   10.958  10.607  1.00 9.62  ? 86   HIS A CG  1 
ATOM   699 N  ND1 . HIS A 1 86 ? 5.737   10.394  11.724  1.00 10.92 ? 86   HIS A ND1 1 
ATOM   700 C  CD2 . HIS A 1 86 ? 4.806   12.221  10.962  1.00 12.79 ? 86   HIS A CD2 1 
ATOM   701 C  CE1 . HIS A 1 86 ? 5.748   11.277  12.721  1.00 12.69 ? 86   HIS A CE1 1 
ATOM   702 N  NE2 . HIS A 1 86 ? 5.162   12.364  12.301  1.00 7.57  ? 86   HIS A NE2 1 
ATOM   703 N  N   . LYS A 1 87 ? 7.980   10.304  8.002   1.00 10.87 ? 87   LYS A N   1 
ATOM   704 C  CA  . LYS A 1 87 ? 9.444   10.579  8.235   1.00 12.36 ? 87   LYS A CA  1 
ATOM   705 C  C   . LYS A 1 87 ? 9.919   11.694  7.261   1.00 13.55 ? 87   LYS A C   1 
ATOM   706 O  O   . LYS A 1 87 ? 10.725  12.573  7.630   1.00 16.32 ? 87   LYS A O   1 
ATOM   707 C  CB  . LYS A 1 87 ? 10.218  9.265   8.006   1.00 11.79 ? 87   LYS A CB  1 
ATOM   708 C  CG  . LYS A 1 87 ? 10.058  8.312   9.094   1.00 16.41 ? 87   LYS A CG  1 
ATOM   709 C  CD  . LYS A 1 87 ? 10.893  7.058   8.709   1.00 25.76 ? 87   LYS A CD  1 
ATOM   710 C  CE  . LYS A 1 87 ? 10.500  5.877   9.517   1.00 35.07 ? 87   LYS A CE  1 
ATOM   711 N  NZ  . LYS A 1 87 ? 11.361  4.670   9.134   1.00 41.93 ? 87   LYS A NZ  1 
ATOM   712 N  N   . GLN A 1 88 ? 9.419   11.720  6.042   1.00 13.19 ? 88   GLN A N   1 
ATOM   713 C  CA  . GLN A 1 88 ? 9.738   12.798  5.046   1.00 14.44 ? 88   GLN A CA  1 
ATOM   714 C  C   . GLN A 1 88 ? 9.291   14.149  5.538   1.00 16.01 ? 88   GLN A C   1 
ATOM   715 O  O   . GLN A 1 88 ? 10.048  15.143  5.424   1.00 18.61 ? 88   GLN A O   1 
ATOM   716 C  CB  . GLN A 1 88 ? 8.974   12.612  3.781   1.00 15.51 ? 88   GLN A CB  1 
ATOM   717 C  CG  . GLN A 1 88 ? 9.528   11.457  2.934   1.00 16.49 ? 88   GLN A CG  1 
ATOM   718 C  CD  . GLN A 1 88 ? 8.778   11.316  1.612   1.00 19.25 ? 88   GLN A CD  1 
ATOM   719 O  OE1 . GLN A 1 88 ? 8.707   12.305  0.864   1.00 22.74 ? 88   GLN A OE1 1 
ATOM   720 N  NE2 . GLN A 1 88 ? 8.166   10.124  1.313   1.00 20.65 ? 88   GLN A NE2 1 
ATOM   721 N  N   . SER A 1 89 ? 8.156   14.137  6.243   1.00 13.83 ? 89   SER A N   1 
ATOM   722 C  CA  . SER A 1 89 ? 7.720   15.452  6.848   1.00 13.01 ? 89   SER A CA  1 
ATOM   723 C  C   . SER A 1 89 ? 8.668   15.984  7.922   1.00 15.00 ? 89   SER A C   1 
ATOM   724 O  O   . SER A 1 89 ? 8.641   17.234  8.219   1.00 16.54 ? 89   SER A O   1 
ATOM   725 C  CB  . SER A 1 89 ? 6.246   15.338  7.321   1.00 15.28 ? 89   SER A CB  1 
ATOM   726 O  OG  . SER A 1 89 ? 6.193   14.674  8.560   1.00 13.94 ? 89   SER A OG  1 
ATOM   727 N  N   . HIS A 1 90 ? 9.502   15.110  8.502   1.00 14.56 ? 90   HIS A N   1 
ATOM   728 C  CA  . HIS A 1 90 ? 10.478  15.446  9.538   1.00 14.59 ? 90   HIS A CA  1 
ATOM   729 C  C   . HIS A 1 90 ? 11.891  15.645  8.981   1.00 18.89 ? 90   HIS A C   1 
ATOM   730 O  O   . HIS A 1 90 ? 12.844  15.652  9.769   1.00 19.66 ? 90   HIS A O   1 
ATOM   731 C  CB  . HIS A 1 90 ? 10.471  14.450  10.629  1.00 15.48 ? 90   HIS A CB  1 
ATOM   732 C  CG  . HIS A 1 90 ? 9.305   14.602  11.544  1.00 15.97 ? 90   HIS A CG  1 
ATOM   733 N  ND1 . HIS A 1 90 ? 9.435   15.141  12.794  1.00 15.07 ? 90   HIS A ND1 1 
ATOM   734 C  CD2 . HIS A 1 90 ? 7.983   14.302  11.393  1.00 12.64 ? 90   HIS A CD2 1 
ATOM   735 C  CE1 . HIS A 1 90 ? 8.257   15.217  13.391  1.00 13.63 ? 90   HIS A CE1 1 
ATOM   736 N  NE2 . HIS A 1 90 ? 7.345   14.684  12.569  1.00 12.60 ? 90   HIS A NE2 1 
ATOM   737 N  N   . GLY A 1 91 ? 11.968  15.637  7.666   1.00 20.42 ? 91   GLY A N   1 
ATOM   738 C  CA  . GLY A 1 91 ? 13.223  15.920  6.942   1.00 23.30 ? 91   GLY A CA  1 
ATOM   739 C  C   . GLY A 1 91 ? 13.915  14.668  6.434   1.00 24.55 ? 91   GLY A C   1 
ATOM   740 O  O   . GLY A 1 91 ? 15.043  14.750  5.886   1.00 26.19 ? 91   GLY A O   1 
ATOM   741 N  N   . ALA A 1 92 ? 13.282  13.495  6.484   1.00 22.65 ? 92   ALA A N   1 
ATOM   742 C  CA  . ALA A 1 92 ? 13.960  12.288  5.898   1.00 21.79 ? 92   ALA A CA  1 
ATOM   743 C  C   . ALA A 1 92 ? 13.828  12.271  4.358   1.00 20.61 ? 92   ALA A C   1 
ATOM   744 O  O   . ALA A 1 92 ? 12.908  12.807  3.685   1.00 19.79 ? 92   ALA A O   1 
ATOM   745 C  CB  . ALA A 1 92 ? 13.415  10.984  6.498   1.00 19.94 ? 92   ALA A CB  1 
ATOM   746 N  N   . ALA A 1 93 ? 14.815  11.603  3.716   1.00 21.20 ? 93   ALA A N   1 
ATOM   747 C  CA  . ALA A 1 93 ? 14.708  11.386  2.311   1.00 21.69 ? 93   ALA A CA  1 
ATOM   748 C  C   . ALA A 1 93 ? 13.506  10.400  2.034   1.00 19.32 ? 93   ALA A C   1 
ATOM   749 O  O   . ALA A 1 93 ? 13.199  9.643   2.912   1.00 21.99 ? 93   ALA A O   1 
ATOM   750 C  CB  . ALA A 1 93 ? 16.044  10.717  1.813   1.00 22.51 ? 93   ALA A CB  1 
ATOM   751 N  N   . PRO A 1 94 ? 12.839  10.507  0.873   1.00 21.11 ? 94   PRO A N   1 
ATOM   752 C  CA  . PRO A 1 94 ? 11.771  9.501   0.539   1.00 20.61 ? 94   PRO A CA  1 
ATOM   753 C  C   . PRO A 1 94 ? 12.286  8.084   0.554   1.00 22.35 ? 94   PRO A C   1 
ATOM   754 O  O   . PRO A 1 94 ? 13.530  7.806   0.302   1.00 22.80 ? 94   PRO A O   1 
ATOM   755 C  CB  . PRO A 1 94 ? 11.392  9.839   -0.904  1.00 19.65 ? 94   PRO A CB  1 
ATOM   756 C  CG  . PRO A 1 94 ? 11.805  11.288  -1.100  1.00 23.89 ? 94   PRO A CG  1 
ATOM   757 C  CD  . PRO A 1 94 ? 13.039  11.435  -0.249  1.00 19.87 ? 94   PRO A CD  1 
ATOM   758 N  N   . CYS A 1 95 ? 11.388  7.189   0.969   1.00 22.89 ? 95   CYS A N   1 
ATOM   759 C  CA  . CYS A 1 95 ? 11.687  5.765   0.805   1.00 24.63 ? 95   CYS A CA  1 
ATOM   760 C  C   . CYS A 1 95 ? 12.943  5.335   1.624   1.00 27.37 ? 95   CYS A C   1 
ATOM   761 O  O   . CYS A 1 95 ? 13.830  4.598   1.140   1.00 28.52 ? 95   CYS A O   1 
ATOM   762 C  CB  . CYS A 1 95 ? 11.795  5.501   -0.717  1.00 20.33 ? 95   CYS A CB  1 
ATOM   763 S  SG  . CYS A 1 95 ? 11.469  3.672   -1.054  1.00 26.13 ? 95   CYS A SG  1 
ATOM   764 N  N   . SER A 1 96 ? 13.016  5.753   2.896   1.00 29.11 ? 96   SER A N   1 
ATOM   765 C  CA  . SER A 1 96 ? 14.269  5.666   3.652   1.00 32.19 ? 96   SER A CA  1 
ATOM   766 C  C   . SER A 1 96 ? 14.354  4.399   4.465   1.00 34.19 ? 96   SER A C   1 
ATOM   767 O  O   . SER A 1 96 ? 13.888  4.337   5.581   1.00 36.69 ? 96   SER A O   1 
ATOM   768 C  CB  . SER A 1 96 ? 14.455  6.900   4.569   1.00 32.41 ? 96   SER A CB  1 
ATOM   769 O  OG  . SER A 1 96 ? 13.347  7.010   5.486   1.00 34.25 ? 96   SER A OG  1 
HETATM 770 CA CA  . CA  B 2 .  ? -1.896  -13.217 4.096   1.00 10.45 ? 1097 CA  A CA  1 
HETATM 771 C  C1  . 2AN C 3 .  ? -10.333 6.416   -4.070  1.00 10.58 ? 1098 2AN A C1  1 
HETATM 772 C  C2  . 2AN C 3 .  ? -9.154  5.646   -3.911  1.00 12.75 ? 1098 2AN A C2  1 
HETATM 773 C  C3  . 2AN C 3 .  ? -8.215  5.823   -2.829  1.00 15.41 ? 1098 2AN A C3  1 
HETATM 774 C  C4  . 2AN C 3 .  ? -8.521  6.819   -1.927  1.00 14.25 ? 1098 2AN A C4  1 
HETATM 775 C  C5  . 2AN C 3 .  ? -9.672  7.605   -2.001  1.00 12.30 ? 1098 2AN A C5  1 
HETATM 776 C  C6  . 2AN C 3 .  ? -9.942  8.595   -1.015  1.00 13.62 ? 1098 2AN A C6  1 
HETATM 777 C  C7  . 2AN C 3 .  ? -11.092 9.397   -1.110  1.00 9.95  ? 1098 2AN A C7  1 
HETATM 778 C  C8  . 2AN C 3 .  ? -12.125 9.276   -2.124  1.00 13.17 ? 1098 2AN A C8  1 
HETATM 779 N  N   . 2AN C 3 .  ? -11.138 6.244   -5.231  1.00 12.08 ? 1098 2AN A N   1 
HETATM 780 S  S   . 2AN C 3 .  ? -13.284 8.067   -4.136  1.00 16.63 ? 1098 2AN A S   1 
HETATM 781 C  C9  . 2AN C 3 .  ? -11.956 8.283   -3.093  1.00 11.28 ? 1098 2AN A C9  1 
HETATM 782 C  C10 . 2AN C 3 .  ? -10.687 7.458   -3.099  1.00 13.04 ? 1098 2AN A C10 1 
HETATM 783 C  C11 . 2AN C 3 .  ? -11.678 5.098   -5.689  1.00 12.29 ? 1098 2AN A C11 1 
HETATM 784 C  C12 . 2AN C 3 .  ? -12.204 5.196   -7.029  1.00 11.83 ? 1098 2AN A C12 1 
HETATM 785 C  C13 . 2AN C 3 .  ? -12.738 3.954   -7.569  1.00 13.05 ? 1098 2AN A C13 1 
HETATM 786 C  C14 . 2AN C 3 .  ? -12.811 2.851   -6.752  1.00 13.37 ? 1098 2AN A C14 1 
HETATM 787 C  C15 . 2AN C 3 .  ? -12.305 2.785   -5.404  1.00 12.31 ? 1098 2AN A C15 1 
HETATM 788 C  C16 . 2AN C 3 .  ? -11.704 3.966   -4.884  1.00 11.88 ? 1098 2AN A C16 1 
HETATM 789 O  O1  . 2AN C 3 .  ? -14.421 8.917   -3.643  1.00 19.72 ? 1098 2AN A O1  1 
HETATM 790 O  O2  . 2AN C 3 .  ? -13.701 6.708   -3.907  1.00 16.22 ? 1098 2AN A O2  1 
HETATM 791 O  O3  . 2AN C 3 .  ? -12.977 8.350   -5.558  1.00 17.38 ? 1098 2AN A O3  1 
HETATM 792 ZN ZN  . ZN  D 4 .  ? 5.353   14.287  13.042  1.00 12.63 ? 1099 ZN  A ZN  1 
HETATM 793 O  O   . HOH E 5 .  ? -20.812 12.192  2.311   1.00 34.68 ? 2001 HOH A O   1 
HETATM 794 O  O   . HOH E 5 .  ? -22.184 10.782  6.849   1.00 31.59 ? 2002 HOH A O   1 
HETATM 795 O  O   . HOH E 5 .  ? -20.867 7.467   4.385   1.00 28.26 ? 2003 HOH A O   1 
HETATM 796 O  O   . HOH E 5 .  ? -22.684 4.152   0.456   1.00 35.58 ? 2004 HOH A O   1 
HETATM 797 O  O   . HOH E 5 .  ? 3.302   -10.969 -9.569  1.00 24.76 ? 2005 HOH A O   1 
HETATM 798 O  O   . HOH E 5 .  ? -10.602 18.403  6.825   1.00 24.03 ? 2006 HOH A O   1 
HETATM 799 O  O   . HOH E 5 .  ? -13.292 17.946  6.396   1.00 23.65 ? 2007 HOH A O   1 
HETATM 800 O  O   . HOH E 5 .  ? -10.804 13.095  1.121   1.00 29.85 ? 2008 HOH A O   1 
HETATM 801 O  O   . HOH E 5 .  ? -19.976 4.453   1.577   1.00 32.69 ? 2009 HOH A O   1 
HETATM 802 O  O   . HOH E 5 .  ? 10.063  13.104  -3.454  1.00 35.75 ? 2010 HOH A O   1 
HETATM 803 O  O   . HOH E 5 .  ? -9.491  -2.543  -11.939 1.00 30.68 ? 2011 HOH A O   1 
HETATM 804 O  O   . HOH E 5 .  ? -14.980 8.265   0.215   1.00 17.40 ? 2012 HOH A O   1 
HETATM 805 O  O   . HOH E 5 .  ? -14.747 18.749  4.046   1.00 46.15 ? 2013 HOH A O   1 
HETATM 806 O  O   . HOH E 5 .  ? -11.004 -9.174  6.552   1.00 38.34 ? 2014 HOH A O   1 
HETATM 807 O  O   . HOH E 5 .  ? -9.286  12.268  0.256   0.50 31.72 ? 2015 HOH A O   1 
HETATM 808 O  O   . HOH E 5 .  ? 2.436   -9.291  -11.698 1.00 28.98 ? 2016 HOH A O   1 
HETATM 809 O  O   . HOH E 5 .  ? -0.789  -1.163  -13.753 1.00 37.93 ? 2017 HOH A O   1 
HETATM 810 O  O   . HOH E 5 .  ? -16.290 -1.065  -0.995  1.00 10.36 ? 2018 HOH A O   1 
HETATM 811 O  O   . HOH E 5 .  ? -17.567 0.970   1.481   1.00 23.73 ? 2019 HOH A O   1 
HETATM 812 O  O   . HOH E 5 .  ? -18.535 3.606   -0.550  1.00 17.35 ? 2020 HOH A O   1 
HETATM 813 O  O   . HOH E 5 .  ? 11.781  11.905  -4.962  1.00 28.41 ? 2021 HOH A O   1 
HETATM 814 O  O   . HOH E 5 .  ? -11.441 -3.695  -10.376 1.00 18.98 ? 2022 HOH A O   1 
HETATM 815 O  O   . HOH E 5 .  ? -6.784  -10.155 -6.147  1.00 13.10 ? 2023 HOH A O   1 
HETATM 816 O  O   . HOH E 5 .  ? -9.694  -8.973  -8.778  1.00 29.98 ? 2024 HOH A O   1 
HETATM 817 O  O   . HOH E 5 .  ? -14.105 -8.143  -1.582  1.00 14.87 ? 2025 HOH A O   1 
HETATM 818 O  O   . HOH E 5 .  ? 3.327   -15.599 -4.684  1.00 26.13 ? 2026 HOH A O   1 
HETATM 819 O  O   . HOH E 5 .  ? -15.280 -10.536 -1.981  1.00 31.37 ? 2027 HOH A O   1 
HETATM 820 O  O   . HOH E 5 .  ? -0.190  -7.336  9.232   1.00 14.86 ? 2028 HOH A O   1 
HETATM 821 O  O   . HOH E 5 .  ? 0.588   -17.364 10.896  1.00 49.12 ? 2029 HOH A O   1 
HETATM 822 O  O   . HOH E 5 .  ? 1.117   -14.952 -8.261  1.00 29.70 ? 2030 HOH A O   1 
HETATM 823 O  O   . HOH E 5 .  ? -1.812  -9.287  12.491  1.00 36.20 ? 2031 HOH A O   1 
HETATM 824 O  O   . HOH E 5 .  ? -0.555  -5.418  11.235  1.00 49.53 ? 2032 HOH A O   1 
HETATM 825 O  O   . HOH E 5 .  ? -9.675  -9.441  4.111   1.00 10.77 ? 2033 HOH A O   1 
HETATM 826 O  O   . HOH E 5 .  ? 3.408   1.688   13.107  1.00 22.09 ? 2034 HOH A O   1 
HETATM 827 O  O   . HOH E 5 .  ? 7.410   18.886  4.015   1.00 26.31 ? 2035 HOH A O   1 
HETATM 828 O  O   . HOH E 5 .  ? 0.617   -7.438  -11.796 1.00 20.80 ? 2036 HOH A O   1 
HETATM 829 O  O   . HOH E 5 .  ? -3.921  -6.980  -12.076 1.00 30.94 ? 2037 HOH A O   1 
HETATM 830 O  O   . HOH E 5 .  ? -0.779  -3.891  -13.702 1.00 31.11 ? 2038 HOH A O   1 
HETATM 831 O  O   . HOH E 5 .  ? 3.358   3.181   -11.257 1.00 30.59 ? 2039 HOH A O   1 
HETATM 832 O  O   . HOH E 5 .  ? -0.042  4.827   -12.386 1.00 35.94 ? 2040 HOH A O   1 
HETATM 833 O  O   . HOH E 5 .  ? 6.966   -5.648  -10.951 1.00 42.58 ? 2041 HOH A O   1 
HETATM 834 O  O   . HOH E 5 .  ? -2.758  -0.472  -14.784 1.00 34.85 ? 2042 HOH A O   1 
HETATM 835 O  O   . HOH E 5 .  ? -2.482  6.325   -11.513 1.00 41.93 ? 2043 HOH A O   1 
HETATM 836 O  O   . HOH E 5 .  ? -8.192  -0.172  -11.317 1.00 32.01 ? 2044 HOH A O   1 
HETATM 837 O  O   . HOH E 5 .  ? -5.786  6.643   -5.854  1.00 10.95 ? 2045 HOH A O   1 
HETATM 838 O  O   . HOH E 5 .  ? 5.713   5.008   -10.701 1.00 23.39 ? 2046 HOH A O   1 
HETATM 839 O  O   . HOH E 5 .  ? 7.742   11.048  -6.848  1.00 27.75 ? 2047 HOH A O   1 
HETATM 840 O  O   . HOH E 5 .  ? 8.716   7.124   -1.298  1.00 23.71 ? 2048 HOH A O   1 
HETATM 841 O  O   . HOH E 5 .  ? 13.574  9.942   -4.033  1.00 30.18 ? 2049 HOH A O   1 
HETATM 842 O  O   . HOH E 5 .  ? 8.331   0.183   -8.861  1.00 41.98 ? 2050 HOH A O   1 
HETATM 843 O  O   . HOH E 5 .  ? 9.811   1.293   -6.389  1.00 19.47 ? 2051 HOH A O   1 
HETATM 844 O  O   . HOH E 5 .  ? 15.737  3.636   -0.746  1.00 41.95 ? 2052 HOH A O   1 
HETATM 845 O  O   . HOH E 5 .  ? 15.138  -2.952  -4.378  1.00 21.13 ? 2053 HOH A O   1 
HETATM 846 O  O   . HOH E 5 .  ? 7.571   1.516   3.334   1.00 29.11 ? 2054 HOH A O   1 
HETATM 847 O  O   . HOH E 5 .  ? 8.313   -10.338 -6.695  1.00 16.61 ? 2055 HOH A O   1 
HETATM 848 O  O   . HOH E 5 .  ? 11.894  -3.163  -1.917  1.00 23.81 ? 2056 HOH A O   1 
HETATM 849 O  O   . HOH E 5 .  ? 6.366   -8.585  -3.964  1.00 11.67 ? 2057 HOH A O   1 
HETATM 850 O  O   . HOH E 5 .  ? 5.139   -15.019 -2.727  1.00 18.80 ? 2058 HOH A O   1 
HETATM 851 O  O   . HOH E 5 .  ? 7.021   -11.651 5.858   1.00 18.68 ? 2059 HOH A O   1 
HETATM 852 O  O   . HOH E 5 .  ? 5.242   -13.784 3.173   1.00 11.48 ? 2060 HOH A O   1 
HETATM 853 O  O   . HOH E 5 .  ? 4.080   -7.909  8.311   1.00 26.63 ? 2061 HOH A O   1 
HETATM 854 O  O   . HOH E 5 .  ? 8.068   -8.065  6.941   1.00 30.23 ? 2062 HOH A O   1 
HETATM 855 O  O   . HOH E 5 .  ? 5.856   -5.888  8.009   1.00 35.85 ? 2063 HOH A O   1 
HETATM 856 O  O   . HOH E 5 .  ? 1.574   -7.369  7.131   1.00 12.76 ? 2064 HOH A O   1 
HETATM 857 O  O   . HOH E 5 .  ? 1.352   -15.035 11.078  1.00 25.86 ? 2065 HOH A O   1 
HETATM 858 O  O   . HOH E 5 .  ? -4.730  -15.005 10.040  1.00 43.11 ? 2066 HOH A O   1 
HETATM 859 O  O   . HOH E 5 .  ? -3.437  -17.303 9.830   1.00 40.62 ? 2067 HOH A O   1 
HETATM 860 O  O   . HOH E 5 .  ? 5.971   -13.941 7.014   1.00 21.91 ? 2068 HOH A O   1 
HETATM 861 O  O   . HOH E 5 .  ? -5.436  -17.945 5.667   1.00 34.21 ? 2069 HOH A O   1 
HETATM 862 O  O   . HOH E 5 .  ? -1.040  -14.498 -4.730  1.00 19.08 ? 2070 HOH A O   1 
HETATM 863 O  O   . HOH E 5 .  ? -7.477  -13.643 -3.279  1.00 34.90 ? 2071 HOH A O   1 
HETATM 864 O  O   . HOH E 5 .  ? -5.885  -15.497 -6.820  1.00 31.85 ? 2072 HOH A O   1 
HETATM 865 O  O   . HOH E 5 .  ? -6.509  -14.372 6.418   1.00 28.91 ? 2073 HOH A O   1 
HETATM 866 O  O   . HOH E 5 .  ? -4.216  -13.282 4.623   1.00 13.42 ? 2074 HOH A O   1 
HETATM 867 O  O   . HOH E 5 .  ? -4.426  -12.133 9.104   1.00 18.08 ? 2075 HOH A O   1 
HETATM 868 O  O   . HOH E 5 .  ? -8.153  -8.964  7.889   1.00 16.58 ? 2076 HOH A O   1 
HETATM 869 O  O   . HOH E 5 .  ? -6.934  -10.535 10.278  1.00 33.47 ? 2077 HOH A O   1 
HETATM 870 O  O   . HOH E 5 .  ? -3.100  -4.424  10.634  1.00 21.24 ? 2078 HOH A O   1 
HETATM 871 O  O   . HOH E 5 .  ? -2.153  -9.252  9.866   1.00 13.70 ? 2079 HOH A O   1 
HETATM 872 O  O   . HOH E 5 .  ? -1.661  -11.848 8.779   1.00 13.83 ? 2080 HOH A O   1 
HETATM 873 O  O   . HOH E 5 .  ? 1.223   -2.815  11.022  1.00 42.16 ? 2081 HOH A O   1 
HETATM 874 O  O   . HOH E 5 .  ? 2.243   -0.562  9.582   1.00 20.19 ? 2082 HOH A O   1 
HETATM 875 O  O   . HOH E 5 .  ? 4.984   -2.681  9.228   1.00 32.34 ? 2083 HOH A O   1 
HETATM 876 O  O   . HOH E 5 .  ? 7.910   2.817   5.981   1.00 24.64 ? 2084 HOH A O   1 
HETATM 877 O  O   . HOH E 5 .  ? 5.976   1.079   9.306   1.00 23.32 ? 2085 HOH A O   1 
HETATM 878 O  O   . HOH E 5 .  ? 4.665   4.149   12.527  1.00 16.72 ? 2086 HOH A O   1 
HETATM 879 O  O   . HOH E 5 .  ? 3.750   11.558  -3.420  1.00 28.00 ? 2087 HOH A O   1 
HETATM 880 O  O   . HOH E 5 .  ? 7.007   7.895   12.145  1.00 18.04 ? 2088 HOH A O   1 
HETATM 881 O  O   . HOH E 5 .  ? 10.374  14.501  0.739   1.00 30.77 ? 2089 HOH A O   1 
HETATM 882 O  O   . HOH E 5 .  ? 7.347   9.474   -1.424  1.00 26.78 ? 2090 HOH A O   1 
HETATM 883 O  O   . HOH E 5 .  ? 7.695   19.380  6.847   1.00 19.13 ? 2091 HOH A O   1 
HETATM 884 O  O   . HOH E 5 .  ? 11.945  15.488  13.866  1.00 29.34 ? 2092 HOH A O   1 
HETATM 885 O  O   . HOH E 5 .  ? 10.179  11.150  12.291  1.00 39.18 ? 2093 HOH A O   1 
HETATM 886 O  O   . HOH E 5 .  ? 16.992  10.070  5.026   1.00 31.77 ? 2094 HOH A O   1 
HETATM 887 O  O   . HOH E 5 .  ? 11.288  8.425   4.584   1.00 21.47 ? 2095 HOH A O   1 
HETATM 888 O  O   . HOH E 5 .  ? -15.330 10.762  -1.306  1.00 28.67 ? 2096 HOH A O   1 
# 
